data_8UCL
#
_entry.id   8UCL
#
_cell.length_a   1.00
_cell.length_b   1.00
_cell.length_c   1.00
_cell.angle_alpha   90.00
_cell.angle_beta   90.00
_cell.angle_gamma   90.00
#
_symmetry.space_group_name_H-M   'P 1'
#
loop_
_entity.id
_entity.type
_entity.pdbx_description
1 polymer 'Synaptic vesicular amine transporter'
2 polymer 'Cytochrome c oxidase subunit 1'
3 polymer 'Cytochrome c oxidase subunit 2'
4 polymer 'Cytochrome c oxidase subunit 3'
5 polymer 'Cytochrome c oxidase subunit 4'
6 polymer 'Cytochrome c oxidase subunit 5'
7 polymer 'Cytochrome c oxidase subunit 6'
8 polymer 'Cytochrome c oxidase subunit 7'
9 polymer 'Cytochrome c oxidase subunit 8'
10 polymer 'Cytochrome c oxidase subunit 9'
11 non-polymer (3S,5R,11bS)-9,10-dimethoxy-3-(2-methylpropyl)-1,3,4,6,7,11b-hexahydro-2H-pyrido[2,1-a]isoquinolin-2-one
12 non-polymer 'COPPER (II) ION'
13 non-polymer HEME-A
14 non-polymer 'DINUCLEAR COPPER ION'
15 non-polymer PHOSPHATIDYLETHANOLAMINE
16 non-polymer 'ZINC ION'
#
loop_
_entity_poly.entity_id
_entity_poly.type
_entity_poly.pdbx_seq_one_letter_code
_entity_poly.pdbx_strand_id
1 'polypeptide(L)'
;MALSELALVRWLQESRRSRKLILFIVFLALLLDNMLLTVVVPIIPSYLYSIKHEKNATEIQTARPVHTASISDSFQSIFS
YYDNSTMVTGNATRDLTLHQTATQHMVTNASAVPSDCPSEDKDLLNENVQVGLLFASKATVQLITNPFIGLLTNRIGYPI
PIFAGFCIMFVSTIMFAFSSSYAFLLIARSLQGIGSSCSSVAGMGMLASVYTDDEERGNVMGIALGGLAMGVLVGPPFGS
VLYEFVGKTAPFLVLAALVLLDGAIQLFVLQPSRVQPESQKGTPLTTLLKDPYILIAAGSICFANMGIAMLEPALPIWMM
ETMCSRKWQLGVAFLPASISYLIGTNIFGILAHKMGRWLCALLGMIIVGVSILCIPFAKNIYGLIAPNFGVGFAIGMVDS
SMMPIMGYLVDLRHVSVYGSVYAIADVAFCMGYAIGPSAGGAIAKAIGFPWLMTIIGIIDILFAPLCFFLRSPPAKEEKM
AILMDHNCPIKTKMYTQNNIQSYPIGEDEESESD
;
A
2 'polypeptide(L)'
;MNYINRWLFSTNAKDIAVLYFIFALFCGLLGSIMSLILRLELSAPGNQILMGNHQLFNVVATAHAVLMVFFLVMPAAIGF
FGNYLLPLMIGASDMSFARLNNISFWLLPPALVSLLASALIENGAGTGWTVYPPLAGVQSHSGPSVDLAIFALHLTSISS
LLGAINFITTTLNMRTIGMTMSKLPLFVWAVVFTSILLLLSLPVLSAGVTLLLLDRNFNTSFFEPAGGGDPILYQHLFWF
FGHPEVYILIIPGFGIISHIVSTYSKKPVFGAIGMVYAMGSIGFLGLLVWSHHMYTVGLDVDSRAYFTSATMVIAVPTGI
KIFSWLATLYGGSIRYTTPMLYAFAFLFLFTVGGLSGVVLSNASLDIAFHDTYYVIGHFHYVLSLGAVFSLFAGYYYWSP
LITGLYYNNNLANIQFWLLFIGTNVTFFPMHFLGLNGMPRRIPDYPDAFAGWNAISSFGSLISIISVILFAYVIYDQLVN
GLTNKQLSTNSLFKNPDFIESNIIFNDNSIKSSSIDFLLTSPPLPHTFNTPAIQS
;
a
3 'polypeptide(L)'
;DVPTPWGIFFQDSATPNMEGIIELHNNIMFYLVLILTFVSYILYTIIYNYSNATIVHKYMNHGQLIEIVWTTLPAVILLI
IAFPSFILLYLCDEVISPAMTIKAIGLQWYWKYEYSDFINDDGEIVEFESYVIPEELLEDGQLRLLDVDASVVVPVDTHI
RFIVSSADVIHDFCVPALGVKVDASPGRLNQTSALIQREGVYYGQCSELCGVMHSAMPIKIEAVSLYEFINWLDEQ
;
b
4 'polypeptide(L)'
;MRIQNRENLQLFPFHLVTNSPWPLTTSLALMSLALTLGLTMHGYIGNHLWLFLAISLVLSSIFLWVRDVVIEGTYLGDHT
IAVRKGLNIGFMLFVLSEILIFAALFWSYFHSAMGPTIEIGCQWPPVGITSIKPTELPLLNTIILLASGATVTWAHHSIL
YKDRQGTLVGLFITTLLIILFVGCQVLEYTWATFTIADSVFGSIFYAGTGLHFIHMVMLIVMLAICYARMYFYHFTSNHH
LGLETTILYLHVLDIIWLFLYIVFYWWG
;
c
5 'polypeptide(L)'
;QFKTATSIAEVEGLENLVGPGAKTGTVPTDLEQATGLERYELLGKLEGIEVFDETPLEAVRKGTMKDPILIDSYDDYRYV
GCTGVPADSHNIEWLKPTTEKNARCWECGSVYKLNFL
;
d
6 'polypeptide(L)'
;NATVTNLEKRWEDLPETDQKDIISQLSERQKLPWKDLTLSEKKAAWYISFGEWGPRRPVHTKEDKLYIFWGTVIGIVISA
TIFGAFRYNRNVPKTMNREWQAASDEYLKSKNAEPFTGYSQIQS
;
e
7 'polypeptide(L)'
;EETYEEFSQRYEKEFDEAYDLFEVQRVLNNCFSYDIVPSPAVIGKALNACRRVNDYATAVRVFEGLKHKVETKEQYDAYL
EELKDVREELGIDLKEELFP
;
f
8 'polypeptide(L)' TATEKIIELQKFYQSTNKPIYAAHPRSKYYLIPYFGLLGVSVAATLFYTGRACFGIKD g
9 'polypeptide(L)' DVGPYSNLPFKVKNRRVPYAVPHFLFFAIGMGIPFFACYVQLKRSGSI h
10 'polypeptide(L)' SLTRIQGSVKRRILTDISVGLTLGFGFASYWWWGVHKPTVAHRENYYIELAKKKKA i
#
# COMPACT_ATOMS: atom_id res chain seq x y z
N ARG A 19 28.26 -18.39 9.75
CA ARG A 19 27.65 -19.69 9.48
C ARG A 19 26.27 -19.53 8.86
N LYS A 20 25.57 -18.46 9.25
CA LYS A 20 24.27 -18.17 8.65
C LYS A 20 24.42 -17.79 7.18
N LEU A 21 25.56 -17.18 6.81
CA LEU A 21 25.82 -16.90 5.41
C LEU A 21 25.87 -18.20 4.60
N ILE A 22 26.33 -19.28 5.23
CA ILE A 22 26.34 -20.58 4.57
C ILE A 22 24.92 -21.03 4.24
N LEU A 23 24.02 -20.91 5.22
CA LEU A 23 22.63 -21.28 4.98
C LEU A 23 22.01 -20.40 3.91
N PHE A 24 22.39 -19.12 3.89
CA PHE A 24 21.90 -18.23 2.84
C PHE A 24 22.40 -18.67 1.46
N ILE A 25 23.65 -19.11 1.38
CA ILE A 25 24.19 -19.59 0.11
C ILE A 25 23.43 -20.81 -0.37
N VAL A 26 23.16 -21.77 0.54
CA VAL A 26 22.43 -22.97 0.16
C VAL A 26 21.01 -22.62 -0.27
N PHE A 27 20.37 -21.71 0.46
CA PHE A 27 19.04 -21.23 0.11
C PHE A 27 19.03 -20.64 -1.30
N LEU A 28 20.02 -19.79 -1.61
CA LEU A 28 20.09 -19.18 -2.94
C LEU A 28 20.28 -20.23 -4.01
N ALA A 29 21.16 -21.19 -3.78
CA ALA A 29 21.42 -22.23 -4.77
C ALA A 29 20.14 -23.00 -5.10
N LEU A 30 19.44 -23.46 -4.05
CA LEU A 30 18.22 -24.23 -4.28
C LEU A 30 17.15 -23.37 -4.96
N LEU A 31 17.02 -22.10 -4.54
CA LEU A 31 16.02 -21.23 -5.13
C LEU A 31 16.27 -21.02 -6.61
N LEU A 32 17.52 -20.71 -6.99
CA LEU A 32 17.82 -20.48 -8.39
C LEU A 32 17.65 -21.75 -9.21
N ASP A 33 18.02 -22.91 -8.66
CA ASP A 33 17.85 -24.15 -9.39
C ASP A 33 16.38 -24.43 -9.68
N ASN A 34 15.53 -24.33 -8.65
CA ASN A 34 14.11 -24.60 -8.87
C ASN A 34 13.47 -23.54 -9.76
N MET A 35 13.91 -22.29 -9.66
CA MET A 35 13.38 -21.25 -10.53
C MET A 35 13.69 -21.55 -12.00
N LEU A 36 14.95 -21.92 -12.28
CA LEU A 36 15.30 -22.25 -13.65
C LEU A 36 14.60 -23.52 -14.11
N LEU A 37 14.27 -24.41 -13.18
CA LEU A 37 13.54 -25.62 -13.53
C LEU A 37 12.08 -25.33 -13.87
N THR A 38 11.47 -24.34 -13.22
CA THR A 38 10.04 -24.12 -13.33
C THR A 38 9.66 -22.97 -14.27
N VAL A 39 10.60 -22.11 -14.65
CA VAL A 39 10.25 -20.99 -15.52
C VAL A 39 9.77 -21.44 -16.89
N VAL A 40 10.11 -22.65 -17.32
CA VAL A 40 9.85 -23.09 -18.69
C VAL A 40 8.37 -23.21 -18.99
N VAL A 41 7.55 -23.57 -18.01
CA VAL A 41 6.18 -24.00 -18.30
C VAL A 41 5.32 -22.85 -18.85
N PRO A 42 5.65 -21.58 -18.63
CA PRO A 42 5.09 -20.54 -19.49
C PRO A 42 5.34 -20.75 -20.97
N ILE A 43 6.50 -21.34 -21.32
CA ILE A 43 6.97 -21.32 -22.70
C ILE A 43 6.81 -22.66 -23.42
N ILE A 44 6.64 -23.76 -22.69
CA ILE A 44 6.56 -25.08 -23.30
C ILE A 44 5.42 -25.24 -24.31
N PRO A 45 4.27 -24.57 -24.19
CA PRO A 45 3.25 -24.73 -25.25
C PRO A 45 3.72 -24.31 -26.62
N SER A 46 4.57 -23.27 -26.72
CA SER A 46 5.02 -22.82 -28.02
C SER A 46 5.82 -23.89 -28.75
N TYR A 47 6.77 -24.52 -28.04
CA TYR A 47 7.55 -25.58 -28.65
C TYR A 47 6.70 -26.83 -28.89
N LEU A 48 5.83 -27.17 -27.94
CA LEU A 48 5.06 -28.41 -28.05
C LEU A 48 4.10 -28.35 -29.23
N TYR A 49 3.34 -27.27 -29.35
CA TYR A 49 2.34 -27.16 -30.41
C TYR A 49 3.01 -26.79 -31.74
N GLU A 127 -1.70 -34.41 -24.01
CA GLU A 127 -0.28 -34.09 -23.95
C GLU A 127 0.42 -35.01 -22.95
N ASN A 128 -0.12 -36.22 -22.79
CA ASN A 128 0.39 -37.15 -21.81
C ASN A 128 1.82 -37.59 -22.14
N VAL A 129 2.11 -37.83 -23.41
CA VAL A 129 3.34 -38.52 -23.78
C VAL A 129 4.46 -37.55 -24.10
N GLN A 130 4.16 -36.41 -24.71
CA GLN A 130 5.23 -35.53 -25.18
C GLN A 130 5.90 -34.80 -24.03
N VAL A 131 5.13 -34.31 -23.06
CA VAL A 131 5.69 -33.54 -21.96
C VAL A 131 6.36 -34.42 -20.94
N GLY A 132 6.12 -35.74 -20.98
CA GLY A 132 6.72 -36.62 -19.99
C GLY A 132 8.23 -36.69 -20.08
N LEU A 133 8.76 -36.62 -21.30
CA LEU A 133 10.21 -36.68 -21.48
C LEU A 133 10.90 -35.47 -20.86
N LEU A 134 10.26 -34.30 -20.93
CA LEU A 134 10.84 -33.11 -20.31
C LEU A 134 10.99 -33.30 -18.80
N PHE A 135 9.98 -33.91 -18.17
CA PHE A 135 10.06 -34.19 -16.75
C PHE A 135 11.13 -35.24 -16.46
N ALA A 136 11.17 -36.31 -17.24
CA ALA A 136 12.04 -37.43 -16.94
C ALA A 136 13.51 -37.13 -17.18
N SER A 137 13.82 -36.25 -18.14
CA SER A 137 15.22 -36.03 -18.52
C SER A 137 16.04 -35.47 -17.37
N LYS A 138 15.51 -34.49 -16.64
CA LYS A 138 16.24 -33.92 -15.53
C LYS A 138 16.39 -34.92 -14.39
N ALA A 139 15.30 -35.59 -14.04
CA ALA A 139 15.31 -36.48 -12.89
C ALA A 139 16.26 -37.65 -13.10
N THR A 140 16.25 -38.26 -14.30
CA THR A 140 17.11 -39.41 -14.53
C THR A 140 18.57 -39.03 -14.49
N VAL A 141 18.91 -37.90 -15.10
CA VAL A 141 20.30 -37.43 -15.09
C VAL A 141 20.75 -37.12 -13.67
N GLN A 142 19.88 -36.50 -12.88
CA GLN A 142 20.20 -36.23 -11.48
C GLN A 142 20.42 -37.53 -10.70
N LEU A 143 19.56 -38.51 -10.91
CA LEU A 143 19.66 -39.79 -10.21
C LEU A 143 20.96 -40.48 -10.55
N ILE A 144 21.37 -40.44 -11.80
CA ILE A 144 22.61 -41.10 -12.21
C ILE A 144 23.81 -40.44 -11.54
N THR A 145 23.76 -39.12 -11.34
CA THR A 145 24.94 -38.38 -10.93
C THR A 145 25.05 -38.16 -9.42
N ASN A 146 23.98 -38.43 -8.65
CA ASN A 146 24.09 -38.21 -7.20
C ASN A 146 25.17 -39.05 -6.53
N PRO A 147 25.22 -40.38 -6.69
CA PRO A 147 26.21 -41.17 -5.93
C PRO A 147 27.65 -40.78 -6.21
N PHE A 148 27.99 -40.42 -7.45
CA PHE A 148 29.36 -40.05 -7.76
C PHE A 148 29.78 -38.79 -7.01
N ILE A 149 28.89 -37.81 -6.94
CA ILE A 149 29.19 -36.61 -6.16
C ILE A 149 29.29 -36.96 -4.67
N GLY A 150 28.42 -37.85 -4.19
CA GLY A 150 28.51 -38.27 -2.81
C GLY A 150 29.84 -38.91 -2.47
N LEU A 151 30.39 -39.69 -3.40
CA LEU A 151 31.70 -40.30 -3.16
C LEU A 151 32.81 -39.27 -3.28
N LEU A 152 32.72 -38.38 -4.27
CA LEU A 152 33.79 -37.43 -4.52
C LEU A 152 33.91 -36.37 -3.42
N THR A 153 32.81 -36.12 -2.70
CA THR A 153 32.86 -35.07 -1.68
C THR A 153 33.85 -35.40 -0.57
N ASN A 154 34.04 -36.68 -0.26
CA ASN A 154 35.04 -37.06 0.74
C ASN A 154 36.44 -36.74 0.25
N ARG A 155 36.73 -36.99 -1.03
CA ARG A 155 38.07 -36.78 -1.54
C ARG A 155 38.40 -35.29 -1.69
N ILE A 156 37.46 -34.51 -2.23
CA ILE A 156 37.75 -33.11 -2.54
C ILE A 156 37.14 -32.13 -1.55
N GLY A 157 35.93 -32.37 -1.06
CA GLY A 157 35.27 -31.41 -0.20
C GLY A 157 34.05 -30.79 -0.85
N TYR A 158 33.47 -29.84 -0.13
CA TYR A 158 32.19 -29.19 -0.43
C TYR A 158 32.26 -28.04 -1.43
N PRO A 159 33.08 -27.02 -1.17
CA PRO A 159 33.00 -25.78 -1.98
C PRO A 159 33.28 -25.98 -3.46
N ILE A 160 34.17 -26.90 -3.82
CA ILE A 160 34.43 -27.16 -5.24
C ILE A 160 33.20 -27.72 -5.93
N PRO A 161 32.53 -28.74 -5.40
CA PRO A 161 31.26 -29.16 -6.00
C PRO A 161 30.19 -28.08 -6.02
N ILE A 162 30.13 -27.23 -4.99
CA ILE A 162 29.14 -26.15 -5.01
C ILE A 162 29.41 -25.20 -6.18
N PHE A 163 30.67 -24.79 -6.34
CA PHE A 163 31.00 -23.88 -7.43
C PHE A 163 30.80 -24.55 -8.80
N ALA A 164 31.10 -25.85 -8.89
CA ALA A 164 30.88 -26.56 -10.15
C ALA A 164 29.40 -26.59 -10.51
N GLY A 165 28.54 -26.86 -9.52
CA GLY A 165 27.10 -26.80 -9.77
C GLY A 165 26.67 -25.41 -10.21
N PHE A 166 27.26 -24.39 -9.61
CA PHE A 166 27.03 -23.02 -10.07
C PHE A 166 27.33 -22.84 -11.55
N CYS A 167 28.53 -23.23 -11.97
CA CYS A 167 28.94 -23.00 -13.35
C CYS A 167 28.04 -23.77 -14.32
N ILE A 168 27.69 -25.00 -13.94
CA ILE A 168 26.80 -25.78 -14.79
C ILE A 168 25.43 -25.12 -14.89
N MET A 169 24.94 -24.55 -13.79
CA MET A 169 23.66 -23.87 -13.84
C MET A 169 23.70 -22.65 -14.77
N PHE A 170 24.77 -21.88 -14.71
CA PHE A 170 24.88 -20.72 -15.58
C PHE A 170 24.93 -21.14 -17.05
N VAL A 171 25.70 -22.18 -17.36
CA VAL A 171 25.77 -22.65 -18.74
C VAL A 171 24.41 -23.16 -19.19
N SER A 172 23.67 -23.82 -18.30
CA SER A 172 22.34 -24.32 -18.66
C SER A 172 21.38 -23.17 -18.95
N THR A 173 21.46 -22.09 -18.17
CA THR A 173 20.61 -20.93 -18.45
C THR A 173 20.94 -20.33 -19.81
N ILE A 174 22.22 -20.18 -20.12
CA ILE A 174 22.60 -19.65 -21.42
C ILE A 174 22.11 -20.57 -22.54
N MET A 175 22.17 -21.88 -22.32
CA MET A 175 21.70 -22.81 -23.34
C MET A 175 20.18 -22.74 -23.53
N PHE A 176 19.43 -22.53 -22.44
CA PHE A 176 18.02 -22.19 -22.58
C PHE A 176 17.83 -20.95 -23.46
N ALA A 177 18.72 -19.97 -23.31
CA ALA A 177 18.52 -18.69 -23.99
C ALA A 177 18.48 -18.84 -25.51
N PHE A 178 19.38 -19.65 -26.08
CA PHE A 178 19.57 -19.74 -27.52
C PHE A 178 18.99 -21.02 -28.12
N SER A 179 17.90 -21.53 -27.56
CA SER A 179 17.29 -22.77 -28.03
C SER A 179 16.05 -22.47 -28.85
N SER A 180 15.92 -23.15 -29.99
CA SER A 180 14.76 -22.95 -30.87
C SER A 180 14.19 -24.26 -31.40
N SER A 181 14.53 -25.39 -30.78
CA SER A 181 14.04 -26.68 -31.22
C SER A 181 13.65 -27.52 -30.00
N TYR A 182 12.75 -28.48 -30.23
CA TYR A 182 12.33 -29.37 -29.16
C TYR A 182 13.49 -30.24 -28.68
N ALA A 183 14.32 -30.72 -29.61
CA ALA A 183 15.41 -31.61 -29.25
C ALA A 183 16.45 -30.92 -28.36
N PHE A 184 16.79 -29.67 -28.68
CA PHE A 184 17.82 -28.97 -27.94
C PHE A 184 17.40 -28.72 -26.49
N LEU A 185 16.09 -28.60 -26.26
CA LEU A 185 15.58 -28.39 -24.91
C LEU A 185 15.93 -29.57 -24.02
N LEU A 186 15.85 -30.80 -24.55
CA LEU A 186 16.17 -31.98 -23.74
C LEU A 186 17.64 -31.96 -23.32
N ILE A 187 18.53 -31.57 -24.22
CA ILE A 187 19.96 -31.49 -23.87
C ILE A 187 20.18 -30.46 -22.79
N ALA A 188 19.52 -29.30 -22.91
CA ALA A 188 19.67 -28.28 -21.88
C ALA A 188 19.13 -28.76 -20.53
N ARG A 189 17.99 -29.45 -20.53
CA ARG A 189 17.44 -30.05 -19.32
C ARG A 189 18.44 -30.99 -18.68
N SER A 190 19.00 -31.89 -19.48
CA SER A 190 19.94 -32.87 -18.95
C SER A 190 21.18 -32.21 -18.40
N LEU A 191 21.65 -31.13 -19.03
CA LEU A 191 22.79 -30.41 -18.48
C LEU A 191 22.44 -29.76 -17.15
N GLN A 192 21.22 -29.24 -17.03
CA GLN A 192 20.79 -28.66 -15.75
C GLN A 192 20.74 -29.70 -14.65
N GLY A 193 20.45 -30.95 -15.01
CA GLY A 193 20.28 -31.99 -14.00
C GLY A 193 21.51 -32.19 -13.12
N ILE A 194 22.69 -32.23 -13.73
CA ILE A 194 23.91 -32.48 -12.96
C ILE A 194 24.14 -31.37 -11.94
N GLY A 195 23.96 -30.12 -12.38
CA GLY A 195 24.14 -29.00 -11.47
C GLY A 195 23.16 -29.04 -10.31
N SER A 196 21.91 -29.38 -10.59
CA SER A 196 20.93 -29.48 -9.52
C SER A 196 21.33 -30.56 -8.51
N SER A 197 21.75 -31.72 -9.02
CA SER A 197 22.13 -32.82 -8.13
C SER A 197 23.32 -32.42 -7.25
N CYS A 198 24.35 -31.86 -7.87
CA CYS A 198 25.55 -31.50 -7.13
C CYS A 198 25.23 -30.46 -6.06
N SER A 199 24.47 -29.43 -6.42
CA SER A 199 24.13 -28.38 -5.47
C SER A 199 23.36 -28.95 -4.29
N SER A 200 22.34 -29.77 -4.56
CA SER A 200 21.53 -30.30 -3.46
C SER A 200 22.35 -31.17 -2.53
N VAL A 201 23.09 -32.13 -3.09
CA VAL A 201 23.83 -33.07 -2.25
C VAL A 201 24.91 -32.35 -1.44
N ALA A 202 25.71 -31.52 -2.10
CA ALA A 202 26.78 -30.82 -1.40
C ALA A 202 26.24 -29.88 -0.35
N GLY A 203 25.16 -29.15 -0.66
CA GLY A 203 24.62 -28.21 0.30
C GLY A 203 24.08 -28.91 1.54
N MET A 204 23.31 -29.98 1.34
CA MET A 204 22.76 -30.68 2.50
C MET A 204 23.87 -31.30 3.34
N GLY A 205 24.85 -31.94 2.69
CA GLY A 205 25.94 -32.54 3.44
C GLY A 205 26.75 -31.51 4.22
N MET A 206 27.00 -30.35 3.60
CA MET A 206 27.82 -29.35 4.26
C MET A 206 27.07 -28.70 5.40
N LEU A 207 25.76 -28.46 5.24
CA LEU A 207 24.97 -27.94 6.35
C LEU A 207 24.94 -28.93 7.50
N ALA A 208 24.85 -30.23 7.19
CA ALA A 208 24.92 -31.22 8.26
C ALA A 208 26.27 -31.19 8.96
N SER A 209 27.36 -31.06 8.19
CA SER A 209 28.69 -31.12 8.77
C SER A 209 28.96 -29.92 9.68
N VAL A 210 28.64 -28.72 9.22
CA VAL A 210 28.98 -27.52 9.98
C VAL A 210 28.17 -27.44 11.27
N TYR A 211 26.90 -27.83 11.21
CA TYR A 211 25.99 -27.75 12.36
C TYR A 211 25.92 -29.12 13.02
N THR A 212 26.45 -29.21 14.24
CA THR A 212 26.63 -30.51 14.88
C THR A 212 25.46 -30.92 15.77
N ASP A 213 24.79 -29.96 16.41
CA ASP A 213 23.69 -30.29 17.30
C ASP A 213 22.46 -30.71 16.51
N ASP A 214 21.62 -31.53 17.15
CA ASP A 214 20.46 -32.10 16.45
C ASP A 214 19.39 -31.05 16.20
N GLU A 215 18.97 -30.34 17.26
CA GLU A 215 17.89 -29.37 17.12
C GLU A 215 18.26 -28.25 16.16
N GLU A 216 19.50 -27.76 16.27
CA GLU A 216 19.97 -26.75 15.33
C GLU A 216 19.99 -27.28 13.91
N ARG A 217 20.36 -28.56 13.75
CA ARG A 217 20.38 -29.17 12.43
C ARG A 217 18.99 -29.15 11.81
N GLY A 218 17.98 -29.57 12.58
CA GLY A 218 16.62 -29.54 12.06
C GLY A 218 16.15 -28.14 11.74
N ASN A 219 16.43 -27.19 12.64
CA ASN A 219 15.96 -25.82 12.44
C ASN A 219 16.58 -25.21 11.19
N VAL A 220 17.86 -25.51 10.92
CA VAL A 220 18.51 -24.94 9.75
C VAL A 220 18.04 -25.64 8.48
N MET A 221 17.85 -26.96 8.54
CA MET A 221 17.42 -27.68 7.33
C MET A 221 16.01 -27.32 6.91
N GLY A 222 15.13 -26.97 7.86
CA GLY A 222 13.81 -26.50 7.46
C GLY A 222 13.86 -25.25 6.62
N ILE A 223 14.63 -24.25 7.07
CA ILE A 223 14.77 -23.01 6.32
C ILE A 223 15.49 -23.26 5.01
N ALA A 224 16.43 -24.20 4.98
CA ALA A 224 17.08 -24.55 3.73
C ALA A 224 16.09 -25.11 2.72
N LEU A 225 15.24 -26.04 3.17
CA LEU A 225 14.27 -26.64 2.26
C LEU A 225 13.18 -25.67 1.83
N GLY A 226 12.95 -24.60 2.61
CA GLY A 226 11.96 -23.62 2.19
C GLY A 226 12.26 -22.96 0.85
N GLY A 227 13.54 -22.92 0.47
CA GLY A 227 13.92 -22.27 -0.77
C GLY A 227 13.36 -22.94 -2.00
N LEU A 228 13.25 -24.27 -1.97
CA LEU A 228 12.65 -25.00 -3.09
C LEU A 228 11.22 -24.53 -3.34
N ALA A 229 10.42 -24.49 -2.27
CA ALA A 229 9.04 -24.02 -2.39
C ALA A 229 9.00 -22.57 -2.86
N MET A 230 9.88 -21.72 -2.32
CA MET A 230 9.84 -20.31 -2.71
C MET A 230 10.19 -20.14 -4.19
N GLY A 231 11.19 -20.87 -4.67
CA GLY A 231 11.57 -20.75 -6.07
C GLY A 231 10.49 -21.27 -7.01
N VAL A 232 9.87 -22.40 -6.64
CA VAL A 232 8.79 -22.93 -7.47
C VAL A 232 7.60 -21.97 -7.45
N LEU A 233 7.38 -21.27 -6.34
CA LEU A 233 6.36 -20.24 -6.31
C LEU A 233 6.70 -19.08 -7.24
N VAL A 234 7.97 -18.66 -7.26
CA VAL A 234 8.32 -17.40 -7.91
C VAL A 234 8.49 -17.57 -9.42
N GLY A 235 8.89 -18.75 -9.88
CA GLY A 235 9.29 -18.94 -11.26
C GLY A 235 8.28 -18.57 -12.35
N PRO A 236 7.16 -19.28 -12.39
CA PRO A 236 6.28 -19.22 -13.57
C PRO A 236 5.69 -17.84 -13.82
N PRO A 237 5.19 -17.14 -12.79
CA PRO A 237 4.70 -15.77 -13.06
C PRO A 237 5.76 -14.85 -13.65
N PHE A 238 6.98 -14.94 -13.12
CA PHE A 238 8.09 -14.14 -13.62
C PHE A 238 8.36 -14.43 -15.09
N GLY A 239 8.44 -15.72 -15.43
CA GLY A 239 8.67 -16.09 -16.81
C GLY A 239 7.56 -15.62 -17.73
N SER A 240 6.30 -15.81 -17.32
CA SER A 240 5.18 -15.42 -18.17
C SER A 240 5.15 -13.91 -18.39
N VAL A 241 5.39 -13.13 -17.34
CA VAL A 241 5.34 -11.67 -17.47
C VAL A 241 6.41 -11.19 -18.44
N LEU A 242 7.66 -11.65 -18.26
CA LEU A 242 8.67 -11.19 -19.21
C LEU A 242 8.46 -11.73 -20.61
N TYR A 243 7.93 -12.95 -20.75
CA TYR A 243 7.65 -13.47 -22.09
C TYR A 243 6.62 -12.61 -22.80
N GLU A 244 5.56 -12.22 -22.08
CA GLU A 244 4.51 -11.44 -22.73
C GLU A 244 4.94 -10.00 -22.99
N PHE A 245 5.84 -9.46 -22.17
CA PHE A 245 6.20 -8.05 -22.33
C PHE A 245 7.45 -7.83 -23.17
N VAL A 246 8.59 -8.38 -22.73
CA VAL A 246 9.86 -8.11 -23.41
C VAL A 246 10.12 -9.09 -24.55
N GLY A 247 9.48 -10.24 -24.55
CA GLY A 247 9.71 -11.26 -25.56
C GLY A 247 10.62 -12.36 -25.06
N LYS A 248 10.70 -13.42 -25.85
CA LYS A 248 11.48 -14.58 -25.47
C LYS A 248 12.97 -14.23 -25.44
N THR A 249 13.71 -15.01 -24.65
CA THR A 249 15.15 -14.90 -24.40
C THR A 249 15.48 -13.81 -23.39
N ALA A 250 14.51 -13.04 -22.92
CA ALA A 250 14.72 -12.04 -21.88
C ALA A 250 14.75 -12.65 -20.48
N PRO A 251 13.77 -13.50 -20.13
CA PRO A 251 13.79 -14.11 -18.79
C PRO A 251 15.06 -14.88 -18.48
N PHE A 252 15.61 -15.57 -19.48
CA PHE A 252 16.81 -16.34 -19.23
C PHE A 252 18.01 -15.43 -19.00
N LEU A 253 18.06 -14.28 -19.68
CA LEU A 253 19.12 -13.31 -19.43
C LEU A 253 19.01 -12.72 -18.03
N VAL A 254 17.78 -12.40 -17.60
CA VAL A 254 17.60 -11.87 -16.25
C VAL A 254 18.01 -12.91 -15.20
N LEU A 255 17.61 -14.16 -15.41
CA LEU A 255 17.98 -15.21 -14.47
C LEU A 255 19.50 -15.45 -14.49
N ALA A 256 20.15 -15.28 -15.64
CA ALA A 256 21.59 -15.37 -15.70
C ALA A 256 22.26 -14.25 -14.90
N ALA A 257 21.70 -13.05 -14.96
CA ALA A 257 22.23 -11.96 -14.14
C ALA A 257 22.12 -12.28 -12.66
N LEU A 258 20.97 -12.82 -12.24
CA LEU A 258 20.81 -13.23 -10.85
C LEU A 258 21.80 -14.32 -10.47
N VAL A 259 22.02 -15.27 -11.37
CA VAL A 259 22.99 -16.32 -11.13
C VAL A 259 24.39 -15.72 -10.94
N LEU A 260 24.76 -14.76 -11.78
CA LEU A 260 26.07 -14.12 -11.64
C LEU A 260 26.22 -13.44 -10.29
N LEU A 261 25.14 -12.79 -9.81
CA LEU A 261 25.18 -12.22 -8.46
C LEU A 261 25.44 -13.31 -7.42
N ASP A 262 24.74 -14.45 -7.55
CA ASP A 262 24.94 -15.55 -6.61
C ASP A 262 26.39 -16.04 -6.64
N GLY A 263 26.97 -16.13 -7.83
CA GLY A 263 28.35 -16.59 -7.93
C GLY A 263 29.34 -15.63 -7.32
N ALA A 264 29.10 -14.33 -7.50
CA ALA A 264 29.94 -13.34 -6.84
C ALA A 264 29.88 -13.50 -5.32
N ILE A 265 28.67 -13.73 -4.79
CA ILE A 265 28.53 -13.94 -3.35
C ILE A 265 29.29 -15.18 -2.91
N GLN A 266 29.16 -16.28 -3.67
CA GLN A 266 29.85 -17.52 -3.33
C GLN A 266 31.36 -17.33 -3.34
N LEU A 267 31.88 -16.62 -4.34
CA LEU A 267 33.31 -16.37 -4.39
C LEU A 267 33.77 -15.54 -3.21
N PHE A 268 33.01 -14.51 -2.86
CA PHE A 268 33.40 -13.65 -1.74
C PHE A 268 33.19 -14.29 -0.37
N VAL A 269 32.46 -15.40 -0.30
CA VAL A 269 32.22 -16.02 1.00
C VAL A 269 33.08 -17.27 1.19
N LEU A 270 32.88 -18.27 0.34
CA LEU A 270 33.53 -19.57 0.57
C LEU A 270 34.96 -19.60 0.02
N GLN A 271 35.20 -18.96 -1.13
CA GLN A 271 36.51 -18.93 -1.76
C GLN A 271 37.05 -20.35 -2.00
N PRO A 272 36.49 -21.09 -2.95
CA PRO A 272 36.99 -22.45 -3.22
C PRO A 272 38.37 -22.46 -3.83
N SER A 273 39.40 -22.26 -3.01
CA SER A 273 40.77 -22.15 -3.50
C SER A 273 41.65 -23.34 -3.17
N ARG A 274 41.27 -24.19 -2.24
CA ARG A 274 42.12 -25.28 -1.81
C ARG A 274 41.30 -26.56 -1.65
N VAL A 275 42.00 -27.70 -1.69
CA VAL A 275 41.40 -29.01 -1.61
C VAL A 275 41.71 -29.60 -0.24
N GLN A 276 40.67 -29.97 0.50
CA GLN A 276 40.81 -30.53 1.84
C GLN A 276 40.05 -31.86 1.92
N PRO A 277 40.74 -33.00 1.91
CA PRO A 277 40.05 -34.27 2.13
C PRO A 277 39.54 -34.38 3.55
N GLU A 278 38.52 -35.21 3.72
CA GLU A 278 37.88 -35.37 5.02
C GLU A 278 38.81 -36.08 5.99
N SER A 279 38.41 -36.08 7.27
CA SER A 279 39.24 -36.67 8.32
C SER A 279 39.40 -38.17 8.11
N GLN A 280 38.30 -38.87 7.82
CA GLN A 280 38.37 -40.30 7.59
C GLN A 280 37.25 -40.72 6.66
N LYS A 281 37.52 -41.77 5.88
CA LYS A 281 36.57 -42.25 4.90
C LYS A 281 35.33 -42.83 5.58
N GLY A 282 34.18 -42.65 4.95
CA GLY A 282 32.93 -43.13 5.48
C GLY A 282 32.64 -44.57 5.07
N THR A 283 31.51 -45.07 5.58
CA THR A 283 31.09 -46.42 5.25
C THR A 283 30.61 -46.48 3.80
N PRO A 284 30.78 -47.62 3.14
CA PRO A 284 30.31 -47.76 1.76
C PRO A 284 28.80 -47.73 1.68
N LEU A 285 28.30 -47.42 0.47
CA LEU A 285 26.87 -47.37 0.26
C LEU A 285 26.22 -48.73 0.47
N THR A 286 26.96 -49.82 0.26
CA THR A 286 26.40 -51.15 0.52
C THR A 286 26.07 -51.33 1.99
N THR A 287 26.96 -50.89 2.88
CA THR A 287 26.70 -50.97 4.31
C THR A 287 25.46 -50.16 4.69
N LEU A 288 25.33 -48.96 4.10
CA LEU A 288 24.15 -48.14 4.36
C LEU A 288 22.89 -48.84 3.87
N LEU A 289 22.98 -49.51 2.72
CA LEU A 289 21.84 -50.26 2.22
C LEU A 289 21.49 -51.43 3.14
N LYS A 290 22.49 -52.00 3.82
CA LYS A 290 22.21 -53.07 4.78
C LYS A 290 21.35 -52.56 5.93
N ASP A 291 21.65 -51.37 6.44
CA ASP A 291 20.92 -50.81 7.57
C ASP A 291 19.46 -50.58 7.20
N PRO A 292 18.50 -51.13 7.95
CA PRO A 292 17.10 -50.99 7.56
C PRO A 292 16.51 -49.62 7.85
N TYR A 293 16.84 -49.03 9.00
CA TYR A 293 16.19 -47.78 9.42
C TYR A 293 16.45 -46.66 8.43
N ILE A 294 17.67 -46.59 7.91
CA ILE A 294 17.95 -45.63 6.83
C ILE A 294 17.08 -45.93 5.63
N LEU A 295 16.78 -47.21 5.39
CA LEU A 295 15.93 -47.57 4.26
C LEU A 295 14.49 -47.08 4.47
N ILE A 296 13.94 -47.24 5.68
CA ILE A 296 12.60 -46.71 5.93
C ILE A 296 12.59 -45.19 5.84
N ALA A 297 13.65 -44.54 6.33
CA ALA A 297 13.75 -43.08 6.22
C ALA A 297 13.74 -42.64 4.77
N ALA A 298 14.48 -43.34 3.91
CA ALA A 298 14.48 -43.00 2.49
C ALA A 298 13.12 -43.28 1.85
N GLY A 299 12.50 -44.41 2.20
CA GLY A 299 11.22 -44.75 1.61
C GLY A 299 10.12 -43.78 1.98
N SER A 300 10.18 -43.23 3.20
CA SER A 300 9.18 -42.25 3.61
C SER A 300 9.21 -41.02 2.71
N ILE A 301 10.40 -40.56 2.34
CA ILE A 301 10.51 -39.46 1.38
C ILE A 301 10.10 -39.91 -0.01
N CYS A 302 10.50 -41.12 -0.40
CA CYS A 302 10.26 -41.58 -1.77
C CYS A 302 8.77 -41.71 -2.06
N PHE A 303 8.00 -42.27 -1.14
CA PHE A 303 6.58 -42.52 -1.39
C PHE A 303 5.74 -41.25 -1.28
N ALA A 304 6.28 -40.18 -0.73
CA ALA A 304 5.49 -38.97 -0.54
C ALA A 304 5.24 -38.25 -1.86
N ASN A 305 6.19 -38.33 -2.80
CA ASN A 305 6.16 -37.53 -4.01
C ASN A 305 5.45 -38.20 -5.18
N MET A 306 4.96 -39.43 -5.02
CA MET A 306 4.35 -40.12 -6.15
C MET A 306 3.06 -39.45 -6.60
N GLY A 307 2.22 -39.04 -5.65
CA GLY A 307 0.97 -38.39 -6.00
C GLY A 307 1.19 -37.09 -6.76
N ILE A 308 2.22 -36.34 -6.39
CA ILE A 308 2.58 -35.16 -7.15
C ILE A 308 3.09 -35.55 -8.53
N ALA A 309 4.13 -36.39 -8.58
CA ALA A 309 4.84 -36.66 -9.83
C ALA A 309 3.93 -37.26 -10.88
N MET A 310 2.91 -38.01 -10.47
CA MET A 310 1.97 -38.56 -11.45
C MET A 310 0.99 -37.51 -11.96
N LEU A 311 0.86 -36.38 -11.28
CA LEU A 311 -0.26 -35.48 -11.56
C LEU A 311 0.07 -34.39 -12.57
N GLU A 312 1.12 -33.59 -12.34
CA GLU A 312 1.38 -32.44 -13.21
C GLU A 312 1.55 -32.80 -14.69
N PRO A 313 2.19 -33.91 -15.07
CA PRO A 313 2.23 -34.25 -16.50
C PRO A 313 0.87 -34.44 -17.14
N ALA A 314 -0.18 -34.70 -16.36
CA ALA A 314 -1.50 -34.99 -16.90
C ALA A 314 -2.52 -33.90 -16.63
N LEU A 315 -2.10 -32.74 -16.11
CA LEU A 315 -3.05 -31.68 -15.84
C LEU A 315 -3.63 -31.14 -17.14
N PRO A 316 -4.89 -30.69 -17.13
CA PRO A 316 -5.51 -30.10 -18.32
C PRO A 316 -5.13 -28.63 -18.51
N ILE A 317 -3.83 -28.37 -18.58
CA ILE A 317 -3.33 -27.00 -18.73
C ILE A 317 -2.30 -26.97 -19.85
N TRP A 318 -2.04 -28.12 -20.46
CA TRP A 318 -1.04 -28.22 -21.50
C TRP A 318 -1.67 -28.61 -22.83
N ARG A 326 -6.71 -20.50 -19.62
CA ARG A 326 -6.06 -19.91 -20.79
C ARG A 326 -4.60 -19.58 -20.50
N LYS A 327 -4.14 -18.45 -21.03
CA LYS A 327 -2.74 -18.06 -20.86
C LYS A 327 -2.44 -17.72 -19.41
N TRP A 328 -3.39 -17.09 -18.71
CA TRP A 328 -3.19 -16.77 -17.30
C TRP A 328 -3.12 -18.02 -16.44
N GLN A 329 -3.67 -19.15 -16.90
CA GLN A 329 -3.73 -20.34 -16.06
C GLN A 329 -2.35 -20.92 -15.80
N LEU A 330 -1.42 -20.76 -16.73
CA LEU A 330 -0.09 -21.35 -16.57
C LEU A 330 0.67 -20.70 -15.41
N GLY A 331 0.46 -19.40 -15.20
CA GLY A 331 1.19 -18.71 -14.15
C GLY A 331 0.80 -19.16 -12.75
N VAL A 332 -0.48 -19.44 -12.54
CA VAL A 332 -1.01 -19.73 -11.22
C VAL A 332 -1.16 -21.23 -10.97
N ALA A 333 -0.76 -22.07 -11.93
CA ALA A 333 -1.04 -23.49 -11.86
C ALA A 333 -0.39 -24.15 -10.66
N PHE A 334 0.87 -23.82 -10.37
CA PHE A 334 1.63 -24.47 -9.32
C PHE A 334 1.75 -23.64 -8.05
N LEU A 335 0.97 -22.56 -7.95
CA LEU A 335 1.10 -21.66 -6.80
C LEU A 335 0.75 -22.30 -5.46
N PRO A 336 -0.39 -22.99 -5.29
CA PRO A 336 -0.79 -23.42 -3.93
C PRO A 336 0.17 -24.38 -3.26
N ALA A 337 0.70 -25.35 -4.01
CA ALA A 337 1.59 -26.34 -3.41
C ALA A 337 2.85 -25.69 -2.86
N SER A 338 3.35 -24.64 -3.52
CA SER A 338 4.55 -23.96 -3.04
C SER A 338 4.30 -23.33 -1.67
N ILE A 339 3.17 -22.63 -1.51
CA ILE A 339 2.86 -22.00 -0.23
C ILE A 339 2.68 -23.06 0.85
N SER A 340 1.99 -24.15 0.51
CA SER A 340 1.79 -25.21 1.50
C SER A 340 3.11 -25.82 1.95
N TYR A 341 4.01 -26.10 1.00
CA TYR A 341 5.32 -26.65 1.34
C TYR A 341 6.11 -25.67 2.20
N LEU A 342 6.06 -24.39 1.86
CA LEU A 342 6.79 -23.38 2.63
C LEU A 342 6.32 -23.34 4.07
N ILE A 343 5.00 -23.24 4.28
CA ILE A 343 4.46 -23.16 5.63
C ILE A 343 4.77 -24.45 6.40
N GLY A 344 4.59 -25.60 5.75
CA GLY A 344 4.83 -26.86 6.44
C GLY A 344 6.26 -27.02 6.89
N THR A 345 7.21 -26.70 6.00
CA THR A 345 8.62 -26.82 6.37
C THR A 345 8.96 -25.87 7.50
N ASN A 346 8.51 -24.61 7.41
CA ASN A 346 8.87 -23.63 8.42
C ASN A 346 8.31 -24.00 9.78
N ILE A 347 7.08 -24.50 9.84
CA ILE A 347 6.48 -24.86 11.12
C ILE A 347 7.13 -26.12 11.69
N PHE A 348 7.25 -27.16 10.87
CA PHE A 348 7.64 -28.44 11.44
C PHE A 348 9.13 -28.59 11.63
N GLY A 349 9.96 -27.77 10.97
CA GLY A 349 11.37 -27.77 11.31
C GLY A 349 11.63 -27.37 12.75
N ILE A 350 10.76 -26.54 13.31
CA ILE A 350 10.88 -26.19 14.72
C ILE A 350 10.11 -27.19 15.59
N LEU A 351 8.90 -27.59 15.17
CA LEU A 351 8.08 -28.39 16.06
C LEU A 351 8.48 -29.86 16.11
N ALA A 352 9.30 -30.36 15.17
CA ALA A 352 9.52 -31.79 15.05
C ALA A 352 10.22 -32.38 16.26
N HIS A 353 11.23 -31.70 16.78
CA HIS A 353 12.01 -32.25 17.89
C HIS A 353 11.16 -32.42 19.13
N LYS A 354 10.34 -31.42 19.45
CA LYS A 354 9.54 -31.49 20.68
C LYS A 354 8.35 -32.41 20.50
N MET A 355 7.75 -32.45 19.31
CA MET A 355 6.62 -33.36 19.10
C MET A 355 7.07 -34.81 19.06
N GLY A 356 8.20 -35.08 18.39
CA GLY A 356 8.60 -36.44 18.10
C GLY A 356 8.52 -36.70 16.60
N ARG A 357 9.66 -37.01 15.98
CA ARG A 357 9.73 -37.02 14.52
C ARG A 357 8.91 -38.15 13.92
N TRP A 358 8.84 -39.31 14.58
CA TRP A 358 8.06 -40.41 14.04
C TRP A 358 6.58 -40.05 13.93
N LEU A 359 6.04 -39.39 14.95
CA LEU A 359 4.64 -39.01 14.91
C LEU A 359 4.36 -38.00 13.79
N CYS A 360 5.27 -37.03 13.61
CA CYS A 360 5.10 -36.06 12.54
C CYS A 360 5.13 -36.74 11.17
N ALA A 361 6.06 -37.68 10.97
CA ALA A 361 6.11 -38.41 9.71
C ALA A 361 4.83 -39.19 9.47
N LEU A 362 4.32 -39.87 10.51
CA LEU A 362 3.09 -40.63 10.37
C LEU A 362 1.92 -39.75 9.96
N LEU A 363 1.76 -38.62 10.66
CA LEU A 363 0.67 -37.71 10.35
C LEU A 363 0.80 -37.14 8.94
N GLY A 364 2.02 -36.78 8.54
CA GLY A 364 2.22 -36.25 7.21
C GLY A 364 1.88 -37.24 6.12
N MET A 365 2.30 -38.49 6.29
CA MET A 365 1.98 -39.50 5.28
C MET A 365 0.48 -39.77 5.22
N ILE A 366 -0.18 -39.80 6.38
CA ILE A 366 -1.62 -39.99 6.38
C ILE A 366 -2.32 -38.86 5.65
N ILE A 367 -1.85 -37.62 5.87
CA ILE A 367 -2.46 -36.48 5.18
C ILE A 367 -2.22 -36.57 3.68
N VAL A 368 -1.02 -37.02 3.28
CA VAL A 368 -0.73 -37.24 1.86
C VAL A 368 -1.74 -38.21 1.25
N GLY A 369 -1.94 -39.34 1.93
CA GLY A 369 -2.88 -40.33 1.42
C GLY A 369 -4.29 -39.80 1.32
N VAL A 370 -4.73 -39.07 2.35
CA VAL A 370 -6.09 -38.53 2.34
C VAL A 370 -6.27 -37.54 1.20
N SER A 371 -5.30 -36.65 1.00
CA SER A 371 -5.41 -35.67 -0.08
C SER A 371 -5.41 -36.34 -1.45
N ILE A 372 -4.54 -37.34 -1.65
CA ILE A 372 -4.51 -38.04 -2.92
C ILE A 372 -5.84 -38.75 -3.17
N LEU A 373 -6.41 -39.37 -2.14
CA LEU A 373 -7.70 -40.03 -2.29
C LEU A 373 -8.80 -39.03 -2.60
N CYS A 374 -8.71 -37.82 -2.05
CA CYS A 374 -9.72 -36.80 -2.31
C CYS A 374 -9.57 -36.18 -3.70
N ILE A 375 -8.38 -36.27 -4.31
CA ILE A 375 -8.16 -35.62 -5.61
C ILE A 375 -9.13 -36.08 -6.69
N PRO A 376 -9.32 -37.38 -6.96
CA PRO A 376 -10.06 -37.77 -8.17
C PRO A 376 -11.56 -37.53 -8.09
N PHE A 377 -12.11 -37.14 -6.93
CA PHE A 377 -13.53 -36.82 -6.87
C PHE A 377 -13.87 -35.63 -7.76
N ALA A 378 -13.00 -34.62 -7.78
CA ALA A 378 -13.27 -33.42 -8.55
C ALA A 378 -13.29 -33.73 -10.05
N LYS A 379 -14.16 -33.04 -10.78
CA LYS A 379 -14.26 -33.18 -12.22
C LYS A 379 -14.02 -31.88 -12.97
N ASN A 380 -13.73 -30.78 -12.26
CA ASN A 380 -13.40 -29.51 -12.88
C ASN A 380 -12.01 -29.09 -12.43
N ILE A 381 -11.43 -28.12 -13.15
CA ILE A 381 -10.07 -27.70 -12.86
C ILE A 381 -9.97 -27.05 -11.49
N TYR A 382 -10.93 -26.18 -11.16
CA TYR A 382 -10.90 -25.48 -9.88
C TYR A 382 -10.94 -26.43 -8.69
N GLY A 383 -11.59 -27.58 -8.84
CA GLY A 383 -11.61 -28.56 -7.75
C GLY A 383 -10.24 -29.08 -7.39
N LEU A 384 -9.28 -28.98 -8.31
CA LEU A 384 -7.91 -29.39 -8.00
C LEU A 384 -7.20 -28.41 -7.09
N ILE A 385 -7.78 -27.23 -6.84
CA ILE A 385 -7.13 -26.25 -5.97
C ILE A 385 -7.06 -26.76 -4.54
N ALA A 386 -8.18 -27.28 -4.02
CA ALA A 386 -8.26 -27.64 -2.61
C ALA A 386 -7.30 -28.74 -2.20
N PRO A 387 -7.24 -29.90 -2.89
CA PRO A 387 -6.31 -30.94 -2.46
C PRO A 387 -4.85 -30.53 -2.49
N ASN A 388 -4.44 -29.74 -3.49
CA ASN A 388 -3.02 -29.49 -3.71
C ASN A 388 -2.35 -28.89 -2.49
N PHE A 389 -2.96 -27.85 -1.90
CA PHE A 389 -2.51 -27.30 -0.62
C PHE A 389 -2.15 -28.40 0.35
N GLY A 390 -3.13 -29.25 0.69
CA GLY A 390 -2.89 -30.30 1.66
C GLY A 390 -1.72 -31.17 1.27
N VAL A 391 -1.68 -31.58 0.00
CA VAL A 391 -0.60 -32.45 -0.46
C VAL A 391 0.74 -31.77 -0.22
N GLY A 392 0.84 -30.51 -0.68
CA GLY A 392 2.09 -29.79 -0.50
C GLY A 392 2.48 -29.70 0.96
N PHE A 393 1.50 -29.35 1.80
CA PHE A 393 1.78 -29.21 3.23
C PHE A 393 2.30 -30.52 3.79
N ALA A 394 1.64 -31.62 3.42
CA ALA A 394 2.03 -32.90 3.98
C ALA A 394 3.45 -33.24 3.57
N ILE A 395 3.80 -32.97 2.30
CA ILE A 395 5.14 -33.30 1.82
C ILE A 395 6.17 -32.57 2.65
N GLY A 396 5.90 -31.31 2.98
CA GLY A 396 6.84 -30.53 3.77
C GLY A 396 7.13 -31.19 5.10
N MET A 397 6.09 -31.66 5.78
CA MET A 397 6.28 -32.36 7.04
C MET A 397 7.19 -33.55 6.85
N VAL A 398 6.90 -34.37 5.84
CA VAL A 398 7.64 -35.62 5.64
C VAL A 398 9.09 -35.32 5.29
N ASP A 399 9.36 -34.12 4.79
CA ASP A 399 10.75 -33.74 4.60
C ASP A 399 11.36 -33.30 5.92
N SER A 400 10.76 -32.31 6.58
CA SER A 400 11.43 -31.62 7.68
C SER A 400 11.68 -32.56 8.86
N SER A 401 10.88 -33.62 8.98
CA SER A 401 11.08 -34.56 10.06
C SER A 401 11.98 -35.72 9.64
N MET A 402 11.96 -36.10 8.36
CA MET A 402 12.67 -37.29 7.91
C MET A 402 14.06 -37.00 7.37
N MET A 403 14.31 -35.78 6.88
CA MET A 403 15.63 -35.47 6.36
C MET A 403 16.69 -35.44 7.46
N PRO A 404 16.53 -34.67 8.53
CA PRO A 404 17.59 -34.62 9.55
C PRO A 404 17.91 -35.95 10.19
N ILE A 405 16.90 -36.81 10.39
CA ILE A 405 17.10 -38.04 11.14
C ILE A 405 18.13 -38.94 10.46
N MET A 406 18.28 -38.82 9.14
CA MET A 406 19.33 -39.52 8.42
C MET A 406 20.67 -39.30 9.08
N GLY A 407 21.05 -38.03 9.25
CA GLY A 407 22.30 -37.72 9.93
C GLY A 407 22.35 -38.30 11.32
N TYR A 408 21.22 -38.26 12.03
CA TYR A 408 21.15 -38.85 13.36
C TYR A 408 21.51 -40.33 13.32
N LEU A 409 20.95 -41.06 12.36
CA LEU A 409 21.30 -42.47 12.24
C LEU A 409 22.78 -42.63 11.95
N VAL A 410 23.33 -41.75 11.10
CA VAL A 410 24.75 -41.81 10.79
C VAL A 410 25.57 -41.58 12.05
N ASP A 411 25.07 -40.74 12.96
CA ASP A 411 25.79 -40.47 14.20
C ASP A 411 25.43 -41.46 15.29
N LEU A 412 24.55 -42.42 15.03
CA LEU A 412 24.14 -43.36 16.07
C LEU A 412 24.51 -44.81 15.77
N ARG A 413 24.80 -45.14 14.51
CA ARG A 413 25.13 -46.53 14.19
C ARG A 413 26.23 -46.70 13.16
N HIS A 414 26.82 -45.61 12.65
CA HIS A 414 27.89 -45.68 11.66
C HIS A 414 28.90 -44.58 11.97
N VAL A 415 29.76 -44.29 10.99
CA VAL A 415 30.80 -43.26 11.14
C VAL A 415 30.27 -41.93 10.64
N SER A 416 30.70 -40.85 11.30
CA SER A 416 30.18 -39.51 11.02
C SER A 416 30.86 -38.93 9.79
N VAL A 417 30.51 -39.50 8.64
CA VAL A 417 30.92 -38.99 7.33
C VAL A 417 29.66 -38.83 6.49
N TYR A 418 29.35 -37.60 6.10
CA TYR A 418 28.14 -37.30 5.36
C TYR A 418 28.42 -37.43 3.86
N GLY A 419 27.48 -36.93 3.05
CA GLY A 419 27.61 -37.02 1.61
C GLY A 419 26.87 -38.20 1.00
N SER A 420 27.26 -39.42 1.35
CA SER A 420 26.61 -40.59 0.76
C SER A 420 25.17 -40.74 1.24
N VAL A 421 24.92 -40.50 2.52
CA VAL A 421 23.58 -40.70 3.06
C VAL A 421 22.62 -39.64 2.52
N TYR A 422 23.06 -38.38 2.44
CA TYR A 422 22.21 -37.37 1.86
C TYR A 422 22.07 -37.56 0.35
N ALA A 423 23.06 -38.17 -0.28
CA ALA A 423 22.90 -38.59 -1.67
C ALA A 423 21.81 -39.65 -1.78
N ILE A 424 21.73 -40.57 -0.82
CA ILE A 424 20.65 -41.54 -0.80
C ILE A 424 19.31 -40.83 -0.66
N ALA A 425 19.25 -39.82 0.21
CA ALA A 425 18.02 -39.06 0.36
C ALA A 425 17.62 -38.37 -0.94
N ASP A 426 18.60 -37.78 -1.64
CA ASP A 426 18.29 -37.12 -2.91
C ASP A 426 17.84 -38.11 -3.98
N VAL A 427 18.46 -39.29 -4.01
CA VAL A 427 18.03 -40.33 -4.93
C VAL A 427 16.59 -40.73 -4.65
N ALA A 428 16.24 -40.89 -3.37
CA ALA A 428 14.87 -41.20 -3.01
C ALA A 428 13.94 -40.07 -3.43
N PHE A 429 14.37 -38.83 -3.29
CA PHE A 429 13.56 -37.68 -3.71
C PHE A 429 13.29 -37.73 -5.21
N CYS A 430 14.31 -38.03 -6.00
CA CYS A 430 14.17 -38.00 -7.46
C CYS A 430 13.60 -39.29 -8.03
N MET A 431 13.44 -40.33 -7.23
CA MET A 431 12.99 -41.62 -7.76
C MET A 431 11.56 -41.59 -8.27
N GLY A 432 10.79 -40.54 -7.95
CA GLY A 432 9.41 -40.49 -8.38
C GLY A 432 9.18 -39.78 -9.70
N TYR A 433 10.03 -38.81 -10.02
CA TYR A 433 9.86 -38.05 -11.26
C TYR A 433 10.54 -38.73 -12.45
N ALA A 434 11.41 -39.71 -12.20
CA ALA A 434 12.03 -40.44 -13.30
C ALA A 434 11.15 -41.59 -13.76
N ILE A 435 10.38 -42.19 -12.85
CA ILE A 435 9.60 -43.38 -13.14
C ILE A 435 8.16 -43.03 -13.50
N GLY A 436 7.66 -41.91 -13.03
CA GLY A 436 6.25 -41.59 -13.11
C GLY A 436 5.72 -41.49 -14.52
N PRO A 437 6.13 -40.44 -15.25
CA PRO A 437 5.56 -40.20 -16.58
C PRO A 437 5.80 -41.33 -17.57
N SER A 438 6.85 -42.13 -17.36
CA SER A 438 7.17 -43.23 -18.25
C SER A 438 6.47 -44.53 -17.87
N ALA A 439 5.68 -44.52 -16.80
CA ALA A 439 4.97 -45.73 -16.40
C ALA A 439 3.48 -45.49 -16.21
N GLY A 440 3.14 -44.35 -15.61
CA GLY A 440 1.77 -44.12 -15.20
C GLY A 440 0.79 -44.11 -16.37
N GLY A 441 1.19 -43.48 -17.48
CA GLY A 441 0.35 -43.50 -18.66
C GLY A 441 0.03 -44.91 -19.13
N ALA A 442 1.02 -45.80 -19.05
CA ALA A 442 0.76 -47.21 -19.34
C ALA A 442 -0.32 -47.77 -18.43
N ILE A 443 -0.20 -47.51 -17.13
CA ILE A 443 -1.27 -47.89 -16.21
C ILE A 443 -2.55 -47.15 -16.55
N ALA A 444 -2.42 -45.90 -17.01
CA ALA A 444 -3.58 -45.17 -17.48
C ALA A 444 -4.25 -45.89 -18.64
N LYS A 445 -3.44 -46.50 -19.53
CA LYS A 445 -4.00 -47.35 -20.57
C LYS A 445 -4.47 -48.68 -19.99
N ALA A 446 -3.79 -49.15 -18.94
CA ALA A 446 -4.09 -50.48 -18.42
C ALA A 446 -5.39 -50.50 -17.62
N ILE A 447 -5.52 -49.60 -16.66
CA ILE A 447 -6.69 -49.60 -15.79
C ILE A 447 -7.43 -48.27 -15.88
N GLY A 448 -6.75 -47.20 -15.51
CA GLY A 448 -7.36 -45.88 -15.51
C GLY A 448 -6.59 -44.91 -14.66
N PHE A 449 -6.94 -43.63 -14.80
CA PHE A 449 -6.28 -42.56 -14.09
C PHE A 449 -6.77 -42.47 -12.64
N PRO A 450 -8.08 -42.36 -12.40
CA PRO A 450 -8.56 -42.37 -11.00
C PRO A 450 -8.21 -43.64 -10.25
N TRP A 451 -8.20 -44.79 -10.93
CA TRP A 451 -7.80 -46.01 -10.26
C TRP A 451 -6.33 -45.96 -9.83
N LEU A 452 -5.47 -45.41 -10.69
CA LEU A 452 -4.06 -45.27 -10.32
C LEU A 452 -3.91 -44.32 -9.14
N MET A 453 -4.63 -43.21 -9.14
CA MET A 453 -4.55 -42.27 -8.03
C MET A 453 -5.04 -42.93 -6.73
N THR A 454 -6.13 -43.69 -6.80
CA THR A 454 -6.63 -44.37 -5.61
C THR A 454 -5.63 -45.39 -5.09
N ILE A 455 -4.99 -46.13 -5.99
CA ILE A 455 -4.00 -47.11 -5.57
C ILE A 455 -2.82 -46.41 -4.88
N ILE A 456 -2.37 -45.29 -5.45
CA ILE A 456 -1.26 -44.56 -4.84
C ILE A 456 -1.65 -44.03 -3.46
N GLY A 457 -2.87 -43.51 -3.34
CA GLY A 457 -3.31 -43.03 -2.04
C GLY A 457 -3.42 -44.14 -1.01
N ILE A 458 -3.91 -45.31 -1.42
CA ILE A 458 -4.00 -46.45 -0.51
C ILE A 458 -2.60 -46.88 -0.07
N ILE A 459 -1.64 -46.90 -0.99
CA ILE A 459 -0.28 -47.26 -0.63
C ILE A 459 0.30 -46.25 0.34
N ASP A 460 0.04 -44.97 0.12
CA ASP A 460 0.54 -43.93 1.02
C ASP A 460 -0.04 -44.09 2.42
N ILE A 461 -1.35 -44.39 2.51
CA ILE A 461 -1.95 -44.59 3.82
C ILE A 461 -1.39 -45.86 4.48
N LEU A 462 -1.17 -46.91 3.70
CA LEU A 462 -0.69 -48.17 4.25
C LEU A 462 0.71 -48.05 4.81
N PHE A 463 1.60 -47.33 4.11
CA PHE A 463 2.99 -47.25 4.56
C PHE A 463 3.15 -46.45 5.84
N ALA A 464 2.11 -45.73 6.27
CA ALA A 464 2.23 -44.86 7.44
C ALA A 464 2.65 -45.58 8.72
N PRO A 465 2.05 -46.72 9.08
CA PRO A 465 2.45 -47.38 10.35
C PRO A 465 3.92 -47.77 10.41
N LEU A 466 4.57 -48.03 9.28
CA LEU A 466 5.95 -48.50 9.31
C LEU A 466 6.93 -47.47 9.86
N CYS A 467 6.53 -46.20 9.94
CA CYS A 467 7.42 -45.18 10.47
C CYS A 467 7.43 -45.13 11.99
N PHE A 468 6.61 -45.93 12.66
CA PHE A 468 6.65 -46.02 14.11
C PHE A 468 7.96 -46.62 14.62
N PHE A 469 8.65 -47.39 13.77
CA PHE A 469 9.86 -48.07 14.19
C PHE A 469 11.02 -47.13 14.50
N LEU A 470 10.91 -45.85 14.13
CA LEU A 470 12.00 -44.90 14.29
C LEU A 470 11.90 -44.10 15.59
N ARG A 471 11.08 -44.54 16.55
CA ARG A 471 10.96 -43.83 17.82
C ARG A 471 12.29 -43.82 18.56
N SER A 472 12.97 -44.96 18.59
CA SER A 472 14.26 -45.07 19.24
C SER A 472 15.04 -46.23 18.64
N PRO A 473 16.15 -45.96 17.95
CA PRO A 473 16.92 -47.04 17.35
C PRO A 473 18.05 -47.52 18.24
N PRO A 474 18.44 -48.78 18.11
CA PRO A 474 19.53 -49.31 18.94
C PRO A 474 20.83 -48.59 18.68
N ALA A 475 21.54 -48.25 19.76
CA ALA A 475 22.81 -47.56 19.64
C ALA A 475 23.91 -48.52 19.19
N LYS A 476 24.94 -47.97 18.58
CA LYS A 476 26.07 -48.77 18.11
C LYS A 476 27.07 -49.02 19.23
N MET B 1 -38.76 15.32 7.51
CA MET B 1 -38.45 13.91 7.45
C MET B 1 -37.70 13.57 6.16
N ASN B 2 -37.85 14.42 5.16
CA ASN B 2 -37.09 14.24 3.93
C ASN B 2 -35.60 14.47 4.15
N TYR B 3 -35.25 15.39 5.06
CA TYR B 3 -33.84 15.62 5.36
C TYR B 3 -33.21 14.40 6.02
N ILE B 4 -33.93 13.76 6.94
CA ILE B 4 -33.36 12.66 7.69
C ILE B 4 -33.16 11.43 6.81
N ASN B 5 -34.01 11.24 5.80
CA ASN B 5 -33.92 10.07 4.93
C ASN B 5 -32.97 10.29 3.77
N ARG B 6 -32.29 11.44 3.73
CA ARG B 6 -31.35 11.73 2.67
C ARG B 6 -29.97 12.08 3.18
N TRP B 7 -29.81 12.36 4.47
CA TRP B 7 -28.53 12.78 5.00
C TRP B 7 -28.18 12.15 6.33
N LEU B 8 -29.04 11.32 6.90
CA LEU B 8 -28.74 10.47 8.05
C LEU B 8 -29.02 9.00 7.76
N PHE B 9 -30.11 8.70 7.06
CA PHE B 9 -30.43 7.35 6.61
C PHE B 9 -30.17 7.34 5.10
N SER B 10 -28.93 7.09 4.72
CA SER B 10 -28.51 7.31 3.34
C SER B 10 -28.04 6.02 2.70
N THR B 11 -28.16 5.98 1.37
CA THR B 11 -27.68 4.85 0.59
C THR B 11 -26.91 5.33 -0.62
N ASN B 12 -27.14 6.57 -1.04
CA ASN B 12 -26.44 7.12 -2.19
C ASN B 12 -24.97 7.35 -1.85
N ALA B 13 -24.09 6.89 -2.74
CA ALA B 13 -22.65 6.95 -2.46
C ALA B 13 -22.10 8.36 -2.62
N LYS B 14 -22.67 9.17 -3.50
CA LYS B 14 -22.16 10.51 -3.72
C LYS B 14 -22.59 11.50 -2.64
N ASP B 15 -23.58 11.15 -1.81
CA ASP B 15 -23.98 12.01 -0.71
C ASP B 15 -23.18 11.77 0.56
N ILE B 16 -22.41 10.68 0.62
CA ILE B 16 -21.54 10.45 1.77
C ILE B 16 -20.18 11.11 1.59
N ALA B 17 -19.73 11.28 0.34
CA ALA B 17 -18.46 11.95 0.10
C ALA B 17 -18.49 13.40 0.56
N VAL B 18 -19.64 14.06 0.44
CA VAL B 18 -19.74 15.44 0.89
C VAL B 18 -19.60 15.54 2.41
N LEU B 19 -20.19 14.60 3.14
CA LEU B 19 -20.01 14.56 4.59
C LEU B 19 -18.58 14.24 4.96
N TYR B 20 -17.92 13.35 4.21
CA TYR B 20 -16.49 13.13 4.40
C TYR B 20 -15.68 14.41 4.22
N PHE B 21 -15.99 15.20 3.19
CA PHE B 21 -15.28 16.46 2.99
C PHE B 21 -15.50 17.42 4.15
N ILE B 22 -16.76 17.58 4.57
CA ILE B 22 -17.07 18.48 5.68
C ILE B 22 -16.45 18.04 6.99
N PHE B 23 -16.21 16.75 7.17
CA PHE B 23 -15.53 16.24 8.35
C PHE B 23 -14.00 16.40 8.25
N ALA B 24 -13.46 16.17 7.05
CA ALA B 24 -12.02 16.27 6.85
C ALA B 24 -11.53 17.70 7.05
N LEU B 25 -12.32 18.68 6.61
CA LEU B 25 -11.93 20.07 6.84
C LEU B 25 -11.79 20.37 8.34
N PHE B 26 -12.77 19.93 9.13
CA PHE B 26 -12.73 20.18 10.57
C PHE B 26 -11.52 19.50 11.21
N CYS B 27 -11.31 18.22 10.88
CA CYS B 27 -10.21 17.46 11.46
C CYS B 27 -8.85 17.84 10.90
N GLY B 28 -8.81 18.65 9.84
CA GLY B 28 -7.54 19.17 9.36
C GLY B 28 -7.26 20.56 9.86
N LEU B 29 -8.31 21.26 10.28
CA LEU B 29 -8.12 22.53 10.99
C LEU B 29 -7.61 22.31 12.40
N LEU B 30 -8.18 21.31 13.10
CA LEU B 30 -7.74 21.03 14.46
C LEU B 30 -6.25 20.67 14.51
N GLY B 31 -5.81 19.79 13.61
CA GLY B 31 -4.42 19.38 13.62
C GLY B 31 -3.46 20.50 13.28
N SER B 32 -3.85 21.36 12.32
CA SER B 32 -3.00 22.49 11.98
C SER B 32 -2.86 23.46 13.15
N ILE B 33 -3.95 23.72 13.88
CA ILE B 33 -3.81 24.61 15.04
C ILE B 33 -2.97 23.96 16.13
N MET B 34 -3.13 22.65 16.33
CA MET B 34 -2.28 21.99 17.33
C MET B 34 -0.82 21.96 16.91
N SER B 35 -0.54 22.00 15.61
CA SER B 35 0.85 22.12 15.15
C SER B 35 1.37 23.53 15.36
N LEU B 36 0.54 24.55 15.12
CA LEU B 36 0.95 25.92 15.39
C LEU B 36 1.24 26.12 16.87
N ILE B 37 0.50 25.43 17.75
CA ILE B 37 0.82 25.51 19.18
C ILE B 37 2.19 24.93 19.46
N LEU B 38 2.55 23.83 18.79
CA LEU B 38 3.89 23.26 18.94
C LEU B 38 4.96 24.23 18.48
N ARG B 39 4.75 24.84 17.31
CA ARG B 39 5.79 25.67 16.70
C ARG B 39 5.88 27.07 17.31
N LEU B 40 4.94 27.44 18.18
CA LEU B 40 5.04 28.69 18.92
C LEU B 40 5.77 28.52 20.25
N GLU B 41 5.97 27.29 20.70
CA GLU B 41 6.77 27.00 21.87
C GLU B 41 8.20 26.63 21.53
N LEU B 42 8.44 26.10 20.34
CA LEU B 42 9.79 25.82 19.83
C LEU B 42 10.30 26.99 19.01
N SER B 43 10.29 28.19 19.58
CA SER B 43 10.70 29.40 18.87
C SER B 43 11.99 29.98 19.39
N ALA B 44 12.07 30.27 20.69
CA ALA B 44 13.31 30.67 21.33
C ALA B 44 13.47 29.86 22.61
N PRO B 45 14.69 29.69 23.09
CA PRO B 45 14.92 28.83 24.26
C PRO B 45 14.18 29.33 25.50
N GLY B 46 13.65 28.40 26.27
CA GLY B 46 12.95 28.69 27.50
C GLY B 46 11.56 28.10 27.49
N ASN B 47 10.70 28.64 28.33
CA ASN B 47 9.33 28.18 28.50
C ASN B 47 8.39 29.33 28.18
N GLN B 48 7.85 29.35 26.96
CA GLN B 48 7.21 30.55 26.45
C GLN B 48 5.70 30.48 26.66
N ILE B 49 4.98 29.56 26.02
CA ILE B 49 3.52 29.59 26.10
C ILE B 49 3.03 28.62 27.17
N LEU B 50 3.26 27.33 26.96
CA LEU B 50 3.00 26.34 28.00
C LEU B 50 4.03 26.56 29.10
N MET B 51 3.57 27.03 30.26
CA MET B 51 4.46 27.72 31.19
C MET B 51 5.59 26.84 31.68
N GLY B 52 5.29 25.65 32.17
CA GLY B 52 6.35 24.74 32.54
C GLY B 52 6.00 23.29 32.30
N ASN B 53 4.86 23.05 31.65
CA ASN B 53 4.29 21.72 31.52
C ASN B 53 4.96 21.01 30.35
N HIS B 54 5.75 19.98 30.63
CA HIS B 54 6.29 19.15 29.57
C HIS B 54 5.27 18.11 29.13
N GLN B 55 4.46 17.59 30.05
CA GLN B 55 3.15 17.11 29.65
C GLN B 55 2.35 18.29 29.12
N LEU B 56 1.34 17.99 28.30
CA LEU B 56 0.60 18.94 27.49
C LEU B 56 1.41 19.40 26.27
N PHE B 57 2.68 19.00 26.18
CA PHE B 57 3.45 19.11 24.95
C PHE B 57 3.47 17.81 24.17
N ASN B 58 3.58 16.69 24.88
CA ASN B 58 3.49 15.38 24.23
C ASN B 58 2.06 15.08 23.79
N VAL B 59 1.09 15.53 24.59
CA VAL B 59 -0.31 15.35 24.23
C VAL B 59 -0.63 16.07 22.93
N VAL B 60 -0.10 17.28 22.77
CA VAL B 60 -0.34 18.04 21.54
C VAL B 60 0.24 17.31 20.34
N ALA B 61 1.46 16.78 20.47
CA ALA B 61 2.06 16.06 19.34
C ALA B 61 1.28 14.79 19.01
N THR B 62 0.85 14.04 20.02
CA THR B 62 0.09 12.82 19.75
C THR B 62 -1.24 13.13 19.08
N ALA B 63 -1.95 14.15 19.56
CA ALA B 63 -3.22 14.53 18.97
C ALA B 63 -3.04 15.19 17.61
N HIS B 64 -1.87 15.74 17.32
CA HIS B 64 -1.58 16.29 16.01
C HIS B 64 -1.27 15.20 14.99
N ALA B 65 -0.61 14.13 15.41
CA ALA B 65 -0.33 13.02 14.53
C ALA B 65 -1.58 12.18 14.27
N VAL B 66 -2.27 11.76 15.34
CA VAL B 66 -3.43 10.89 15.18
C VAL B 66 -4.54 11.61 14.42
N LEU B 67 -4.76 12.89 14.71
CA LEU B 67 -5.81 13.62 14.02
C LEU B 67 -5.53 13.80 12.54
N MET B 68 -4.29 14.14 12.17
CA MET B 68 -4.04 14.53 10.79
C MET B 68 -3.58 13.35 9.93
N VAL B 69 -3.34 12.18 10.52
CA VAL B 69 -3.04 10.99 9.74
C VAL B 69 -4.29 10.13 9.55
N PHE B 70 -5.08 9.95 10.61
CA PHE B 70 -6.26 9.10 10.56
C PHE B 70 -7.56 9.83 10.29
N PHE B 71 -7.65 11.13 10.61
CA PHE B 71 -8.90 11.86 10.50
C PHE B 71 -8.95 12.85 9.35
N LEU B 72 -7.83 13.13 8.67
CA LEU B 72 -7.85 14.02 7.53
C LEU B 72 -7.47 13.32 6.23
N VAL B 73 -6.29 12.70 6.16
CA VAL B 73 -5.79 12.21 4.88
C VAL B 73 -6.56 10.97 4.44
N MET B 74 -6.79 10.03 5.36
CA MET B 74 -7.54 8.83 4.97
C MET B 74 -8.98 9.14 4.57
N PRO B 75 -9.75 9.87 5.38
CA PRO B 75 -11.12 10.19 4.97
C PRO B 75 -11.20 10.94 3.66
N ALA B 76 -10.32 11.92 3.46
CA ALA B 76 -10.35 12.70 2.22
C ALA B 76 -9.96 11.85 1.02
N ALA B 77 -8.93 11.02 1.16
CA ALA B 77 -8.37 10.32 0.01
C ALA B 77 -9.12 9.02 -0.32
N ILE B 78 -9.83 8.43 0.62
CA ILE B 78 -10.54 7.18 0.39
C ILE B 78 -12.05 7.38 0.33
N GLY B 79 -12.56 8.40 1.00
CA GLY B 79 -13.99 8.62 1.02
C GLY B 79 -14.53 9.62 0.03
N PHE B 80 -13.99 10.85 0.04
CA PHE B 80 -14.52 11.88 -0.83
C PHE B 80 -14.11 11.68 -2.28
N PHE B 81 -12.92 11.11 -2.51
CA PHE B 81 -12.46 10.85 -3.86
C PHE B 81 -12.65 9.40 -4.30
N GLY B 82 -12.87 8.47 -3.38
CA GLY B 82 -13.06 7.09 -3.74
C GLY B 82 -14.52 6.71 -3.85
N ASN B 83 -15.32 7.12 -2.86
CA ASN B 83 -16.74 6.82 -2.91
C ASN B 83 -17.43 7.58 -4.04
N TYR B 84 -17.02 8.82 -4.28
CA TYR B 84 -17.68 9.64 -5.30
C TYR B 84 -17.24 9.26 -6.71
N LEU B 85 -15.96 8.98 -6.92
CA LEU B 85 -15.41 8.91 -8.27
C LEU B 85 -15.36 7.50 -8.85
N LEU B 86 -15.14 6.48 -8.02
CA LEU B 86 -15.01 5.13 -8.54
C LEU B 86 -16.27 4.62 -9.25
N PRO B 87 -17.47 4.70 -8.66
CA PRO B 87 -18.66 4.23 -9.37
C PRO B 87 -18.92 4.94 -10.68
N LEU B 88 -18.62 6.24 -10.77
CA LEU B 88 -18.82 6.95 -12.02
C LEU B 88 -17.82 6.52 -13.09
N MET B 89 -16.57 6.28 -12.67
CA MET B 89 -15.54 5.92 -13.64
C MET B 89 -15.66 4.48 -14.12
N ILE B 90 -16.17 3.57 -13.28
CA ILE B 90 -16.32 2.20 -13.75
C ILE B 90 -17.71 1.92 -14.30
N GLY B 91 -18.65 2.86 -14.18
CA GLY B 91 -19.95 2.74 -14.78
C GLY B 91 -21.02 2.06 -13.94
N ALA B 92 -20.91 2.10 -12.62
CA ALA B 92 -21.90 1.51 -11.73
C ALA B 92 -22.74 2.60 -11.08
N SER B 93 -23.98 2.26 -10.77
CA SER B 93 -24.92 3.22 -10.21
C SER B 93 -24.56 3.56 -8.77
N ASP B 94 -24.55 2.55 -7.90
CA ASP B 94 -24.14 2.70 -6.51
C ASP B 94 -23.25 1.53 -6.12
N MET B 95 -22.70 1.59 -4.91
CA MET B 95 -21.77 0.57 -4.46
C MET B 95 -22.54 -0.70 -4.12
N SER B 96 -21.80 -1.77 -3.86
CA SER B 96 -22.41 -3.08 -3.63
C SER B 96 -23.04 -3.19 -2.26
N PHE B 97 -22.46 -2.56 -1.25
CA PHE B 97 -22.94 -2.59 0.12
C PHE B 97 -23.04 -1.14 0.60
N ALA B 98 -24.21 -0.53 0.38
CA ALA B 98 -24.36 0.89 0.71
C ALA B 98 -24.45 1.13 2.22
N ARG B 99 -25.11 0.22 2.94
CA ARG B 99 -25.25 0.39 4.38
C ARG B 99 -23.90 0.33 5.08
N LEU B 100 -22.96 -0.48 4.57
CA LEU B 100 -21.62 -0.45 5.12
C LEU B 100 -20.92 0.87 4.82
N ASN B 101 -21.24 1.51 3.69
CA ASN B 101 -20.74 2.86 3.45
C ASN B 101 -21.24 3.82 4.51
N ASN B 102 -22.54 3.75 4.82
CA ASN B 102 -23.11 4.63 5.84
C ASN B 102 -22.47 4.37 7.20
N ILE B 103 -22.28 3.11 7.57
CA ILE B 103 -21.67 2.81 8.86
C ILE B 103 -20.21 3.25 8.91
N SER B 104 -19.48 3.10 7.79
CA SER B 104 -18.11 3.55 7.75
C SER B 104 -18.02 5.05 7.93
N PHE B 105 -18.97 5.80 7.36
CA PHE B 105 -18.99 7.23 7.63
C PHE B 105 -19.27 7.47 9.11
N TRP B 106 -20.30 6.83 9.65
CA TRP B 106 -20.83 7.24 10.94
C TRP B 106 -20.04 6.70 12.12
N LEU B 107 -19.05 5.84 11.90
CA LEU B 107 -18.18 5.44 13.01
C LEU B 107 -17.13 6.48 13.36
N LEU B 108 -16.92 7.50 12.53
CA LEU B 108 -15.84 8.47 12.74
C LEU B 108 -16.18 9.54 13.78
N PRO B 109 -17.34 10.17 13.72
CA PRO B 109 -17.72 11.15 14.76
C PRO B 109 -17.69 10.56 16.16
N PRO B 110 -18.18 9.32 16.37
CA PRO B 110 -17.97 8.70 17.70
C PRO B 110 -16.53 8.37 18.01
N ALA B 111 -15.63 8.40 17.03
CA ALA B 111 -14.21 8.21 17.30
C ALA B 111 -13.50 9.51 17.64
N LEU B 112 -13.98 10.64 17.13
CA LEU B 112 -13.37 11.92 17.48
C LEU B 112 -13.63 12.28 18.93
N VAL B 113 -14.80 11.93 19.46
CA VAL B 113 -15.17 12.29 20.82
C VAL B 113 -14.25 11.61 21.82
N SER B 114 -13.90 10.35 21.58
CA SER B 114 -13.01 9.65 22.49
C SER B 114 -11.62 10.29 22.51
N LEU B 115 -11.10 10.65 21.34
CA LEU B 115 -9.78 11.29 21.29
C LEU B 115 -9.81 12.64 21.98
N LEU B 116 -10.88 13.41 21.82
CA LEU B 116 -10.94 14.72 22.46
C LEU B 116 -11.15 14.59 23.97
N ALA B 117 -11.85 13.54 24.40
CA ALA B 117 -12.07 13.28 25.83
C ALA B 117 -10.90 12.58 26.47
N SER B 118 -9.91 12.13 25.69
CA SER B 118 -8.69 11.56 26.23
C SER B 118 -7.66 12.64 26.53
N ALA B 119 -7.99 13.91 26.30
CA ALA B 119 -7.11 15.01 26.64
C ALA B 119 -7.69 15.97 27.66
N LEU B 120 -8.80 15.61 28.31
CA LEU B 120 -9.40 16.50 29.29
C LEU B 120 -9.81 15.79 30.58
N ILE B 121 -9.81 14.46 30.60
CA ILE B 121 -10.36 13.74 31.74
C ILE B 121 -9.22 13.43 32.71
N GLU B 122 -8.00 13.77 32.32
CA GLU B 122 -6.81 13.69 33.17
C GLU B 122 -5.65 14.34 32.43
N ASN B 123 -4.43 14.15 32.95
CA ASN B 123 -3.24 14.74 32.33
C ASN B 123 -3.15 14.45 30.84
N GLY B 124 -3.50 13.23 30.43
CA GLY B 124 -3.65 12.94 29.02
C GLY B 124 -2.84 11.74 28.60
N ALA B 125 -2.61 11.63 27.29
CA ALA B 125 -1.86 10.53 26.70
C ALA B 125 -0.69 11.11 25.92
N GLY B 126 0.41 11.37 26.62
CA GLY B 126 1.63 11.84 25.99
C GLY B 126 2.59 10.72 25.70
N THR B 127 2.11 9.69 25.00
CA THR B 127 2.90 8.50 24.71
C THR B 127 3.52 8.51 23.32
N GLY B 128 3.36 9.59 22.57
CA GLY B 128 3.75 9.61 21.18
C GLY B 128 2.71 8.96 20.31
N TRP B 129 2.86 9.14 18.99
CA TRP B 129 1.95 8.51 18.05
C TRP B 129 2.04 6.99 18.15
N THR B 130 3.25 6.46 18.32
CA THR B 130 3.47 5.04 18.55
C THR B 130 3.45 4.80 20.05
N VAL B 131 2.43 4.08 20.53
CA VAL B 131 2.22 3.89 21.98
C VAL B 131 3.10 2.72 22.39
N TYR B 132 4.34 3.04 22.75
CA TYR B 132 5.27 2.00 23.14
C TYR B 132 4.90 1.40 24.49
N PRO B 133 5.20 0.12 24.71
CA PRO B 133 4.60 -0.61 25.83
C PRO B 133 5.09 -0.16 27.20
N PRO B 134 6.40 -0.08 27.45
CA PRO B 134 6.84 0.13 28.83
C PRO B 134 6.58 1.51 29.40
N LEU B 135 6.25 2.49 28.57
CA LEU B 135 5.87 3.82 29.04
C LEU B 135 4.36 3.95 29.16
N ALA B 136 3.61 3.34 28.26
CA ALA B 136 2.16 3.41 28.28
C ALA B 136 1.58 2.38 29.24
N GLY B 137 2.03 2.39 30.48
CA GLY B 137 1.53 1.45 31.46
C GLY B 137 0.61 2.11 32.46
N VAL B 138 0.72 1.73 33.74
CA VAL B 138 -0.07 2.34 34.78
C VAL B 138 0.87 2.89 35.85
N GLN B 139 2.14 3.09 35.46
CA GLN B 139 3.11 3.73 36.32
C GLN B 139 3.50 5.13 35.86
N SER B 140 3.39 5.42 34.56
CA SER B 140 3.62 6.75 34.03
C SER B 140 2.33 7.42 33.58
N HIS B 141 1.46 6.69 32.89
CA HIS B 141 0.16 7.19 32.46
C HIS B 141 -0.92 6.37 33.16
N SER B 142 -1.37 6.87 34.31
CA SER B 142 -2.34 6.18 35.15
C SER B 142 -3.66 6.93 35.09
N GLY B 143 -4.55 6.50 34.19
CA GLY B 143 -5.83 7.13 34.01
C GLY B 143 -6.52 6.66 32.75
N PRO B 144 -7.77 7.07 32.55
CA PRO B 144 -8.49 6.64 31.36
C PRO B 144 -8.16 7.45 30.11
N SER B 145 -6.88 7.66 29.84
CA SER B 145 -6.48 8.51 28.72
C SER B 145 -5.95 7.68 27.56
N VAL B 146 -4.94 6.85 27.83
CA VAL B 146 -4.45 5.95 26.80
C VAL B 146 -5.52 4.93 26.44
N ASP B 147 -6.35 4.56 27.41
CA ASP B 147 -7.43 3.61 27.18
C ASP B 147 -8.41 4.15 26.14
N LEU B 148 -8.76 5.43 26.25
CA LEU B 148 -9.70 6.06 25.34
C LEU B 148 -9.07 6.44 24.01
N ALA B 149 -7.74 6.45 23.91
CA ALA B 149 -7.08 6.67 22.64
C ALA B 149 -6.85 5.38 21.88
N ILE B 150 -6.71 4.25 22.59
CA ILE B 150 -6.69 2.96 21.91
C ILE B 150 -8.04 2.65 21.27
N PHE B 151 -9.13 3.17 21.81
CA PHE B 151 -10.45 2.92 21.25
C PHE B 151 -10.77 3.80 20.05
N ALA B 152 -9.98 4.85 19.82
CA ALA B 152 -10.12 5.66 18.61
C ALA B 152 -9.35 5.08 17.43
N LEU B 153 -8.52 4.07 17.66
CA LEU B 153 -7.83 3.35 16.60
C LEU B 153 -8.49 2.02 16.28
N HIS B 154 -9.58 1.68 16.98
CA HIS B 154 -10.39 0.51 16.67
C HIS B 154 -11.56 0.84 15.77
N LEU B 155 -12.30 1.91 16.08
CA LEU B 155 -13.42 2.32 15.24
C LEU B 155 -12.95 2.74 13.86
N THR B 156 -11.84 3.48 13.80
CA THR B 156 -11.28 3.87 12.52
C THR B 156 -10.82 2.64 11.72
N SER B 157 -10.24 1.66 12.40
CA SER B 157 -9.84 0.44 11.72
C SER B 157 -11.04 -0.32 11.15
N ILE B 158 -12.12 -0.38 11.92
CA ILE B 158 -13.35 -1.01 11.42
C ILE B 158 -13.86 -0.30 10.19
N SER B 159 -13.88 1.04 10.23
CA SER B 159 -14.35 1.82 9.10
C SER B 159 -13.50 1.58 7.86
N SER B 160 -12.18 1.59 8.02
CA SER B 160 -11.29 1.36 6.90
C SER B 160 -11.46 -0.03 6.32
N LEU B 161 -11.60 -1.04 7.18
CA LEU B 161 -11.76 -2.41 6.69
C LEU B 161 -13.07 -2.57 5.92
N LEU B 162 -14.16 -1.99 6.44
CA LEU B 162 -15.44 -2.11 5.74
C LEU B 162 -15.43 -1.34 4.44
N GLY B 163 -14.71 -0.21 4.37
CA GLY B 163 -14.55 0.47 3.09
C GLY B 163 -13.74 -0.33 2.09
N ALA B 164 -12.66 -0.96 2.56
CA ALA B 164 -11.81 -1.73 1.66
C ALA B 164 -12.54 -2.93 1.07
N ILE B 165 -13.32 -3.62 1.89
CA ILE B 165 -14.07 -4.78 1.39
C ILE B 165 -15.06 -4.35 0.32
N ASN B 166 -15.77 -3.25 0.56
CA ASN B 166 -16.72 -2.73 -0.42
C ASN B 166 -16.01 -2.34 -1.72
N PHE B 167 -14.86 -1.66 -1.62
CA PHE B 167 -14.16 -1.26 -2.83
C PHE B 167 -13.69 -2.45 -3.64
N ILE B 168 -13.16 -3.48 -2.98
CA ILE B 168 -12.69 -4.65 -3.71
C ILE B 168 -13.86 -5.41 -4.33
N THR B 169 -14.99 -5.49 -3.63
CA THR B 169 -16.13 -6.23 -4.15
C THR B 169 -16.97 -5.45 -5.15
N THR B 170 -16.75 -4.14 -5.28
CA THR B 170 -17.47 -3.33 -6.26
C THR B 170 -16.77 -3.27 -7.62
N THR B 171 -15.44 -3.23 -7.62
CA THR B 171 -14.70 -3.12 -8.88
C THR B 171 -14.54 -4.45 -9.58
N LEU B 172 -15.05 -5.54 -8.99
CA LEU B 172 -14.90 -6.85 -9.61
C LEU B 172 -16.14 -7.23 -10.42
N ASN B 173 -17.33 -7.04 -9.86
CA ASN B 173 -18.54 -7.49 -10.52
C ASN B 173 -19.58 -6.40 -10.78
N MET B 174 -19.18 -5.13 -10.81
CA MET B 174 -20.10 -4.05 -11.13
C MET B 174 -19.54 -3.12 -12.21
N ARG B 175 -19.01 -3.69 -13.28
CA ARG B 175 -18.50 -2.89 -14.38
C ARG B 175 -19.52 -2.79 -15.50
N THR B 176 -19.20 -1.99 -16.51
CA THR B 176 -20.12 -1.73 -17.61
C THR B 176 -20.07 -2.92 -18.59
N ILE B 177 -20.66 -2.73 -19.76
CA ILE B 177 -20.78 -3.82 -20.72
C ILE B 177 -19.42 -4.21 -21.27
N GLY B 178 -18.58 -3.24 -21.57
CA GLY B 178 -17.33 -3.54 -22.25
C GLY B 178 -16.06 -3.10 -21.57
N MET B 179 -16.00 -3.20 -20.25
CA MET B 179 -14.79 -2.87 -19.49
C MET B 179 -14.22 -4.14 -18.88
N THR B 180 -13.28 -4.75 -19.58
CA THR B 180 -12.47 -5.80 -18.99
C THR B 180 -11.52 -5.18 -17.97
N MET B 181 -10.96 -6.00 -17.09
CA MET B 181 -10.11 -5.46 -16.04
C MET B 181 -8.66 -5.26 -16.52
N SER B 182 -8.52 -4.61 -17.66
CA SER B 182 -7.26 -4.08 -18.13
C SER B 182 -7.45 -2.74 -18.81
N LYS B 183 -8.68 -2.29 -18.99
CA LYS B 183 -9.01 -0.98 -19.53
C LYS B 183 -9.44 -0.02 -18.44
N LEU B 184 -9.34 -0.43 -17.17
CA LEU B 184 -9.74 0.42 -16.07
C LEU B 184 -8.85 1.65 -15.98
N PRO B 185 -9.39 2.78 -15.53
CA PRO B 185 -8.55 3.95 -15.28
C PRO B 185 -7.60 3.69 -14.12
N LEU B 186 -6.61 4.58 -14.00
CA LEU B 186 -5.54 4.38 -13.03
C LEU B 186 -6.01 4.58 -11.60
N PHE B 187 -6.98 5.48 -11.38
CA PHE B 187 -7.44 5.76 -10.04
C PHE B 187 -8.09 4.54 -9.40
N VAL B 188 -8.86 3.77 -10.19
CA VAL B 188 -9.48 2.55 -9.67
C VAL B 188 -8.42 1.55 -9.26
N TRP B 189 -7.36 1.41 -10.06
CA TRP B 189 -6.27 0.52 -9.72
C TRP B 189 -5.60 0.95 -8.41
N ALA B 190 -5.37 2.25 -8.24
CA ALA B 190 -4.77 2.74 -7.00
C ALA B 190 -5.64 2.41 -5.80
N VAL B 191 -6.96 2.61 -5.93
CA VAL B 191 -7.85 2.33 -4.81
C VAL B 191 -7.88 0.84 -4.50
N VAL B 192 -7.85 -0.02 -5.51
CA VAL B 192 -7.84 -1.46 -5.27
C VAL B 192 -6.56 -1.86 -4.55
N PHE B 193 -5.42 -1.34 -5.00
CA PHE B 193 -4.14 -1.72 -4.40
C PHE B 193 -4.04 -1.22 -2.96
N THR B 194 -4.62 -0.06 -2.65
CA THR B 194 -4.63 0.39 -1.26
C THR B 194 -5.61 -0.39 -0.41
N SER B 195 -6.74 -0.82 -0.97
CA SER B 195 -7.71 -1.61 -0.23
C SER B 195 -7.22 -3.02 0.08
N ILE B 196 -6.32 -3.57 -0.72
CA ILE B 196 -5.67 -4.83 -0.35
C ILE B 196 -4.69 -4.66 0.80
N LEU B 197 -3.92 -3.58 0.83
CA LEU B 197 -3.03 -3.31 1.95
C LEU B 197 -3.79 -3.10 3.24
N LEU B 198 -4.93 -2.41 3.17
CA LEU B 198 -5.75 -2.24 4.36
C LEU B 198 -6.25 -3.59 4.90
N LEU B 199 -6.62 -4.51 4.02
CA LEU B 199 -7.01 -5.84 4.49
C LEU B 199 -5.86 -6.57 5.14
N LEU B 200 -4.67 -6.53 4.54
CA LEU B 200 -3.56 -7.34 5.03
C LEU B 200 -2.77 -6.70 6.16
N SER B 201 -3.05 -5.45 6.54
CA SER B 201 -2.25 -4.80 7.58
C SER B 201 -2.98 -4.51 8.88
N LEU B 202 -4.28 -4.24 8.85
CA LEU B 202 -5.02 -3.76 10.02
C LEU B 202 -5.09 -4.77 11.18
N PRO B 203 -5.36 -6.06 10.92
CA PRO B 203 -5.47 -7.02 12.03
C PRO B 203 -4.26 -7.07 12.95
N VAL B 204 -3.05 -6.91 12.42
CA VAL B 204 -1.86 -6.92 13.27
C VAL B 204 -1.88 -5.76 14.23
N LEU B 205 -2.24 -4.56 13.75
CA LEU B 205 -2.38 -3.42 14.64
C LEU B 205 -3.44 -3.66 15.69
N SER B 206 -4.57 -4.24 15.30
CA SER B 206 -5.63 -4.50 16.26
C SER B 206 -5.15 -5.45 17.36
N ALA B 207 -4.46 -6.52 16.97
CA ALA B 207 -3.93 -7.47 17.95
C ALA B 207 -2.93 -6.79 18.88
N GLY B 208 -2.02 -5.99 18.33
CA GLY B 208 -1.03 -5.33 19.17
C GLY B 208 -1.65 -4.38 20.19
N VAL B 209 -2.59 -3.53 19.73
CA VAL B 209 -3.19 -2.57 20.64
C VAL B 209 -4.06 -3.27 21.68
N THR B 210 -4.77 -4.33 21.29
CA THR B 210 -5.58 -5.07 22.26
C THR B 210 -4.70 -5.74 23.33
N LEU B 211 -3.56 -6.30 22.91
CA LEU B 211 -2.65 -6.88 23.89
C LEU B 211 -2.10 -5.82 24.83
N LEU B 212 -1.78 -4.63 24.32
CA LEU B 212 -1.36 -3.54 25.20
C LEU B 212 -2.46 -3.18 26.19
N LEU B 213 -3.71 -3.14 25.72
CA LEU B 213 -4.84 -2.82 26.60
C LEU B 213 -4.96 -3.86 27.71
N LEU B 214 -4.84 -5.13 27.35
CA LEU B 214 -4.91 -6.21 28.35
C LEU B 214 -3.77 -6.13 29.33
N ASP B 215 -2.58 -5.75 28.88
CA ASP B 215 -1.45 -5.57 29.79
C ASP B 215 -1.72 -4.44 30.77
N ARG B 216 -2.32 -3.34 30.29
CA ARG B 216 -2.62 -2.22 31.17
C ARG B 216 -3.66 -2.60 32.23
N ASN B 217 -4.79 -3.16 31.81
CA ASN B 217 -5.96 -3.21 32.68
C ASN B 217 -6.23 -4.58 33.30
N PHE B 218 -5.67 -5.67 32.76
CA PHE B 218 -5.96 -7.00 33.27
C PHE B 218 -4.70 -7.76 33.66
N ASN B 219 -3.60 -7.03 33.90
CA ASN B 219 -2.28 -7.49 34.39
C ASN B 219 -1.90 -8.88 33.86
N THR B 220 -1.77 -8.97 32.54
CA THR B 220 -1.49 -10.23 31.87
C THR B 220 -0.02 -10.44 31.55
N SER B 221 0.79 -9.38 31.53
CA SER B 221 2.25 -9.49 31.39
C SER B 221 2.66 -10.01 30.01
N PHE B 222 2.06 -9.44 28.96
CA PHE B 222 2.51 -9.75 27.61
C PHE B 222 3.86 -9.12 27.32
N PHE B 223 4.04 -7.85 27.67
CA PHE B 223 5.25 -7.10 27.34
C PHE B 223 6.00 -6.64 28.59
N GLU B 224 5.72 -7.24 29.74
CA GLU B 224 6.46 -6.93 30.95
C GLU B 224 7.61 -7.91 31.12
N PRO B 225 8.84 -7.43 31.26
CA PRO B 225 9.99 -8.34 31.30
C PRO B 225 10.24 -8.96 32.65
N ALA B 226 9.26 -8.86 33.56
CA ALA B 226 9.35 -9.50 34.87
C ALA B 226 8.55 -10.79 34.92
N GLY B 227 7.99 -11.21 33.79
CA GLY B 227 7.24 -12.45 33.72
C GLY B 227 7.62 -13.27 32.52
N GLY B 228 8.45 -12.71 31.65
CA GLY B 228 8.95 -13.43 30.49
C GLY B 228 8.56 -12.81 29.17
N GLY B 229 8.23 -11.52 29.17
CA GLY B 229 7.82 -10.83 27.98
C GLY B 229 8.89 -9.86 27.50
N ASP B 230 8.70 -9.38 26.27
CA ASP B 230 9.64 -8.46 25.67
C ASP B 230 8.90 -7.28 25.04
N PRO B 231 9.33 -6.05 25.33
CA PRO B 231 8.73 -4.89 24.66
C PRO B 231 8.89 -4.92 23.16
N ILE B 232 10.00 -5.47 22.65
CA ILE B 232 10.31 -5.44 21.22
C ILE B 232 9.22 -6.08 20.40
N LEU B 233 8.52 -7.07 20.96
CA LEU B 233 7.41 -7.71 20.25
C LEU B 233 6.40 -6.68 19.77
N TYR B 234 5.99 -5.76 20.65
CA TYR B 234 5.04 -4.72 20.27
C TYR B 234 5.54 -3.97 19.06
N GLN B 235 6.84 -3.64 19.04
CA GLN B 235 7.41 -2.92 17.92
C GLN B 235 7.16 -3.64 16.61
N HIS B 236 7.45 -4.94 16.58
CA HIS B 236 7.14 -5.74 15.39
C HIS B 236 5.66 -5.62 15.06
N LEU B 237 4.81 -5.90 16.05
CA LEU B 237 3.38 -5.93 15.81
C LEU B 237 2.83 -4.54 15.50
N PHE B 238 3.62 -3.49 15.72
CA PHE B 238 3.14 -2.20 15.28
C PHE B 238 3.64 -1.88 13.87
N TRP B 239 4.90 -2.19 13.59
CA TRP B 239 5.48 -1.65 12.36
C TRP B 239 5.09 -2.44 11.13
N PHE B 240 4.60 -3.67 11.31
CA PHE B 240 3.94 -4.36 10.22
C PHE B 240 2.76 -3.54 9.69
N PHE B 241 2.11 -2.78 10.58
CA PHE B 241 1.10 -1.83 10.14
C PHE B 241 1.72 -0.50 9.75
N GLY B 242 2.89 -0.18 10.32
CA GLY B 242 3.47 1.14 10.13
C GLY B 242 3.85 1.46 8.71
N HIS B 243 4.48 0.52 8.01
CA HIS B 243 4.94 0.86 6.67
C HIS B 243 3.83 0.79 5.63
N PRO B 244 3.01 -0.28 5.61
CA PRO B 244 1.87 -0.28 4.68
C PRO B 244 0.97 0.93 4.84
N GLU B 245 0.74 1.36 6.09
CA GLU B 245 -0.05 2.56 6.35
C GLU B 245 0.51 3.74 5.57
N VAL B 246 1.83 3.94 5.64
CA VAL B 246 2.49 5.04 4.97
C VAL B 246 2.31 5.00 3.46
N TYR B 247 2.10 3.82 2.88
CA TYR B 247 1.84 3.77 1.44
C TYR B 247 0.37 3.93 1.12
N ILE B 248 -0.51 3.57 2.05
CA ILE B 248 -1.94 3.74 1.84
C ILE B 248 -2.27 5.22 1.64
N LEU B 249 -1.48 6.10 2.26
CA LEU B 249 -1.69 7.53 2.13
C LEU B 249 -1.19 8.08 0.81
N ILE B 250 -0.31 7.37 0.11
CA ILE B 250 0.37 7.94 -1.06
C ILE B 250 -0.06 7.31 -2.38
N ILE B 251 -0.48 6.05 -2.40
CA ILE B 251 -0.90 5.43 -3.66
C ILE B 251 -2.14 6.11 -4.23
N PRO B 252 -3.19 6.41 -3.47
CA PRO B 252 -4.32 7.16 -4.04
C PRO B 252 -3.93 8.50 -4.62
N GLY B 253 -2.93 9.17 -4.06
CA GLY B 253 -2.50 10.45 -4.61
C GLY B 253 -1.93 10.32 -6.01
N PHE B 254 -1.08 9.31 -6.23
CA PHE B 254 -0.39 9.13 -7.52
C PHE B 254 -1.37 9.16 -8.67
N GLY B 255 -2.42 8.34 -8.59
CA GLY B 255 -3.40 8.27 -9.66
C GLY B 255 -4.02 9.61 -9.97
N ILE B 256 -4.33 10.40 -8.93
CA ILE B 256 -4.91 11.72 -9.14
C ILE B 256 -3.99 12.54 -10.03
N ILE B 257 -2.69 12.57 -9.71
CA ILE B 257 -1.74 13.35 -10.48
C ILE B 257 -1.75 12.90 -11.94
N SER B 258 -1.86 11.58 -12.15
CA SER B 258 -1.87 11.04 -13.51
C SER B 258 -2.96 11.70 -14.34
N HIS B 259 -4.17 11.79 -13.78
CA HIS B 259 -5.27 12.38 -14.52
C HIS B 259 -4.96 13.81 -14.92
N ILE B 260 -4.41 14.59 -14.00
CA ILE B 260 -4.10 15.99 -14.31
C ILE B 260 -3.04 16.03 -15.41
N VAL B 261 -2.02 15.18 -15.31
CA VAL B 261 -0.95 15.21 -16.30
C VAL B 261 -1.48 14.79 -17.66
N SER B 262 -2.56 13.99 -17.67
CA SER B 262 -3.12 13.57 -18.93
C SER B 262 -4.06 14.62 -19.53
N THR B 263 -4.56 15.56 -18.73
CA THR B 263 -5.63 16.41 -19.22
C THR B 263 -5.14 17.81 -19.61
N TYR B 264 -4.28 18.41 -18.80
CA TYR B 264 -3.79 19.74 -19.14
C TYR B 264 -2.55 19.71 -20.00
N SER B 265 -1.95 18.54 -20.21
CA SER B 265 -0.97 18.29 -21.26
C SER B 265 -1.59 17.24 -22.16
N LYS B 266 -2.09 17.67 -23.32
CA LYS B 266 -3.03 16.87 -24.10
C LYS B 266 -2.30 15.69 -24.75
N LYS B 267 -1.98 14.71 -23.91
CA LYS B 267 -1.26 13.52 -24.31
C LYS B 267 -1.64 12.38 -23.38
N PRO B 268 -1.87 11.18 -23.91
CA PRO B 268 -2.14 10.03 -23.04
C PRO B 268 -0.92 9.65 -22.22
N VAL B 269 -1.19 8.95 -21.11
CA VAL B 269 -0.13 8.63 -20.17
C VAL B 269 0.85 7.65 -20.79
N PHE B 270 2.14 7.90 -20.57
CA PHE B 270 3.21 7.07 -21.11
C PHE B 270 3.27 5.76 -20.34
N GLY B 271 2.89 4.66 -21.00
CA GLY B 271 3.04 3.35 -20.41
C GLY B 271 2.12 3.09 -19.24
N ALA B 272 0.82 2.98 -19.50
CA ALA B 272 -0.14 2.74 -18.43
C ALA B 272 0.11 1.40 -17.74
N ILE B 273 0.42 0.36 -18.52
CA ILE B 273 0.68 -0.96 -17.94
C ILE B 273 1.91 -0.90 -17.04
N GLY B 274 2.93 -0.15 -17.45
CA GLY B 274 4.07 0.07 -16.58
C GLY B 274 3.68 0.70 -15.25
N MET B 275 2.74 1.65 -15.28
CA MET B 275 2.34 2.32 -14.07
C MET B 275 1.54 1.40 -13.16
N VAL B 276 0.66 0.57 -13.73
CA VAL B 276 -0.08 -0.36 -12.89
C VAL B 276 0.84 -1.39 -12.25
N TYR B 277 1.80 -1.92 -13.02
CA TYR B 277 2.73 -2.87 -12.40
C TYR B 277 3.65 -2.18 -11.39
N ALA B 278 3.99 -0.91 -11.62
CA ALA B 278 4.77 -0.18 -10.62
C ALA B 278 4.01 -0.04 -9.31
N MET B 279 2.72 0.32 -9.38
CA MET B 279 1.93 0.41 -8.15
C MET B 279 1.82 -0.95 -7.47
N GLY B 280 1.62 -2.02 -8.26
CA GLY B 280 1.55 -3.35 -7.67
C GLY B 280 2.84 -3.74 -6.96
N SER B 281 3.98 -3.48 -7.58
CA SER B 281 5.26 -3.81 -6.95
C SER B 281 5.50 -2.98 -5.70
N ILE B 282 5.14 -1.69 -5.74
CA ILE B 282 5.29 -0.84 -4.54
C ILE B 282 4.42 -1.37 -3.41
N GLY B 283 3.20 -1.82 -3.74
CA GLY B 283 2.34 -2.39 -2.71
C GLY B 283 2.89 -3.70 -2.15
N PHE B 284 3.47 -4.53 -3.01
CA PHE B 284 3.94 -5.83 -2.54
C PHE B 284 5.22 -5.71 -1.72
N LEU B 285 6.08 -4.77 -2.08
CA LEU B 285 7.36 -4.62 -1.38
C LEU B 285 7.23 -3.75 -0.14
N GLY B 286 6.00 -3.38 0.22
CA GLY B 286 5.78 -2.58 1.39
C GLY B 286 5.44 -3.44 2.59
N LEU B 287 5.34 -4.74 2.36
CA LEU B 287 5.06 -5.71 3.41
C LEU B 287 6.29 -6.48 3.86
N LEU B 288 7.31 -6.57 3.01
CA LEU B 288 8.51 -7.33 3.29
C LEU B 288 9.60 -6.50 3.95
N VAL B 289 9.37 -5.22 4.19
CA VAL B 289 10.35 -4.36 4.86
C VAL B 289 9.62 -3.51 5.90
N TRP B 290 9.86 -3.83 7.18
CA TRP B 290 9.31 -3.04 8.26
C TRP B 290 10.29 -2.83 9.41
N SER B 291 11.47 -3.45 9.39
CA SER B 291 12.41 -3.36 10.48
C SER B 291 13.50 -2.35 10.23
N HIS B 292 13.37 -1.50 9.21
CA HIS B 292 14.30 -0.38 9.12
C HIS B 292 13.90 0.75 10.05
N HIS B 293 12.74 0.62 10.70
CA HIS B 293 12.35 1.54 11.75
C HIS B 293 13.09 1.27 13.05
N MET B 294 13.60 0.06 13.22
CA MET B 294 14.26 -0.37 14.47
C MET B 294 15.59 -1.00 14.11
N TYR B 295 16.62 -0.17 13.95
CA TYR B 295 17.98 -0.65 13.81
C TYR B 295 18.78 -0.54 15.10
N THR B 296 18.31 0.27 16.05
CA THR B 296 19.04 0.53 17.28
C THR B 296 18.55 -0.31 18.45
N VAL B 297 17.61 -1.24 18.21
CA VAL B 297 17.11 -2.10 19.27
C VAL B 297 18.05 -3.23 19.61
N GLY B 298 19.02 -3.53 18.76
CA GLY B 298 19.95 -4.62 19.01
C GLY B 298 19.71 -5.84 18.15
N LEU B 299 19.38 -5.63 16.88
CA LEU B 299 19.16 -6.74 15.97
C LEU B 299 20.48 -7.41 15.62
N ASP B 300 20.38 -8.53 14.90
CA ASP B 300 21.56 -9.25 14.44
C ASP B 300 22.28 -8.42 13.37
N VAL B 301 23.43 -8.91 12.90
CA VAL B 301 24.17 -8.22 11.86
C VAL B 301 23.79 -8.73 10.47
N ASP B 302 22.98 -9.79 10.40
CA ASP B 302 22.50 -10.31 9.14
C ASP B 302 21.03 -10.00 8.92
N SER B 303 20.34 -9.45 9.91
CA SER B 303 19.00 -8.91 9.74
C SER B 303 19.03 -7.47 9.26
N ARG B 304 20.06 -6.71 9.65
CA ARG B 304 20.25 -5.37 9.08
C ARG B 304 20.61 -5.46 7.60
N ALA B 305 21.41 -6.46 7.23
CA ALA B 305 21.82 -6.61 5.84
C ALA B 305 20.65 -6.92 4.92
N TYR B 306 19.70 -7.74 5.37
CA TYR B 306 18.54 -8.05 4.54
C TYR B 306 17.68 -6.80 4.34
N PHE B 307 17.40 -6.07 5.42
CA PHE B 307 16.50 -4.93 5.34
C PHE B 307 17.12 -3.73 4.67
N THR B 308 18.44 -3.57 4.73
CA THR B 308 19.09 -2.51 3.99
C THR B 308 19.05 -2.76 2.49
N SER B 309 18.91 -4.03 2.08
CA SER B 309 18.79 -4.35 0.67
C SER B 309 17.34 -4.28 0.20
N ALA B 310 16.43 -4.84 1.00
CA ALA B 310 15.01 -4.88 0.63
C ALA B 310 14.35 -3.52 0.69
N THR B 311 14.99 -2.51 1.27
CA THR B 311 14.41 -1.17 1.31
C THR B 311 14.77 -0.36 0.07
N MET B 312 15.99 -0.55 -0.45
CA MET B 312 16.45 0.22 -1.59
C MET B 312 15.89 -0.28 -2.91
N VAL B 313 15.18 -1.42 -2.92
CA VAL B 313 14.61 -1.91 -4.16
C VAL B 313 13.36 -1.14 -4.54
N ILE B 314 12.71 -0.49 -3.57
CA ILE B 314 11.51 0.28 -3.86
C ILE B 314 11.82 1.50 -4.71
N ALA B 315 13.08 1.96 -4.74
CA ALA B 315 13.43 3.12 -5.54
C ALA B 315 13.22 2.86 -7.03
N VAL B 316 13.39 1.61 -7.47
CA VAL B 316 13.23 1.26 -8.88
C VAL B 316 11.79 1.48 -9.34
N PRO B 317 10.78 0.95 -8.66
CA PRO B 317 9.39 1.14 -9.13
C PRO B 317 8.94 2.60 -9.17
N THR B 318 9.36 3.43 -8.21
CA THR B 318 8.90 4.82 -8.20
C THR B 318 9.56 5.65 -9.29
N GLY B 319 10.80 5.30 -9.65
CA GLY B 319 11.44 5.98 -10.76
C GLY B 319 10.69 5.79 -12.06
N ILE B 320 10.07 4.62 -12.24
CA ILE B 320 9.28 4.37 -13.43
C ILE B 320 8.11 5.36 -13.49
N LYS B 321 7.42 5.56 -12.37
CA LYS B 321 6.29 6.49 -12.37
C LYS B 321 6.75 7.92 -12.61
N ILE B 322 7.83 8.34 -11.97
CA ILE B 322 8.31 9.71 -12.13
C ILE B 322 8.71 9.96 -13.58
N PHE B 323 9.50 9.06 -14.15
CA PHE B 323 9.95 9.23 -15.53
C PHE B 323 8.80 9.11 -16.51
N SER B 324 7.78 8.30 -16.18
CA SER B 324 6.61 8.21 -17.04
C SER B 324 5.82 9.50 -17.04
N TRP B 325 5.67 10.14 -15.88
CA TRP B 325 5.00 11.44 -15.84
C TRP B 325 5.79 12.49 -16.63
N LEU B 326 7.12 12.48 -16.50
CA LEU B 326 7.92 13.41 -17.29
C LEU B 326 7.75 13.16 -18.78
N ALA B 327 7.76 11.89 -19.20
CA ALA B 327 7.57 11.59 -20.62
C ALA B 327 6.18 11.98 -21.10
N THR B 328 5.17 11.86 -20.24
CA THR B 328 3.83 12.31 -20.61
C THR B 328 3.81 13.82 -20.83
N LEU B 329 4.48 14.58 -19.96
CA LEU B 329 4.52 16.03 -20.08
C LEU B 329 5.43 16.51 -21.20
N TYR B 330 6.33 15.67 -21.70
CA TYR B 330 7.38 16.15 -22.61
C TYR B 330 6.79 16.75 -23.88
N GLY B 331 6.17 15.93 -24.72
CA GLY B 331 5.83 16.35 -26.06
C GLY B 331 4.66 17.30 -26.22
N GLY B 332 3.75 17.31 -25.25
CA GLY B 332 2.47 17.96 -25.41
C GLY B 332 2.49 19.45 -25.10
N SER B 333 1.30 20.04 -25.15
CA SER B 333 1.10 21.44 -24.79
C SER B 333 0.69 21.55 -23.33
N ILE B 334 1.24 22.57 -22.66
CA ILE B 334 1.03 22.75 -21.23
C ILE B 334 0.43 24.12 -20.98
N ARG B 335 -0.74 24.15 -20.35
CA ARG B 335 -1.40 25.37 -19.92
C ARG B 335 -1.47 25.35 -18.40
N TYR B 336 -1.00 26.43 -17.79
CA TYR B 336 -0.75 26.46 -16.34
C TYR B 336 -2.02 26.88 -15.62
N THR B 337 -2.95 25.93 -15.48
CA THR B 337 -4.11 26.09 -14.62
C THR B 337 -3.74 25.69 -13.20
N THR B 338 -4.65 25.94 -12.27
CA THR B 338 -4.31 25.76 -10.86
C THR B 338 -4.09 24.30 -10.46
N PRO B 339 -4.78 23.30 -11.00
CA PRO B 339 -4.38 21.92 -10.68
C PRO B 339 -3.00 21.55 -11.22
N MET B 340 -2.60 22.11 -12.36
CA MET B 340 -1.31 21.76 -12.94
C MET B 340 -0.14 22.36 -12.16
N LEU B 341 -0.33 23.51 -11.52
CA LEU B 341 0.71 24.05 -10.65
C LEU B 341 0.99 23.09 -9.50
N TYR B 342 -0.07 22.57 -8.88
CA TYR B 342 0.09 21.59 -7.81
C TYR B 342 0.72 20.30 -8.34
N ALA B 343 0.34 19.88 -9.54
CA ALA B 343 0.93 18.68 -10.12
C ALA B 343 2.42 18.87 -10.35
N PHE B 344 2.84 20.03 -10.87
CA PHE B 344 4.25 20.33 -11.05
C PHE B 344 5.00 20.42 -9.74
N ALA B 345 4.38 20.95 -8.68
CA ALA B 345 5.04 21.08 -7.39
C ALA B 345 5.09 19.76 -6.63
N PHE B 346 4.55 18.69 -7.18
CA PHE B 346 4.58 17.37 -6.56
C PHE B 346 5.66 16.48 -7.15
N LEU B 347 6.04 16.68 -8.42
CA LEU B 347 7.11 15.92 -9.05
C LEU B 347 8.48 16.27 -8.52
N PHE B 348 8.68 17.48 -8.01
CA PHE B 348 9.98 17.93 -7.54
C PHE B 348 10.16 17.77 -6.04
N LEU B 349 9.18 18.21 -5.24
CA LEU B 349 9.31 18.13 -3.79
C LEU B 349 9.26 16.70 -3.29
N PHE B 350 8.39 15.87 -3.86
CA PHE B 350 8.34 14.46 -3.48
C PHE B 350 9.66 13.77 -3.80
N THR B 351 10.30 14.13 -4.90
CA THR B 351 11.60 13.56 -5.22
C THR B 351 12.65 13.95 -4.18
N VAL B 352 12.63 15.21 -3.74
CA VAL B 352 13.55 15.65 -2.70
C VAL B 352 13.27 14.91 -1.40
N GLY B 353 12.00 14.63 -1.13
CA GLY B 353 11.65 13.91 0.08
C GLY B 353 12.03 12.45 0.05
N GLY B 354 11.90 11.80 -1.09
CA GLY B 354 12.21 10.39 -1.19
C GLY B 354 13.68 10.09 -1.32
N LEU B 355 14.45 11.06 -1.82
CA LEU B 355 15.89 10.87 -1.95
C LEU B 355 16.59 10.85 -0.60
N SER B 356 16.08 11.60 0.38
CA SER B 356 16.67 11.54 1.71
C SER B 356 16.39 10.21 2.38
N GLY B 357 15.34 9.50 1.95
CA GLY B 357 15.05 8.18 2.48
C GLY B 357 16.11 7.16 2.16
N VAL B 358 16.74 7.25 0.98
CA VAL B 358 17.82 6.34 0.63
C VAL B 358 19.04 6.54 1.50
N VAL B 359 19.16 7.69 2.18
CA VAL B 359 20.25 7.96 3.10
C VAL B 359 19.98 7.39 4.48
N LEU B 360 18.73 7.09 4.80
CA LEU B 360 18.36 6.57 6.11
C LEU B 360 18.08 5.08 6.11
N SER B 361 18.01 4.43 4.95
CA SER B 361 17.74 3.00 4.92
C SER B 361 18.96 2.18 5.29
N ASN B 362 20.16 2.74 5.14
CA ASN B 362 21.38 2.05 5.53
C ASN B 362 21.43 1.84 7.04
N ALA B 363 21.81 0.64 7.45
CA ALA B 363 21.98 0.36 8.86
C ALA B 363 23.17 1.09 9.44
N SER B 364 24.20 1.37 8.63
CA SER B 364 25.39 2.03 9.12
C SER B 364 25.14 3.51 9.40
N LEU B 365 24.46 4.21 8.49
CA LEU B 365 24.21 5.63 8.65
C LEU B 365 23.07 5.93 9.61
N ASP B 366 22.27 4.93 9.98
CA ASP B 366 21.11 5.19 10.82
C ASP B 366 21.53 5.44 12.26
N ILE B 367 22.77 5.11 12.63
CA ILE B 367 23.27 5.46 13.95
C ILE B 367 23.65 6.92 14.08
N ALA B 368 23.44 7.72 13.02
CA ALA B 368 23.66 9.15 13.08
C ALA B 368 22.38 9.96 12.89
N PHE B 369 21.29 9.34 12.44
CA PHE B 369 20.07 10.06 12.11
C PHE B 369 18.84 9.62 12.90
N HIS B 370 18.86 8.44 13.52
CA HIS B 370 17.69 7.95 14.22
C HIS B 370 17.36 8.80 15.42
N ASP B 371 16.07 9.07 15.61
CA ASP B 371 15.59 9.96 16.67
C ASP B 371 16.23 11.34 16.55
N THR B 372 16.11 11.92 15.36
CA THR B 372 16.65 13.24 15.07
C THR B 372 15.73 13.90 14.06
N TYR B 373 15.86 15.22 13.93
CA TYR B 373 14.96 15.97 13.05
C TYR B 373 15.21 15.70 11.57
N TYR B 374 16.26 14.95 11.21
CA TYR B 374 16.41 14.53 9.81
C TYR B 374 15.24 13.67 9.37
N VAL B 375 14.83 12.71 10.21
CA VAL B 375 13.67 11.88 9.88
C VAL B 375 12.43 12.72 9.73
N ILE B 376 12.27 13.70 10.62
CA ILE B 376 11.11 14.59 10.59
C ILE B 376 11.05 15.34 9.27
N GLY B 377 12.14 16.03 8.92
CA GLY B 377 12.17 16.77 7.68
C GLY B 377 12.04 15.88 6.46
N HIS B 378 12.55 14.66 6.55
CA HIS B 378 12.31 13.67 5.50
C HIS B 378 10.82 13.44 5.29
N PHE B 379 10.09 13.14 6.36
CA PHE B 379 8.74 12.72 6.10
C PHE B 379 7.77 13.88 5.91
N HIS B 380 8.17 15.12 6.19
CA HIS B 380 7.22 16.18 5.88
C HIS B 380 7.08 16.42 4.39
N TYR B 381 8.16 16.34 3.63
CA TYR B 381 8.09 16.57 2.19
C TYR B 381 7.21 15.53 1.53
N VAL B 382 7.25 14.30 2.02
CA VAL B 382 6.46 13.22 1.48
C VAL B 382 5.02 13.21 1.99
N LEU B 383 4.78 13.70 3.21
CA LEU B 383 3.43 13.77 3.76
C LEU B 383 2.78 15.13 3.55
N SER B 384 3.43 16.19 4.04
CA SER B 384 2.82 17.52 3.99
C SER B 384 2.88 18.11 2.59
N LEU B 385 3.96 17.85 1.85
CA LEU B 385 4.11 18.36 0.50
C LEU B 385 3.83 17.32 -0.58
N GLY B 386 3.51 16.09 -0.20
CA GLY B 386 3.21 15.06 -1.17
C GLY B 386 1.75 14.67 -1.26
N ALA B 387 1.08 14.58 -0.11
CA ALA B 387 -0.31 14.15 -0.07
C ALA B 387 -1.29 15.31 -0.02
N VAL B 388 -0.99 16.33 0.79
CA VAL B 388 -1.88 17.48 0.86
C VAL B 388 -1.92 18.23 -0.46
N PHE B 389 -0.79 18.29 -1.16
CA PHE B 389 -0.78 18.93 -2.47
C PHE B 389 -1.67 18.17 -3.44
N SER B 390 -1.64 16.84 -3.40
CA SER B 390 -2.52 16.04 -4.25
C SER B 390 -3.99 16.24 -3.88
N LEU B 391 -4.28 16.35 -2.59
CA LEU B 391 -5.66 16.61 -2.17
C LEU B 391 -6.15 17.96 -2.70
N PHE B 392 -5.33 18.99 -2.57
CA PHE B 392 -5.71 20.31 -3.09
C PHE B 392 -5.89 20.28 -4.61
N ALA B 393 -5.01 19.58 -5.32
CA ALA B 393 -5.15 19.46 -6.77
C ALA B 393 -6.45 18.75 -7.14
N GLY B 394 -6.76 17.65 -6.45
CA GLY B 394 -8.00 16.95 -6.72
C GLY B 394 -9.22 17.80 -6.44
N TYR B 395 -9.18 18.58 -5.36
CA TYR B 395 -10.30 19.46 -5.07
C TYR B 395 -10.48 20.49 -6.18
N TYR B 396 -9.42 21.22 -6.53
CA TYR B 396 -9.54 22.24 -7.56
C TYR B 396 -9.85 21.64 -8.93
N TYR B 397 -9.60 20.35 -9.12
CA TYR B 397 -9.92 19.68 -10.38
C TYR B 397 -11.39 19.31 -10.45
N TRP B 398 -11.90 18.61 -9.45
CA TRP B 398 -13.24 18.02 -9.51
C TRP B 398 -14.31 18.82 -8.78
N SER B 399 -13.99 19.96 -8.16
CA SER B 399 -15.00 20.70 -7.44
C SER B 399 -16.10 21.25 -8.37
N PRO B 400 -15.74 21.88 -9.49
CA PRO B 400 -16.78 22.36 -10.41
C PRO B 400 -17.69 21.25 -10.94
N LEU B 401 -17.15 20.06 -11.18
CA LEU B 401 -17.97 18.97 -11.71
C LEU B 401 -18.93 18.43 -10.66
N ILE B 402 -18.60 18.59 -9.38
CA ILE B 402 -19.45 18.04 -8.33
C ILE B 402 -20.50 19.06 -7.89
N THR B 403 -20.08 20.29 -7.62
CA THR B 403 -21.00 21.28 -7.08
C THR B 403 -21.69 22.11 -8.15
N GLY B 404 -21.09 22.24 -9.33
CA GLY B 404 -21.65 23.08 -10.36
C GLY B 404 -21.30 24.54 -10.27
N LEU B 405 -20.40 24.92 -9.36
CA LEU B 405 -20.04 26.30 -9.10
C LEU B 405 -18.53 26.46 -9.24
N TYR B 406 -18.10 27.57 -9.84
CA TYR B 406 -16.71 27.82 -10.12
C TYR B 406 -16.09 28.74 -9.05
N TYR B 407 -14.77 28.91 -9.16
CA TYR B 407 -13.99 29.57 -8.12
C TYR B 407 -13.04 30.57 -8.75
N ASN B 408 -12.58 31.53 -7.94
CA ASN B 408 -11.70 32.58 -8.43
C ASN B 408 -10.29 32.02 -8.64
N ASN B 409 -9.70 32.32 -9.80
CA ASN B 409 -8.37 31.82 -10.12
C ASN B 409 -7.27 32.56 -9.37
N ASN B 410 -7.41 33.88 -9.22
CA ASN B 410 -6.34 34.68 -8.62
C ASN B 410 -6.09 34.31 -7.17
N LEU B 411 -7.15 34.15 -6.39
CA LEU B 411 -7.00 33.77 -4.99
C LEU B 411 -6.44 32.37 -4.85
N ALA B 412 -6.80 31.45 -5.74
CA ALA B 412 -6.21 30.12 -5.73
C ALA B 412 -4.71 30.17 -5.99
N ASN B 413 -4.29 31.00 -6.97
CA ASN B 413 -2.86 31.14 -7.22
C ASN B 413 -2.13 31.73 -6.02
N ILE B 414 -2.73 32.74 -5.38
CA ILE B 414 -2.12 33.34 -4.20
C ILE B 414 -1.96 32.30 -3.10
N GLN B 415 -3.00 31.49 -2.88
CA GLN B 415 -2.94 30.47 -1.85
C GLN B 415 -1.85 29.45 -2.16
N PHE B 416 -1.73 29.05 -3.43
CA PHE B 416 -0.71 28.08 -3.79
C PHE B 416 0.68 28.62 -3.52
N TRP B 417 0.93 29.88 -3.89
CA TRP B 417 2.25 30.44 -3.68
C TRP B 417 2.57 30.57 -2.20
N LEU B 418 1.60 30.99 -1.39
CA LEU B 418 1.85 31.11 0.04
C LEU B 418 2.13 29.75 0.66
N LEU B 419 1.38 28.73 0.26
CA LEU B 419 1.61 27.38 0.80
C LEU B 419 2.98 26.87 0.41
N PHE B 420 3.37 27.07 -0.85
CA PHE B 420 4.69 26.68 -1.33
C PHE B 420 5.80 27.30 -0.50
N ILE B 421 5.75 28.63 -0.34
CA ILE B 421 6.81 29.34 0.39
C ILE B 421 6.84 28.89 1.85
N GLY B 422 5.67 28.80 2.49
CA GLY B 422 5.65 28.41 3.89
C GLY B 422 6.16 27.00 4.13
N THR B 423 5.74 26.05 3.30
CA THR B 423 6.16 24.67 3.49
C THR B 423 7.63 24.48 3.17
N ASN B 424 8.18 25.22 2.21
CA ASN B 424 9.60 25.12 1.94
C ASN B 424 10.46 25.89 2.93
N VAL B 425 9.89 26.84 3.66
CA VAL B 425 10.63 27.55 4.70
C VAL B 425 10.56 26.85 6.05
N THR B 426 9.53 26.06 6.31
CA THR B 426 9.35 25.43 7.62
C THR B 426 10.08 24.11 7.78
N PHE B 427 10.22 23.32 6.71
CA PHE B 427 10.69 21.95 6.82
C PHE B 427 12.13 21.75 6.36
N PHE B 428 12.75 22.73 5.72
CA PHE B 428 14.09 22.53 5.20
C PHE B 428 15.16 22.67 6.28
N PRO B 429 15.15 23.71 7.12
CA PRO B 429 16.15 23.81 8.18
C PRO B 429 16.15 22.66 9.17
N MET B 430 15.07 21.88 9.24
CA MET B 430 15.07 20.69 10.06
C MET B 430 16.15 19.70 9.63
N HIS B 431 16.51 19.68 8.34
CA HIS B 431 17.62 18.85 7.90
C HIS B 431 18.92 19.28 8.57
N PHE B 432 19.19 20.58 8.62
CA PHE B 432 20.41 21.06 9.26
C PHE B 432 20.39 20.78 10.76
N LEU B 433 19.25 20.98 11.41
CA LEU B 433 19.15 20.68 12.84
C LEU B 433 19.38 19.20 13.11
N GLY B 434 18.85 18.34 12.24
CA GLY B 434 19.08 16.92 12.41
C GLY B 434 20.54 16.54 12.21
N LEU B 435 21.18 17.12 11.19
CA LEU B 435 22.59 16.84 10.96
C LEU B 435 23.45 17.29 12.14
N ASN B 436 23.11 18.40 12.77
CA ASN B 436 23.97 18.90 13.84
C ASN B 436 23.66 18.26 15.19
N GLY B 437 22.58 17.50 15.30
CA GLY B 437 22.38 16.66 16.47
C GLY B 437 21.21 16.94 17.39
N MET B 438 20.08 17.42 16.86
CA MET B 438 18.95 17.77 17.70
C MET B 438 17.98 16.59 17.80
N PRO B 439 17.67 16.11 19.00
CA PRO B 439 16.78 14.95 19.13
C PRO B 439 15.31 15.33 18.96
N ARG B 440 14.49 14.30 18.87
CA ARG B 440 13.06 14.45 18.68
C ARG B 440 12.32 14.49 20.01
N ARG B 441 11.15 15.13 19.99
CA ARG B 441 10.22 15.11 21.12
C ARG B 441 10.81 15.77 22.36
N ILE B 442 11.27 17.01 22.21
CA ILE B 442 11.84 17.78 23.31
C ILE B 442 11.24 19.17 23.28
N PRO B 443 10.66 19.66 24.38
CA PRO B 443 10.12 21.03 24.40
C PRO B 443 11.20 22.09 24.37
N ASP B 444 12.22 21.94 25.20
CA ASP B 444 13.32 22.89 25.30
C ASP B 444 14.58 22.29 24.72
N TYR B 445 15.41 23.13 24.11
CA TYR B 445 16.61 22.70 23.42
C TYR B 445 17.78 23.55 23.89
N PRO B 446 19.00 23.07 23.73
CA PRO B 446 20.18 23.87 24.07
C PRO B 446 20.22 25.18 23.29
N ASP B 447 21.10 26.08 23.75
CA ASP B 447 21.15 27.43 23.19
C ASP B 447 21.64 27.45 21.75
N ALA B 448 22.33 26.42 21.29
CA ALA B 448 22.93 26.45 19.97
C ALA B 448 21.91 26.33 18.85
N PHE B 449 20.81 25.60 19.06
CA PHE B 449 19.84 25.32 18.02
C PHE B 449 18.82 26.44 17.84
N ALA B 450 19.11 27.64 18.35
CA ALA B 450 18.09 28.69 18.35
C ALA B 450 17.73 29.17 16.95
N GLY B 451 18.75 29.51 16.15
CA GLY B 451 18.50 30.30 14.95
C GLY B 451 17.57 29.64 13.96
N TRP B 452 17.86 28.40 13.58
CA TRP B 452 16.99 27.70 12.63
C TRP B 452 15.60 27.50 13.21
N ASN B 453 15.49 27.34 14.53
CA ASN B 453 14.17 27.17 15.12
C ASN B 453 13.34 28.45 15.00
N ALA B 454 14.01 29.59 14.86
CA ALA B 454 13.30 30.84 14.61
C ALA B 454 12.89 31.00 13.16
N ILE B 455 13.45 30.22 12.24
CA ILE B 455 13.09 30.35 10.84
C ILE B 455 11.97 29.39 10.48
N SER B 456 11.92 28.24 11.14
CA SER B 456 10.86 27.27 10.91
C SER B 456 9.55 27.65 11.60
N SER B 457 9.59 28.61 12.52
CA SER B 457 8.38 29.13 13.15
C SER B 457 7.79 30.30 12.38
N PHE B 458 8.45 30.74 11.31
CA PHE B 458 7.96 31.84 10.49
C PHE B 458 7.14 31.33 9.30
N GLY B 459 7.40 30.09 8.89
CA GLY B 459 6.65 29.52 7.78
C GLY B 459 5.25 29.06 8.16
N SER B 460 5.08 28.62 9.40
CA SER B 460 3.76 28.17 9.84
C SER B 460 2.75 29.31 9.81
N LEU B 461 3.18 30.52 10.17
CA LEU B 461 2.34 31.70 10.07
C LEU B 461 2.03 32.09 8.64
N ILE B 462 2.80 31.60 7.67
CA ILE B 462 2.46 31.79 6.27
C ILE B 462 1.53 30.70 5.75
N SER B 463 1.61 29.49 6.30
CA SER B 463 0.70 28.42 5.91
C SER B 463 -0.69 28.61 6.49
N ILE B 464 -0.79 29.13 7.71
CA ILE B 464 -2.12 29.37 8.29
C ILE B 464 -2.85 30.45 7.51
N ILE B 465 -2.13 31.46 7.02
CA ILE B 465 -2.74 32.46 6.15
C ILE B 465 -3.27 31.81 4.88
N SER B 466 -2.53 30.85 4.34
CA SER B 466 -3.01 30.12 3.16
C SER B 466 -4.29 29.35 3.48
N VAL B 467 -4.35 28.75 4.67
CA VAL B 467 -5.57 28.05 5.07
C VAL B 467 -6.76 29.00 5.16
N ILE B 468 -6.54 30.18 5.73
CA ILE B 468 -7.62 31.17 5.83
C ILE B 468 -8.08 31.63 4.45
N LEU B 469 -7.12 31.86 3.55
CA LEU B 469 -7.49 32.23 2.19
C LEU B 469 -8.23 31.10 1.49
N PHE B 470 -7.90 29.84 1.82
CA PHE B 470 -8.67 28.72 1.28
C PHE B 470 -10.12 28.77 1.78
N ALA B 471 -10.31 29.11 3.06
CA ALA B 471 -11.66 29.26 3.58
C ALA B 471 -12.43 30.33 2.80
N TYR B 472 -11.79 31.48 2.58
CA TYR B 472 -12.48 32.52 1.81
C TYR B 472 -12.71 32.10 0.37
N VAL B 473 -11.82 31.29 -0.21
CA VAL B 473 -12.03 30.84 -1.59
C VAL B 473 -13.24 29.93 -1.66
N ILE B 474 -13.42 29.07 -0.65
CA ILE B 474 -14.63 28.25 -0.60
C ILE B 474 -15.86 29.12 -0.47
N TYR B 475 -15.79 30.17 0.37
CA TYR B 475 -16.92 31.08 0.50
C TYR B 475 -17.25 31.76 -0.82
N ASP B 476 -16.24 32.21 -1.55
CA ASP B 476 -16.47 32.85 -2.83
C ASP B 476 -16.88 31.87 -3.91
N GLN B 477 -16.60 30.58 -3.73
CA GLN B 477 -17.12 29.57 -4.64
C GLN B 477 -18.61 29.35 -4.41
N LEU B 478 -19.03 29.22 -3.15
CA LEU B 478 -20.42 28.92 -2.87
C LEU B 478 -21.34 30.08 -3.24
N VAL B 479 -20.98 31.30 -2.85
CA VAL B 479 -21.74 32.49 -3.18
C VAL B 479 -21.15 33.07 -4.46
N ASN B 480 -22.02 33.59 -5.34
CA ASN B 480 -21.67 34.13 -6.66
C ASN B 480 -20.77 33.18 -7.45
N GLY B 481 -21.00 31.87 -7.32
CA GLY B 481 -20.21 30.91 -8.08
C GLY B 481 -20.64 30.77 -9.52
N LEU B 482 -21.86 31.21 -9.83
CA LEU B 482 -22.35 31.10 -11.21
C LEU B 482 -21.71 32.15 -12.12
N THR B 483 -21.28 33.27 -11.57
CA THR B 483 -20.72 34.36 -12.36
C THR B 483 -19.20 34.40 -12.33
N ASN B 484 -18.54 33.29 -12.00
CA ASN B 484 -17.09 33.20 -12.00
C ASN B 484 -16.60 32.22 -13.05
N LYS B 485 -17.40 31.99 -14.09
CA LYS B 485 -16.97 31.17 -15.22
C LYS B 485 -16.64 31.99 -16.45
N GLN B 486 -16.84 33.31 -16.40
CA GLN B 486 -16.46 34.19 -17.49
C GLN B 486 -15.25 35.06 -17.17
N LEU B 487 -14.79 35.07 -15.92
CA LEU B 487 -13.64 35.89 -15.56
C LEU B 487 -12.37 35.41 -16.25
N SER B 488 -12.16 34.09 -16.28
CA SER B 488 -10.95 33.53 -16.87
C SER B 488 -11.30 32.24 -17.60
N THR B 489 -10.43 31.85 -18.52
CA THR B 489 -10.57 30.63 -19.28
C THR B 489 -10.06 29.41 -18.52
N ASN B 490 -9.89 29.52 -17.21
CA ASN B 490 -9.55 28.37 -16.39
C ASN B 490 -10.72 27.39 -16.30
N SER B 491 -11.93 27.87 -16.55
CA SER B 491 -13.12 27.02 -16.47
C SER B 491 -13.05 25.87 -17.46
N LEU B 492 -12.67 26.17 -18.71
CA LEU B 492 -12.53 25.14 -19.72
C LEU B 492 -11.41 24.18 -19.33
N PHE B 493 -11.69 22.88 -19.42
CA PHE B 493 -10.67 21.91 -19.03
C PHE B 493 -9.83 21.49 -20.23
N LYS B 494 -10.35 21.66 -21.44
CA LYS B 494 -9.58 21.46 -22.66
C LYS B 494 -9.85 22.59 -23.63
N ASN B 495 -8.79 23.26 -24.06
CA ASN B 495 -8.89 24.40 -24.94
C ASN B 495 -8.88 23.98 -26.41
N PRO B 496 -9.24 24.88 -27.31
CA PRO B 496 -9.27 24.53 -28.74
C PRO B 496 -7.90 24.13 -29.26
N ASP B 497 -7.90 23.22 -30.22
CA ASP B 497 -6.68 22.83 -30.90
C ASP B 497 -6.29 23.92 -31.90
N PHE B 498 -5.20 23.72 -32.63
CA PHE B 498 -4.70 24.75 -33.53
C PHE B 498 -5.65 24.97 -34.69
N ILE B 499 -6.17 23.90 -35.29
CA ILE B 499 -7.03 24.00 -36.47
C ILE B 499 -8.50 24.10 -36.11
N GLU B 500 -8.89 23.65 -34.92
CA GLU B 500 -10.30 23.67 -34.52
C GLU B 500 -10.78 25.10 -34.39
N SER B 501 -11.85 25.45 -35.09
CA SER B 501 -12.40 26.78 -35.01
C SER B 501 -13.16 26.98 -33.70
N ASN B 502 -13.35 28.24 -33.33
CA ASN B 502 -14.15 28.53 -32.15
C ASN B 502 -15.59 28.08 -32.33
N ILE B 503 -16.15 28.28 -33.53
CA ILE B 503 -17.53 27.90 -33.78
C ILE B 503 -17.69 26.39 -33.68
N ILE B 504 -16.77 25.63 -34.28
CA ILE B 504 -16.83 24.17 -34.18
C ILE B 504 -16.53 23.72 -32.76
N PHE B 505 -15.66 24.44 -32.06
CA PHE B 505 -15.35 24.08 -30.68
C PHE B 505 -16.57 24.23 -29.77
N ASN B 506 -17.36 25.29 -29.96
CA ASN B 506 -18.50 25.52 -29.07
C ASN B 506 -19.60 24.48 -29.28
N ASP B 507 -19.59 23.77 -30.41
CA ASP B 507 -20.57 22.71 -30.61
C ASP B 507 -20.07 21.38 -30.04
N ASN B 508 -18.78 21.10 -30.16
CA ASN B 508 -18.17 19.89 -29.63
C ASN B 508 -17.07 20.34 -28.67
N SER B 509 -17.42 20.45 -27.39
CA SER B 509 -16.51 21.04 -26.40
C SER B 509 -15.91 20.01 -25.46
N ILE B 510 -16.68 19.00 -25.07
CA ILE B 510 -16.25 18.04 -24.06
C ILE B 510 -15.55 16.88 -24.75
N LYS B 511 -14.26 16.72 -24.48
CA LYS B 511 -13.48 15.58 -24.94
C LYS B 511 -12.77 14.99 -23.72
N SER B 512 -12.91 13.69 -23.52
CA SER B 512 -12.39 13.07 -22.32
C SER B 512 -11.85 11.68 -22.64
N SER B 513 -11.38 11.01 -21.59
CA SER B 513 -11.00 9.61 -21.68
C SER B 513 -11.73 8.76 -20.64
N SER B 514 -12.68 9.34 -19.91
CA SER B 514 -13.45 8.63 -18.90
C SER B 514 -14.82 9.27 -18.79
N ILE B 515 -15.76 8.57 -18.13
CA ILE B 515 -17.14 9.02 -18.01
C ILE B 515 -17.25 10.18 -17.03
N ASP B 516 -16.14 10.53 -16.38
CA ASP B 516 -16.17 11.49 -15.28
C ASP B 516 -16.67 12.86 -15.73
N PHE B 517 -16.11 13.39 -16.83
CA PHE B 517 -16.33 14.78 -17.21
C PHE B 517 -17.40 14.95 -18.27
N LEU B 518 -18.13 13.89 -18.61
CA LEU B 518 -19.25 14.00 -19.55
C LEU B 518 -20.59 14.09 -18.83
N LEU B 519 -20.60 13.95 -17.51
CA LEU B 519 -21.83 13.94 -16.73
C LEU B 519 -22.36 15.37 -16.59
N THR B 520 -23.62 15.47 -16.15
CA THR B 520 -24.24 16.77 -15.96
C THR B 520 -23.53 17.53 -14.83
N SER B 521 -23.80 18.84 -14.77
CA SER B 521 -22.96 19.78 -14.03
C SER B 521 -22.95 19.44 -12.53
N PRO B 522 -24.13 19.34 -11.89
CA PRO B 522 -24.22 18.47 -10.72
C PRO B 522 -24.70 17.10 -11.14
N PRO B 523 -23.96 16.04 -10.83
CA PRO B 523 -24.36 14.71 -11.28
C PRO B 523 -25.73 14.28 -10.75
N LEU B 524 -26.50 13.59 -11.60
CA LEU B 524 -27.83 13.17 -11.23
C LEU B 524 -27.76 12.15 -10.10
N PRO B 525 -28.79 12.09 -9.24
CA PRO B 525 -28.82 11.07 -8.19
C PRO B 525 -28.67 9.66 -8.74
N HIS B 526 -29.55 9.28 -9.66
CA HIS B 526 -29.41 8.04 -10.39
C HIS B 526 -28.82 8.37 -11.76
N THR B 527 -27.51 8.13 -11.92
CA THR B 527 -26.84 8.60 -13.12
C THR B 527 -27.03 7.67 -14.31
N PHE B 528 -27.04 6.35 -14.09
CA PHE B 528 -27.08 5.38 -15.17
C PHE B 528 -28.39 4.60 -15.07
N ASN B 529 -29.32 4.86 -16.00
CA ASN B 529 -30.53 4.07 -16.11
C ASN B 529 -30.31 2.94 -17.10
N THR B 530 -29.99 3.31 -18.34
CA THR B 530 -29.57 2.32 -19.32
C THR B 530 -28.07 2.14 -19.23
N PRO B 531 -27.56 0.91 -19.34
CA PRO B 531 -26.13 0.69 -19.13
C PRO B 531 -25.26 1.39 -20.16
N ALA B 532 -24.07 1.77 -19.73
CA ALA B 532 -23.07 2.34 -20.63
C ALA B 532 -22.41 1.25 -21.46
N ILE B 533 -21.98 1.62 -22.65
CA ILE B 533 -21.43 0.68 -23.63
C ILE B 533 -20.02 1.09 -23.98
N GLN B 534 -19.12 0.11 -24.04
CA GLN B 534 -17.74 0.29 -24.45
C GLN B 534 -17.41 -0.71 -25.55
N SER B 535 -16.55 -0.28 -26.47
CA SER B 535 -16.13 -1.14 -27.57
C SER B 535 -15.09 -2.15 -27.11
N ASP C 1 31.25 17.03 19.49
CA ASP C 1 31.52 17.98 20.55
C ASP C 1 30.31 18.87 20.79
N VAL C 2 30.55 20.12 21.16
CA VAL C 2 29.50 21.08 21.42
C VAL C 2 28.86 21.52 20.11
N PRO C 3 27.53 21.61 20.04
CA PRO C 3 26.89 22.15 18.82
C PRO C 3 27.27 23.61 18.62
N THR C 4 27.28 24.02 17.35
CA THR C 4 27.56 25.39 16.97
C THR C 4 26.27 26.09 16.56
N PRO C 5 26.19 27.43 16.73
CA PRO C 5 24.90 28.12 16.59
C PRO C 5 24.15 27.93 15.28
N TRP C 6 24.75 28.32 14.16
CA TRP C 6 24.11 28.14 12.86
C TRP C 6 24.79 26.96 12.16
N GLY C 7 24.46 25.75 12.61
CA GLY C 7 25.09 24.57 12.07
C GLY C 7 24.45 24.12 10.78
N ILE C 8 25.29 23.51 9.93
CA ILE C 8 24.83 23.02 8.64
C ILE C 8 25.18 21.55 8.45
N PHE C 9 26.23 21.10 9.15
CA PHE C 9 26.80 19.80 8.83
C PHE C 9 27.15 19.09 10.14
N PHE C 10 27.75 17.91 10.02
CA PHE C 10 28.04 17.06 11.17
C PHE C 10 28.94 17.76 12.18
N GLN C 11 28.93 17.24 13.40
CA GLN C 11 29.91 17.63 14.40
C GLN C 11 31.25 16.97 14.08
N ASP C 12 32.31 17.46 14.72
CA ASP C 12 33.64 16.96 14.46
C ASP C 12 33.79 15.54 14.98
N SER C 13 34.47 14.70 14.20
CA SER C 13 34.64 13.29 14.51
C SER C 13 35.85 13.06 15.38
N ALA C 14 35.76 12.05 16.25
CA ALA C 14 36.89 11.68 17.10
C ALA C 14 37.07 10.17 17.20
N THR C 15 36.35 9.38 16.40
CA THR C 15 36.46 7.93 16.40
C THR C 15 36.38 7.48 14.93
N PRO C 16 37.06 6.38 14.59
CA PRO C 16 37.05 5.93 13.18
C PRO C 16 35.66 5.63 12.62
N ASN C 17 34.73 5.14 13.45
CA ASN C 17 33.42 4.77 12.95
C ASN C 17 32.64 5.98 12.43
N MET C 18 32.71 7.12 13.12
CA MET C 18 32.04 8.31 12.64
C MET C 18 32.66 8.80 11.34
N GLU C 19 33.98 8.65 11.21
CA GLU C 19 34.66 8.97 9.95
C GLU C 19 34.15 8.10 8.81
N GLY C 20 33.98 6.80 9.04
CA GLY C 20 33.40 5.95 8.02
C GLY C 20 31.98 6.32 7.66
N ILE C 21 31.18 6.69 8.66
CA ILE C 21 29.81 7.12 8.40
C ILE C 21 29.81 8.35 7.49
N ILE C 22 30.67 9.32 7.80
CA ILE C 22 30.76 10.54 6.99
C ILE C 22 31.17 10.20 5.56
N GLU C 23 32.17 9.31 5.41
CA GLU C 23 32.63 8.95 4.08
C GLU C 23 31.53 8.28 3.26
N LEU C 24 30.77 7.37 3.87
CA LEU C 24 29.69 6.71 3.16
C LEU C 24 28.59 7.70 2.77
N HIS C 25 28.26 8.64 3.66
CA HIS C 25 27.24 9.63 3.34
C HIS C 25 27.68 10.49 2.15
N ASN C 26 28.93 10.92 2.15
CA ASN C 26 29.45 11.72 1.05
C ASN C 26 29.57 10.89 -0.23
N ASN C 27 29.66 9.57 -0.11
CA ASN C 27 29.65 8.72 -1.30
C ASN C 27 28.25 8.62 -1.91
N ILE C 28 27.21 8.56 -1.09
CA ILE C 28 25.85 8.46 -1.60
C ILE C 28 25.37 9.80 -2.17
N MET C 29 25.81 10.90 -1.57
CA MET C 29 25.32 12.22 -1.99
C MET C 29 25.70 12.52 -3.43
N PHE C 30 26.78 11.91 -3.92
CA PHE C 30 27.18 12.05 -5.32
C PHE C 30 26.06 11.66 -6.27
N TYR C 31 25.55 10.44 -6.11
CA TYR C 31 24.49 9.95 -6.99
C TYR C 31 23.20 10.70 -6.75
N LEU C 32 22.90 11.04 -5.49
CA LEU C 32 21.68 11.80 -5.25
C LEU C 32 21.70 13.18 -5.92
N VAL C 33 22.83 13.89 -5.86
CA VAL C 33 22.96 15.16 -6.57
C VAL C 33 22.84 15.00 -8.08
N LEU C 34 23.46 13.97 -8.66
CA LEU C 34 23.32 13.72 -10.09
C LEU C 34 21.86 13.55 -10.50
N ILE C 35 21.12 12.70 -9.78
CA ILE C 35 19.71 12.48 -10.13
C ILE C 35 18.87 13.75 -9.97
N LEU C 36 19.07 14.50 -8.88
CA LEU C 36 18.30 15.72 -8.71
C LEU C 36 18.56 16.73 -9.83
N THR C 37 19.84 16.90 -10.21
CA THR C 37 20.15 17.83 -11.29
C THR C 37 19.53 17.38 -12.61
N PHE C 38 19.54 16.07 -12.88
CA PHE C 38 18.93 15.59 -14.12
C PHE C 38 17.44 15.91 -14.17
N VAL C 39 16.72 15.62 -13.09
CA VAL C 39 15.28 15.89 -13.08
C VAL C 39 15.00 17.38 -13.20
N SER C 40 15.78 18.22 -12.52
CA SER C 40 15.58 19.66 -12.61
C SER C 40 15.81 20.17 -14.03
N TYR C 41 16.85 19.67 -14.70
CA TYR C 41 17.10 20.12 -16.07
C TYR C 41 15.97 19.70 -17.00
N ILE C 42 15.45 18.48 -16.84
CA ILE C 42 14.37 18.06 -17.72
C ILE C 42 13.12 18.91 -17.49
N LEU C 43 12.82 19.24 -16.23
CA LEU C 43 11.69 20.14 -16.00
C LEU C 43 11.91 21.52 -16.61
N TYR C 44 13.13 22.06 -16.50
CA TYR C 44 13.43 23.32 -17.16
C TYR C 44 13.19 23.25 -18.67
N THR C 45 13.65 22.17 -19.30
CA THR C 45 13.48 22.03 -20.74
C THR C 45 12.00 21.98 -21.12
N ILE C 46 11.20 21.23 -20.34
CA ILE C 46 9.78 21.13 -20.61
C ILE C 46 9.11 22.51 -20.47
N ILE C 47 9.47 23.26 -19.43
CA ILE C 47 8.87 24.57 -19.24
C ILE C 47 9.26 25.55 -20.36
N TYR C 48 10.53 25.54 -20.77
CA TYR C 48 11.00 26.52 -21.74
C TYR C 48 10.55 26.23 -23.16
N ASN C 49 10.53 24.96 -23.59
CA ASN C 49 10.22 24.65 -24.97
C ASN C 49 8.75 24.35 -25.23
N TYR C 50 8.07 23.70 -24.30
CA TYR C 50 6.76 23.10 -24.56
C TYR C 50 5.65 23.79 -23.79
N SER C 51 5.70 25.12 -23.69
CA SER C 51 4.70 25.89 -22.96
C SER C 51 3.79 26.59 -23.96
N ASN C 52 2.52 26.19 -23.97
CA ASN C 52 1.52 26.73 -24.90
C ASN C 52 1.98 26.55 -26.35
N ALA C 53 2.15 25.28 -26.72
CA ALA C 53 2.69 24.91 -28.02
C ALA C 53 1.56 24.57 -28.97
N THR C 54 1.80 24.84 -30.25
CA THR C 54 0.79 24.61 -31.27
C THR C 54 0.65 23.14 -31.63
N ILE C 55 1.76 22.39 -31.59
CA ILE C 55 1.78 21.01 -32.06
C ILE C 55 1.77 20.06 -30.88
N VAL C 56 0.93 19.04 -30.95
CA VAL C 56 0.81 18.04 -29.88
C VAL C 56 1.20 16.68 -30.44
N HIS C 57 2.17 16.03 -29.80
CA HIS C 57 2.64 14.71 -30.21
C HIS C 57 1.89 13.67 -29.39
N LYS C 58 0.76 13.22 -29.94
CA LYS C 58 -0.14 12.32 -29.23
C LYS C 58 0.01 10.87 -29.67
N TYR C 59 1.10 10.51 -30.35
CA TYR C 59 1.32 9.14 -30.78
C TYR C 59 2.64 8.56 -30.29
N MET C 60 3.39 9.28 -29.46
CA MET C 60 4.57 8.74 -28.81
C MET C 60 4.16 8.33 -27.41
N ASN C 61 3.81 7.05 -27.24
CA ASN C 61 3.29 6.59 -25.96
C ASN C 61 3.79 5.20 -25.58
N HIS C 62 4.74 4.62 -26.32
CA HIS C 62 5.07 3.23 -26.07
C HIS C 62 6.48 3.13 -25.53
N GLY C 63 7.50 3.45 -26.31
CA GLY C 63 8.86 3.31 -25.84
C GLY C 63 9.27 1.86 -25.76
N GLN C 64 10.42 1.49 -26.28
CA GLN C 64 10.90 0.17 -25.88
C GLN C 64 12.35 0.19 -25.45
N LEU C 65 13.19 0.95 -26.15
CA LEU C 65 14.57 1.10 -25.72
C LEU C 65 14.67 1.93 -24.44
N ILE C 66 13.83 2.96 -24.32
CA ILE C 66 13.99 3.89 -23.21
C ILE C 66 13.41 3.31 -21.93
N GLU C 67 12.42 2.41 -22.03
CA GLU C 67 11.83 1.81 -20.85
C GLU C 67 12.75 0.80 -20.18
N ILE C 68 13.76 0.31 -20.90
CA ILE C 68 14.76 -0.56 -20.30
C ILE C 68 15.87 0.26 -19.66
N VAL C 69 16.00 1.55 -20.04
CA VAL C 69 17.10 2.37 -19.57
C VAL C 69 16.77 3.15 -18.29
N TRP C 70 15.50 3.26 -17.89
CA TRP C 70 15.23 3.70 -16.53
C TRP C 70 14.81 2.55 -15.62
N THR C 71 15.06 1.31 -16.02
CA THR C 71 14.84 0.17 -15.16
C THR C 71 16.11 -0.58 -14.79
N THR C 72 17.17 -0.44 -15.58
CA THR C 72 18.43 -1.12 -15.31
C THR C 72 19.48 -0.19 -14.70
N LEU C 73 19.51 1.08 -15.11
CA LEU C 73 20.48 2.04 -14.58
C LEU C 73 20.33 2.25 -13.07
N PRO C 74 19.12 2.47 -12.55
CA PRO C 74 18.98 2.64 -11.09
C PRO C 74 19.44 1.44 -10.29
N ALA C 75 19.30 0.22 -10.82
CA ALA C 75 19.76 -0.96 -10.09
C ALA C 75 21.28 -0.95 -9.92
N VAL C 76 22.00 -0.50 -10.97
CA VAL C 76 23.46 -0.44 -10.89
C VAL C 76 23.90 0.53 -9.82
N ILE C 77 23.23 1.68 -9.72
CA ILE C 77 23.53 2.65 -8.67
C ILE C 77 23.33 2.03 -7.29
N LEU C 78 22.24 1.27 -7.13
CA LEU C 78 21.97 0.66 -5.84
C LEU C 78 23.01 -0.39 -5.48
N LEU C 79 23.47 -1.18 -6.45
CA LEU C 79 24.54 -2.14 -6.16
C LEU C 79 25.84 -1.43 -5.79
N ILE C 80 26.18 -0.36 -6.51
CA ILE C 80 27.39 0.40 -6.21
C ILE C 80 27.32 0.98 -4.80
N ILE C 81 26.13 1.43 -4.39
CA ILE C 81 25.98 1.92 -3.02
C ILE C 81 26.06 0.77 -2.02
N ALA C 82 25.50 -0.38 -2.35
CA ALA C 82 25.39 -1.47 -1.39
C ALA C 82 26.71 -2.16 -1.12
N PHE C 83 27.68 -2.06 -2.04
CA PHE C 83 28.99 -2.64 -1.76
C PHE C 83 29.64 -2.03 -0.52
N PRO C 84 29.96 -0.73 -0.49
CA PRO C 84 30.60 -0.15 0.71
C PRO C 84 29.75 -0.24 1.95
N SER C 85 28.42 -0.24 1.82
CA SER C 85 27.57 -0.35 3.01
C SER C 85 27.78 -1.68 3.71
N PHE C 86 27.79 -2.78 2.96
CA PHE C 86 28.05 -4.09 3.57
C PHE C 86 29.47 -4.18 4.10
N ILE C 87 30.43 -3.59 3.37
CA ILE C 87 31.82 -3.61 3.85
C ILE C 87 31.92 -2.92 5.22
N LEU C 88 31.30 -1.75 5.36
CA LEU C 88 31.34 -1.05 6.64
C LEU C 88 30.56 -1.79 7.71
N LEU C 89 29.41 -2.37 7.36
CA LEU C 89 28.58 -3.05 8.35
C LEU C 89 29.31 -4.24 8.95
N TYR C 90 29.99 -5.03 8.13
CA TYR C 90 30.66 -6.21 8.66
C TYR C 90 32.07 -5.92 9.17
N LEU C 91 32.73 -4.87 8.67
CA LEU C 91 34.12 -4.64 9.05
C LEU C 91 34.24 -3.98 10.41
N CYS C 92 33.66 -2.80 10.58
CA CYS C 92 33.91 -1.97 11.76
C CYS C 92 33.14 -2.54 12.95
N ASP C 93 33.89 -3.10 13.89
CA ASP C 93 33.35 -3.57 15.17
C ASP C 93 34.52 -3.92 16.08
N GLU C 94 34.20 -4.44 17.27
CA GLU C 94 35.22 -4.82 18.25
C GLU C 94 35.74 -6.23 17.94
N VAL C 95 36.62 -6.28 16.93
CA VAL C 95 37.15 -7.57 16.49
C VAL C 95 38.07 -8.18 17.54
N ILE C 96 38.86 -7.36 18.23
CA ILE C 96 39.92 -7.88 19.10
C ILE C 96 39.93 -7.11 20.42
N SER C 97 39.93 -7.85 21.54
CA SER C 97 40.39 -7.40 22.85
C SER C 97 39.83 -6.07 23.32
N PRO C 98 38.55 -5.99 23.68
CA PRO C 98 38.08 -4.80 24.40
C PRO C 98 38.86 -4.62 25.69
N ALA C 99 39.15 -3.36 26.01
CA ALA C 99 40.12 -3.05 27.06
C ALA C 99 39.49 -2.50 28.34
N MET C 100 38.30 -1.93 28.27
CA MET C 100 37.65 -1.40 29.46
C MET C 100 36.14 -1.54 29.27
N THR C 101 35.44 -1.71 30.39
CA THR C 101 34.00 -1.92 30.37
C THR C 101 33.34 -0.93 31.31
N ILE C 102 32.36 -0.19 30.80
CA ILE C 102 31.59 0.77 31.57
C ILE C 102 30.13 0.40 31.45
N LYS C 103 29.51 0.06 32.58
CA LYS C 103 28.09 -0.27 32.61
C LYS C 103 27.29 1.00 32.87
N ALA C 104 26.42 1.34 31.92
CA ALA C 104 25.61 2.55 31.98
C ALA C 104 24.15 2.14 32.14
N ILE C 105 23.60 2.32 33.34
CA ILE C 105 22.19 2.05 33.61
C ILE C 105 21.44 3.36 33.50
N GLY C 106 20.34 3.35 32.76
CA GLY C 106 19.54 4.54 32.62
C GLY C 106 18.27 4.46 33.43
N LEU C 107 18.25 5.16 34.56
CA LEU C 107 17.06 5.22 35.40
C LEU C 107 16.10 6.22 34.78
N GLN C 108 15.10 6.66 35.56
CA GLN C 108 14.06 7.52 35.01
C GLN C 108 14.64 8.80 34.41
N TRP C 109 15.25 9.65 35.24
CA TRP C 109 15.72 10.93 34.74
C TRP C 109 17.14 11.26 35.19
N TYR C 110 18.04 10.27 35.15
CA TYR C 110 19.47 10.50 35.34
C TYR C 110 20.20 9.26 34.85
N TRP C 111 21.52 9.23 35.06
CA TRP C 111 22.34 8.12 34.58
C TRP C 111 23.16 7.54 35.73
N LYS C 112 23.52 6.26 35.61
CA LYS C 112 24.27 5.57 36.65
C LYS C 112 25.40 4.78 36.01
N TYR C 113 26.64 5.14 36.33
CA TYR C 113 27.81 4.54 35.70
C TYR C 113 28.59 3.70 36.69
N GLU C 114 28.99 2.51 36.26
CA GLU C 114 29.83 1.61 37.04
C GLU C 114 31.02 1.17 36.18
N TYR C 115 32.19 1.10 36.80
CA TYR C 115 33.38 0.55 36.15
C TYR C 115 33.54 -0.88 36.63
N SER C 116 33.29 -1.84 35.74
CA SER C 116 33.22 -3.25 36.11
C SER C 116 34.55 -3.80 36.58
N ASP C 117 35.66 -3.14 36.26
CA ASP C 117 36.97 -3.53 36.75
C ASP C 117 37.25 -2.77 38.04
N PHE C 118 38.50 -2.83 38.51
CA PHE C 118 38.93 -2.07 39.69
C PHE C 118 38.19 -2.54 40.94
N ILE C 119 37.93 -3.84 41.02
CA ILE C 119 37.15 -4.43 42.11
C ILE C 119 38.09 -4.86 43.21
N ASN C 120 37.73 -4.54 44.45
CA ASN C 120 38.40 -5.09 45.61
C ASN C 120 37.77 -6.44 45.99
N ASP C 121 38.35 -7.09 47.00
CA ASP C 121 37.87 -8.39 47.42
C ASP C 121 36.49 -8.34 48.08
N ASP C 122 36.04 -7.16 48.52
CA ASP C 122 34.80 -7.04 49.25
C ASP C 122 33.66 -6.44 48.44
N GLY C 123 33.89 -6.11 47.18
CA GLY C 123 32.87 -5.44 46.38
C GLY C 123 32.94 -3.94 46.53
N GLU C 124 34.12 -3.38 46.31
CA GLU C 124 34.35 -1.96 46.52
C GLU C 124 34.19 -1.18 45.21
N ILE C 125 33.50 -1.78 44.24
CA ILE C 125 33.44 -1.34 42.85
C ILE C 125 33.11 0.15 42.71
N VAL C 126 33.90 0.86 41.91
CA VAL C 126 33.71 2.28 41.68
C VAL C 126 32.39 2.51 40.95
N GLU C 127 31.58 3.42 41.48
CA GLU C 127 30.25 3.68 40.95
C GLU C 127 29.89 5.13 41.23
N PHE C 128 29.20 5.77 40.29
CA PHE C 128 28.67 7.10 40.54
C PHE C 128 27.45 7.34 39.67
N GLU C 129 26.78 8.46 39.91
CA GLU C 129 25.55 8.80 39.24
C GLU C 129 25.60 10.24 38.74
N SER C 130 24.96 10.47 37.60
CA SER C 130 25.05 11.73 36.88
C SER C 130 23.67 12.38 36.77
N TYR C 131 23.60 13.65 37.19
CA TYR C 131 22.42 14.49 37.15
C TYR C 131 22.71 15.71 36.27
N VAL C 132 21.67 16.47 35.98
CA VAL C 132 21.82 17.70 35.22
C VAL C 132 21.81 18.90 36.16
N ILE C 133 22.64 19.89 35.86
CA ILE C 133 22.71 21.09 36.69
C ILE C 133 21.55 22.01 36.30
N PRO C 134 20.72 22.42 37.25
CA PRO C 134 19.63 23.34 36.92
C PRO C 134 20.15 24.71 36.52
N GLU C 135 19.29 25.46 35.81
CA GLU C 135 19.69 26.77 35.32
C GLU C 135 19.95 27.75 36.45
N GLU C 136 19.35 27.53 37.62
CA GLU C 136 19.54 28.47 38.73
C GLU C 136 20.93 28.34 39.34
N LEU C 137 21.53 27.16 39.28
CA LEU C 137 22.79 26.89 39.96
C LEU C 137 23.99 26.82 39.01
N LEU C 138 23.81 27.24 37.76
CA LEU C 138 24.93 27.24 36.84
C LEU C 138 25.93 28.34 37.19
N GLU C 139 27.21 28.04 37.02
CA GLU C 139 28.27 29.01 37.21
C GLU C 139 28.50 29.76 35.89
N ASP C 140 29.45 30.68 35.91
CA ASP C 140 29.71 31.54 34.77
C ASP C 140 30.43 30.75 33.68
N GLY C 141 29.74 30.46 32.59
CA GLY C 141 30.34 29.81 31.44
C GLY C 141 29.86 28.42 31.15
N GLN C 142 28.91 27.88 31.91
CA GLN C 142 28.47 26.51 31.70
C GLN C 142 27.32 26.47 30.69
N LEU C 143 27.25 25.35 29.98
CA LEU C 143 26.25 25.15 28.94
C LEU C 143 24.94 24.68 29.56
N ARG C 144 23.83 25.25 29.09
CA ARG C 144 22.53 24.96 29.66
C ARG C 144 21.92 23.73 29.02
N LEU C 145 21.47 22.79 29.85
CA LEU C 145 20.90 21.50 29.46
C LEU C 145 21.93 20.54 28.89
N LEU C 146 23.22 20.77 29.12
CA LEU C 146 24.26 19.83 28.70
C LEU C 146 25.34 19.57 29.74
N ASP C 147 25.47 20.41 30.75
CA ASP C 147 26.51 20.24 31.76
C ASP C 147 25.95 19.47 32.95
N VAL C 148 26.74 18.55 33.49
CA VAL C 148 26.31 17.67 34.55
C VAL C 148 27.25 17.84 35.75
N ASP C 149 26.87 17.22 36.87
CA ASP C 149 27.68 17.32 38.07
C ASP C 149 28.80 16.29 38.08
N ALA C 150 28.57 15.12 37.52
CA ALA C 150 29.59 14.09 37.37
C ALA C 150 29.63 13.64 35.92
N SER C 151 30.84 13.49 35.39
CA SER C 151 31.05 13.21 33.99
C SER C 151 31.92 11.97 33.82
N VAL C 152 31.61 11.18 32.80
CA VAL C 152 32.40 10.00 32.51
C VAL C 152 33.81 10.43 32.12
N VAL C 153 34.81 9.76 32.66
CA VAL C 153 36.21 10.08 32.38
C VAL C 153 36.89 8.83 31.86
N VAL C 154 37.57 8.95 30.72
CA VAL C 154 38.21 7.79 30.09
C VAL C 154 39.59 8.16 29.58
N PRO C 155 40.52 7.21 29.51
CA PRO C 155 41.81 7.48 28.88
C PRO C 155 41.69 7.60 27.37
N VAL C 156 42.70 8.23 26.78
CA VAL C 156 42.75 8.39 25.33
C VAL C 156 43.47 7.19 24.73
N ASP C 157 43.08 6.83 23.51
CA ASP C 157 43.71 5.74 22.77
C ASP C 157 43.51 4.39 23.46
N THR C 158 42.28 4.13 23.90
CA THR C 158 41.95 2.87 24.55
C THR C 158 40.55 2.43 24.14
N HIS C 159 40.41 1.16 23.81
CA HIS C 159 39.10 0.62 23.47
C HIS C 159 38.20 0.60 24.69
N ILE C 160 37.02 1.20 24.55
CA ILE C 160 36.04 1.25 25.62
C ILE C 160 34.77 0.57 25.14
N ARG C 161 34.26 -0.38 25.93
CA ARG C 161 33.03 -1.08 25.62
C ARG C 161 31.95 -0.65 26.60
N PHE C 162 30.86 -0.10 26.08
CA PHE C 162 29.73 0.32 26.88
C PHE C 162 28.67 -0.78 26.86
N ILE C 163 28.21 -1.18 28.04
CA ILE C 163 27.10 -2.11 28.20
C ILE C 163 25.93 -1.29 28.74
N VAL C 164 24.83 -1.27 27.99
CA VAL C 164 23.69 -0.40 28.27
C VAL C 164 22.50 -1.28 28.65
N SER C 165 21.88 -0.96 29.79
CA SER C 165 20.64 -1.55 30.24
C SER C 165 19.73 -0.46 30.79
N SER C 166 18.56 -0.83 31.29
CA SER C 166 17.62 0.15 31.81
C SER C 166 16.90 -0.41 33.02
N ALA C 167 16.37 0.49 33.84
CA ALA C 167 15.66 0.09 35.04
C ALA C 167 14.17 0.43 35.01
N ASP C 168 13.75 1.48 34.30
CA ASP C 168 12.35 1.86 34.26
C ASP C 168 11.74 1.75 32.87
N VAL C 169 12.28 2.45 31.88
CA VAL C 169 11.69 2.51 30.54
C VAL C 169 12.79 2.51 29.49
N ILE C 170 12.39 2.64 28.22
CA ILE C 170 13.33 2.53 27.10
C ILE C 170 14.03 3.87 26.89
N HIS C 171 15.31 3.92 27.23
CA HIS C 171 16.16 5.09 26.99
C HIS C 171 17.07 4.81 25.80
N ASP C 172 17.96 5.75 25.49
CA ASP C 172 18.83 5.56 24.33
C ASP C 172 20.11 6.37 24.54
N PHE C 173 21.25 5.69 24.49
CA PHE C 173 22.55 6.29 24.74
C PHE C 173 23.10 6.92 23.47
N CYS C 174 23.46 8.21 23.53
CA CYS C 174 23.89 8.94 22.34
C CYS C 174 25.08 9.83 22.67
N VAL C 175 26.14 9.71 21.89
CA VAL C 175 27.22 10.69 21.86
C VAL C 175 27.58 10.92 20.39
N PRO C 176 27.03 11.97 19.76
CA PRO C 176 27.15 12.12 18.29
C PRO C 176 28.58 12.07 17.75
N ALA C 177 29.48 12.85 18.33
CA ALA C 177 30.85 12.93 17.86
C ALA C 177 31.55 11.57 17.91
N LEU C 178 31.18 10.76 18.90
CA LEU C 178 31.83 9.46 19.10
C LEU C 178 31.20 8.34 18.29
N GLY C 179 30.06 8.59 17.65
CA GLY C 179 29.42 7.56 16.85
C GLY C 179 28.80 6.43 17.65
N VAL C 180 28.08 6.76 18.73
CA VAL C 180 27.46 5.76 19.59
C VAL C 180 26.00 6.12 19.76
N LYS C 181 25.10 5.24 19.29
CA LYS C 181 23.65 5.37 19.49
C LYS C 181 23.08 3.97 19.68
N VAL C 182 22.93 3.57 20.94
CA VAL C 182 22.39 2.26 21.27
C VAL C 182 21.19 2.44 22.19
N ASP C 183 20.34 1.42 22.25
CA ASP C 183 19.10 1.46 22.99
C ASP C 183 19.29 0.83 24.37
N ALA C 184 18.32 1.05 25.26
CA ALA C 184 18.38 0.56 26.63
C ALA C 184 17.00 0.01 27.00
N SER C 185 16.80 -1.28 26.77
CA SER C 185 15.55 -1.94 27.08
C SER C 185 15.55 -2.42 28.53
N PRO C 186 14.38 -2.76 29.07
CA PRO C 186 14.30 -3.12 30.49
C PRO C 186 14.81 -4.51 30.83
N GLY C 187 15.00 -5.39 29.85
CA GLY C 187 15.39 -6.75 30.18
C GLY C 187 16.43 -7.35 29.25
N ARG C 188 17.22 -6.51 28.59
CA ARG C 188 18.28 -6.98 27.72
C ARG C 188 19.48 -6.06 27.85
N LEU C 189 20.65 -6.61 27.58
CA LEU C 189 21.91 -5.87 27.63
C LEU C 189 22.40 -5.62 26.22
N ASN C 190 22.62 -4.35 25.88
CA ASN C 190 23.15 -3.98 24.59
C ASN C 190 24.59 -3.52 24.78
N GLN C 191 25.39 -3.58 23.70
CA GLN C 191 26.79 -3.21 23.82
C GLN C 191 27.25 -2.43 22.60
N THR C 192 28.13 -1.46 22.85
CA THR C 192 28.76 -0.68 21.80
C THR C 192 30.23 -0.48 22.16
N SER C 193 31.01 0.01 21.21
CA SER C 193 32.44 0.21 21.41
C SER C 193 32.86 1.57 20.88
N ALA C 194 33.92 2.13 21.48
CA ALA C 194 34.44 3.42 21.07
C ALA C 194 35.94 3.48 21.30
N LEU C 195 36.65 4.12 20.37
CA LEU C 195 38.06 4.44 20.51
C LEU C 195 38.22 5.93 20.25
N ILE C 196 38.90 6.63 21.15
CA ILE C 196 39.06 8.08 21.08
C ILE C 196 40.50 8.40 20.73
N GLN C 197 40.67 9.30 19.76
CA GLN C 197 41.98 9.64 19.23
C GLN C 197 42.56 10.93 19.82
N ARG C 198 41.72 11.86 20.24
CA ARG C 198 42.19 13.13 20.76
C ARG C 198 41.46 13.49 22.04
N GLU C 199 42.13 14.28 22.88
CA GLU C 199 41.58 14.68 24.15
C GLU C 199 40.54 15.78 23.98
N GLY C 200 39.60 15.85 24.91
CA GLY C 200 38.58 16.87 24.87
C GLY C 200 37.32 16.45 25.61
N VAL C 201 36.26 17.18 25.35
CA VAL C 201 34.96 17.00 26.00
C VAL C 201 33.91 16.74 24.93
N TYR C 202 33.10 15.70 25.14
CA TYR C 202 32.11 15.27 24.15
C TYR C 202 30.75 15.21 24.82
N TYR C 203 29.78 15.92 24.24
CA TYR C 203 28.44 16.09 24.81
C TYR C 203 27.42 15.24 24.04
N GLY C 204 26.37 14.86 24.75
CA GLY C 204 25.35 14.01 24.15
C GLY C 204 24.05 14.11 24.92
N GLN C 205 23.01 13.54 24.31
CA GLN C 205 21.65 13.68 24.83
C GLN C 205 20.89 12.39 24.61
N CYS C 206 19.82 12.21 25.38
CA CYS C 206 18.97 11.04 25.24
C CYS C 206 18.12 11.15 23.98
N SER C 207 17.67 10.00 23.48
CA SER C 207 16.94 9.93 22.22
C SER C 207 15.52 9.41 22.38
N GLU C 208 15.34 8.26 23.01
CA GLU C 208 14.01 7.67 23.09
C GLU C 208 13.19 8.30 24.20
N LEU C 209 11.89 8.50 23.94
CA LEU C 209 11.03 9.21 24.87
C LEU C 209 10.85 8.41 26.16
N CYS C 210 10.86 9.11 27.29
CA CYS C 210 10.68 8.47 28.58
C CYS C 210 9.76 9.23 29.54
N GLY C 211 9.23 10.38 29.15
CA GLY C 211 8.31 11.07 30.01
C GLY C 211 8.49 12.57 30.09
N VAL C 212 8.23 13.13 31.27
CA VAL C 212 8.19 14.58 31.47
C VAL C 212 9.56 15.20 31.20
N MET C 213 10.56 14.79 31.97
CA MET C 213 11.90 15.38 31.86
C MET C 213 12.78 14.51 30.95
N HIS C 214 12.33 14.39 29.71
CA HIS C 214 13.11 13.77 28.65
C HIS C 214 14.18 14.69 28.10
N SER C 215 14.05 16.00 28.32
CA SER C 215 15.01 16.97 27.83
C SER C 215 16.12 17.28 28.83
N ALA C 216 16.07 16.70 30.03
CA ALA C 216 17.13 16.88 31.02
C ALA C 216 17.69 15.51 31.37
N MET C 217 18.62 15.02 30.55
CA MET C 217 19.37 13.80 30.77
C MET C 217 20.64 13.83 29.94
N PRO C 218 21.55 14.77 30.19
CA PRO C 218 22.73 14.91 29.32
C PRO C 218 23.76 13.83 29.60
N ILE C 219 24.68 13.69 28.65
CA ILE C 219 25.82 12.78 28.77
C ILE C 219 27.08 13.56 28.46
N LYS C 220 28.09 13.42 29.31
CA LYS C 220 29.35 14.15 29.14
C LYS C 220 30.53 13.20 29.32
N ILE C 221 31.40 13.16 28.31
CA ILE C 221 32.54 12.25 28.29
C ILE C 221 33.81 13.07 28.15
N GLU C 222 34.74 12.89 29.07
CA GLU C 222 36.05 13.51 29.01
C GLU C 222 37.10 12.46 28.66
N ALA C 223 38.08 12.87 27.88
CA ALA C 223 39.15 11.99 27.40
C ALA C 223 40.47 12.53 27.95
N VAL C 224 40.81 12.10 29.16
CA VAL C 224 42.06 12.52 29.80
C VAL C 224 43.16 11.56 29.39
N SER C 225 44.42 11.95 29.63
CA SER C 225 45.55 11.08 29.37
C SER C 225 45.59 10.00 30.44
N LEU C 226 46.57 9.09 30.33
CA LEU C 226 46.65 7.96 31.25
C LEU C 226 47.03 8.37 32.66
N TYR C 227 47.97 9.32 32.80
CA TYR C 227 48.37 9.78 34.12
C TYR C 227 47.21 10.43 34.85
N GLU C 228 46.44 11.28 34.16
CA GLU C 228 45.30 11.92 34.79
C GLU C 228 44.20 10.92 35.11
N PHE C 229 44.02 9.91 34.28
CA PHE C 229 43.06 8.85 34.60
C PHE C 229 43.48 8.11 35.87
N ILE C 230 44.78 7.82 36.01
CA ILE C 230 45.24 7.13 37.21
C ILE C 230 45.06 8.00 38.44
N ASN C 231 45.35 9.30 38.32
CA ASN C 231 45.17 10.19 39.47
C ASN C 231 43.70 10.32 39.85
N TRP C 232 42.81 10.42 38.85
CA TRP C 232 41.39 10.54 39.11
C TRP C 232 40.81 9.28 39.73
N LEU C 233 41.25 8.12 39.27
CA LEU C 233 40.73 6.86 39.79
C LEU C 233 41.13 6.59 41.22
N ASP C 234 42.21 7.23 41.70
CA ASP C 234 42.68 7.05 43.07
C ASP C 234 42.09 8.08 44.02
N GLU C 235 40.97 8.70 43.65
CA GLU C 235 40.27 9.65 44.50
C GLU C 235 38.81 9.26 44.70
N GLN C 236 38.19 8.66 43.69
CA GLN C 236 36.80 8.23 43.78
C GLN C 236 36.70 6.98 44.64
N MET D 1 -32.56 -6.41 -25.04
CA MET D 1 -33.25 -5.17 -24.66
C MET D 1 -34.36 -4.84 -25.64
N ARG D 2 -34.81 -5.85 -26.38
CA ARG D 2 -35.89 -5.69 -27.35
C ARG D 2 -37.14 -6.48 -26.98
N ILE D 3 -37.20 -7.03 -25.77
CA ILE D 3 -38.44 -7.63 -25.29
C ILE D 3 -39.51 -6.54 -25.24
N GLN D 4 -40.78 -6.97 -25.36
CA GLN D 4 -41.87 -6.04 -25.64
C GLN D 4 -42.06 -4.98 -24.56
N ASN D 5 -42.46 -5.39 -23.36
CA ASN D 5 -42.68 -4.46 -22.26
C ASN D 5 -41.51 -4.56 -21.29
N ARG D 6 -40.39 -3.97 -21.68
CA ARG D 6 -39.17 -4.08 -20.89
C ARG D 6 -38.91 -2.85 -20.01
N GLU D 7 -39.43 -1.68 -20.37
CA GLU D 7 -39.17 -0.49 -19.58
C GLU D 7 -39.85 -0.51 -18.22
N ASN D 8 -40.80 -1.41 -18.01
CA ASN D 8 -41.50 -1.53 -16.73
C ASN D 8 -40.68 -2.22 -15.66
N LEU D 9 -39.53 -2.80 -16.01
CA LEU D 9 -38.66 -3.48 -15.06
C LEU D 9 -37.24 -2.97 -15.24
N GLN D 10 -36.42 -3.09 -14.20
CA GLN D 10 -35.07 -2.53 -14.19
C GLN D 10 -34.23 -3.02 -15.36
N LEU D 11 -33.26 -2.21 -15.77
CA LEU D 11 -32.41 -2.51 -16.91
C LEU D 11 -31.01 -2.98 -16.50
N PHE D 12 -30.80 -3.24 -15.21
CA PHE D 12 -29.52 -3.72 -14.71
C PHE D 12 -29.76 -4.61 -13.50
N PRO D 13 -28.99 -5.67 -13.34
CA PRO D 13 -29.25 -6.63 -12.26
C PRO D 13 -28.53 -6.31 -10.97
N PHE D 14 -28.84 -5.16 -10.35
CA PHE D 14 -28.19 -4.81 -9.09
C PHE D 14 -29.25 -4.24 -8.16
N HIS D 15 -28.97 -4.33 -6.86
CA HIS D 15 -29.93 -3.97 -5.83
C HIS D 15 -29.74 -2.52 -5.43
N LEU D 16 -30.82 -1.74 -5.49
CA LEU D 16 -30.84 -0.37 -4.98
C LEU D 16 -31.49 -0.41 -3.59
N VAL D 17 -30.65 -0.36 -2.56
CA VAL D 17 -31.14 -0.52 -1.20
C VAL D 17 -31.94 0.71 -0.77
N THR D 18 -33.03 0.46 -0.06
CA THR D 18 -33.84 1.55 0.46
C THR D 18 -33.20 2.14 1.72
N ASN D 19 -33.71 3.31 2.12
CA ASN D 19 -33.15 4.03 3.26
C ASN D 19 -33.39 3.25 4.55
N SER D 20 -32.34 3.10 5.36
CA SER D 20 -32.42 2.34 6.60
C SER D 20 -31.79 3.12 7.75
N PRO D 21 -32.24 2.88 8.98
CA PRO D 21 -31.74 3.63 10.15
C PRO D 21 -30.66 2.94 10.97
N TRP D 22 -30.24 1.74 10.60
CA TRP D 22 -29.40 0.90 11.46
C TRP D 22 -27.94 1.31 11.55
N PRO D 23 -27.28 1.77 10.45
CA PRO D 23 -25.88 2.19 10.55
C PRO D 23 -25.60 3.26 11.60
N LEU D 24 -26.48 4.24 11.72
CA LEU D 24 -26.30 5.29 12.73
C LEU D 24 -26.47 4.72 14.14
N THR D 25 -27.46 3.84 14.32
CA THR D 25 -27.75 3.33 15.65
C THR D 25 -26.63 2.41 16.15
N THR D 26 -26.08 1.58 15.26
CA THR D 26 -24.96 0.74 15.68
C THR D 26 -23.76 1.59 16.10
N SER D 27 -23.50 2.67 15.38
CA SER D 27 -22.40 3.56 15.76
C SER D 27 -22.66 4.22 17.10
N LEU D 28 -23.89 4.67 17.34
CA LEU D 28 -24.22 5.26 18.64
C LEU D 28 -24.11 4.24 19.76
N ALA D 29 -24.39 2.96 19.51
CA ALA D 29 -24.23 1.94 20.55
C ALA D 29 -22.76 1.61 20.80
N LEU D 30 -21.95 1.57 19.74
CA LEU D 30 -20.53 1.34 19.90
C LEU D 30 -19.82 2.48 20.61
N MET D 31 -20.25 3.72 20.39
CA MET D 31 -19.71 4.85 21.14
C MET D 31 -19.96 4.68 22.64
N SER D 32 -21.19 4.31 23.01
CA SER D 32 -21.51 4.09 24.41
C SER D 32 -20.71 2.95 24.99
N LEU D 33 -20.58 1.85 24.25
CA LEU D 33 -19.78 0.72 24.72
C LEU D 33 -18.33 1.14 24.96
N ALA D 34 -17.74 1.85 24.02
CA ALA D 34 -16.35 2.27 24.15
C ALA D 34 -16.15 3.15 25.37
N LEU D 35 -16.98 4.20 25.50
CA LEU D 35 -16.78 5.12 26.62
C LEU D 35 -17.05 4.47 27.97
N THR D 36 -18.13 3.67 28.08
CA THR D 36 -18.42 3.02 29.34
C THR D 36 -17.38 1.98 29.72
N LEU D 37 -16.81 1.26 28.75
CA LEU D 37 -15.76 0.30 29.08
C LEU D 37 -14.46 1.00 29.44
N GLY D 38 -14.15 2.13 28.79
CA GLY D 38 -12.96 2.86 29.16
C GLY D 38 -13.05 3.54 30.50
N LEU D 39 -14.26 3.92 30.93
CA LEU D 39 -14.42 4.56 32.24
C LEU D 39 -14.62 3.56 33.37
N THR D 40 -15.43 2.52 33.17
CA THR D 40 -15.77 1.58 34.23
C THR D 40 -14.54 0.88 34.80
N MET D 41 -13.47 0.75 34.01
CA MET D 41 -12.27 0.07 34.44
C MET D 41 -11.39 0.93 35.33
N HIS D 42 -11.73 2.21 35.52
CA HIS D 42 -10.91 3.10 36.33
C HIS D 42 -11.76 3.88 37.33
N GLY D 43 -12.87 3.31 37.78
CA GLY D 43 -13.81 4.05 38.61
C GLY D 43 -14.81 4.80 37.76
N TYR D 44 -15.32 5.92 38.29
CA TYR D 44 -16.15 6.86 37.54
C TYR D 44 -17.56 6.36 37.25
N ILE D 45 -17.84 5.08 37.47
CA ILE D 45 -19.18 4.55 37.23
C ILE D 45 -19.67 3.76 38.43
N GLY D 46 -18.98 2.68 38.77
CA GLY D 46 -19.40 1.86 39.89
C GLY D 46 -20.37 0.76 39.50
N ASN D 47 -21.57 1.14 39.08
CA ASN D 47 -22.59 0.16 38.72
C ASN D 47 -22.24 -0.48 37.38
N HIS D 48 -22.35 -1.81 37.31
CA HIS D 48 -22.00 -2.56 36.11
C HIS D 48 -23.21 -2.88 35.24
N LEU D 49 -24.26 -2.07 35.30
CA LEU D 49 -25.45 -2.29 34.49
C LEU D 49 -25.50 -1.42 33.24
N TRP D 50 -24.44 -0.66 32.96
CA TRP D 50 -24.43 0.14 31.75
C TRP D 50 -23.67 -0.56 30.63
N LEU D 51 -22.56 -1.21 30.96
CA LEU D 51 -21.80 -1.97 29.97
C LEU D 51 -22.63 -3.09 29.37
N PHE D 52 -23.40 -3.79 30.22
CA PHE D 52 -24.27 -4.85 29.74
C PHE D 52 -25.31 -4.32 28.78
N LEU D 53 -25.91 -3.17 29.10
CA LEU D 53 -26.88 -2.55 28.22
C LEU D 53 -26.27 -2.20 26.88
N ALA D 54 -25.04 -1.67 26.88
CA ALA D 54 -24.38 -1.32 25.64
C ALA D 54 -24.15 -2.56 24.76
N ILE D 55 -23.66 -3.64 25.36
CA ILE D 55 -23.43 -4.86 24.57
C ILE D 55 -24.74 -5.41 24.02
N SER D 56 -25.79 -5.43 24.84
CA SER D 56 -27.08 -5.93 24.40
C SER D 56 -27.61 -5.10 23.23
N LEU D 57 -27.47 -3.77 23.31
CA LEU D 57 -27.91 -2.92 22.23
C LEU D 57 -27.14 -3.16 20.94
N VAL D 58 -25.82 -3.36 21.02
CA VAL D 58 -25.05 -3.64 19.81
C VAL D 58 -25.52 -4.94 19.16
N LEU D 59 -25.71 -5.98 19.97
CA LEU D 59 -26.17 -7.25 19.41
C LEU D 59 -27.57 -7.12 18.79
N SER D 60 -28.48 -6.42 19.46
CA SER D 60 -29.80 -6.22 18.89
C SER D 60 -29.76 -5.44 17.59
N SER D 61 -28.84 -4.47 17.48
CA SER D 61 -28.70 -3.75 16.22
C SER D 61 -28.27 -4.68 15.09
N ILE D 62 -27.31 -5.56 15.37
CA ILE D 62 -26.89 -6.51 14.31
C ILE D 62 -28.06 -7.41 13.90
N PHE D 63 -28.84 -7.88 14.88
CA PHE D 63 -29.99 -8.72 14.55
C PHE D 63 -31.02 -7.96 13.72
N LEU D 64 -31.24 -6.69 14.02
CA LEU D 64 -32.17 -5.90 13.22
C LEU D 64 -31.64 -5.61 11.82
N TRP D 65 -30.32 -5.57 11.64
CA TRP D 65 -29.80 -5.59 10.27
C TRP D 65 -30.20 -6.87 9.55
N VAL D 66 -29.92 -8.01 10.17
CA VAL D 66 -30.10 -9.27 9.46
C VAL D 66 -31.57 -9.53 9.15
N ARG D 67 -32.51 -9.03 9.97
CA ARG D 67 -33.92 -9.13 9.59
C ARG D 67 -34.18 -8.50 8.23
N ASP D 68 -33.76 -7.25 8.04
CA ASP D 68 -33.97 -6.57 6.78
C ASP D 68 -33.18 -7.20 5.65
N VAL D 69 -32.04 -7.81 5.94
CA VAL D 69 -31.29 -8.52 4.91
C VAL D 69 -31.96 -9.82 4.50
N VAL D 70 -32.81 -10.40 5.36
CA VAL D 70 -33.55 -11.60 5.00
C VAL D 70 -34.87 -11.31 4.29
N ILE D 71 -35.52 -10.18 4.59
CA ILE D 71 -36.79 -9.84 3.94
C ILE D 71 -36.60 -9.36 2.51
N GLU D 72 -35.38 -8.99 2.12
CA GLU D 72 -35.10 -8.50 0.78
C GLU D 72 -34.68 -9.59 -0.18
N GLY D 73 -34.52 -10.83 0.30
CA GLY D 73 -34.14 -11.92 -0.57
C GLY D 73 -35.18 -13.02 -0.63
N THR D 74 -35.98 -13.15 0.42
CA THR D 74 -37.01 -14.17 0.50
C THR D 74 -38.40 -13.66 0.19
N TYR D 75 -38.69 -12.40 0.45
CA TYR D 75 -40.05 -11.89 0.28
C TYR D 75 -40.15 -10.89 -0.86
N LEU D 76 -39.32 -9.86 -0.86
CA LEU D 76 -39.36 -8.88 -1.95
C LEU D 76 -38.78 -9.47 -3.22
N GLY D 77 -37.69 -10.22 -3.11
CA GLY D 77 -37.16 -10.96 -4.24
C GLY D 77 -36.15 -10.21 -5.06
N ASP D 78 -35.15 -9.62 -4.41
CA ASP D 78 -34.05 -8.94 -5.11
C ASP D 78 -32.75 -9.58 -4.67
N HIS D 79 -32.42 -10.72 -5.30
CA HIS D 79 -31.08 -11.31 -5.23
C HIS D 79 -30.90 -12.08 -6.54
N THR D 80 -30.32 -11.39 -7.53
CA THR D 80 -30.07 -11.97 -8.82
C THR D 80 -28.78 -12.77 -8.78
N ILE D 81 -28.27 -13.17 -9.95
CA ILE D 81 -27.07 -13.99 -9.97
C ILE D 81 -25.83 -13.15 -9.65
N ALA D 82 -25.88 -11.85 -9.93
CA ALA D 82 -24.75 -10.99 -9.61
C ALA D 82 -24.65 -10.70 -8.12
N VAL D 83 -25.78 -10.39 -7.48
CA VAL D 83 -25.76 -10.04 -6.06
C VAL D 83 -25.26 -11.19 -5.19
N ARG D 84 -25.62 -12.42 -5.53
CA ARG D 84 -25.16 -13.57 -4.79
C ARG D 84 -23.65 -13.76 -4.88
N LYS D 85 -23.08 -13.55 -6.08
CA LYS D 85 -21.63 -13.61 -6.22
C LYS D 85 -20.95 -12.52 -5.42
N GLY D 86 -21.52 -11.31 -5.43
CA GLY D 86 -20.97 -10.24 -4.60
C GLY D 86 -20.98 -10.58 -3.12
N LEU D 87 -22.09 -11.15 -2.64
CA LEU D 87 -22.18 -11.51 -1.23
C LEU D 87 -21.17 -12.60 -0.86
N ASN D 88 -20.97 -13.58 -1.75
CA ASN D 88 -19.98 -14.62 -1.50
C ASN D 88 -18.57 -14.03 -1.43
N ILE D 89 -18.24 -13.14 -2.36
CA ILE D 89 -16.93 -12.49 -2.33
C ILE D 89 -16.75 -11.73 -1.03
N GLY D 90 -17.78 -11.00 -0.61
CA GLY D 90 -17.74 -10.27 0.63
C GLY D 90 -17.43 -11.16 1.81
N PHE D 91 -18.17 -12.26 1.97
CA PHE D 91 -17.93 -13.15 3.10
C PHE D 91 -16.53 -13.75 3.08
N MET D 92 -16.03 -14.09 1.89
CA MET D 92 -14.65 -14.58 1.80
C MET D 92 -13.65 -13.55 2.29
N LEU D 93 -13.83 -12.29 1.91
CA LEU D 93 -12.91 -11.24 2.36
C LEU D 93 -13.09 -10.83 3.82
N PHE D 94 -14.12 -11.29 4.53
CA PHE D 94 -14.14 -11.18 5.99
C PHE D 94 -13.52 -12.37 6.68
N VAL D 95 -13.70 -13.58 6.14
CA VAL D 95 -13.03 -14.74 6.71
C VAL D 95 -11.52 -14.56 6.60
N LEU D 96 -11.07 -14.01 5.48
CA LEU D 96 -9.64 -13.77 5.30
C LEU D 96 -9.10 -12.81 6.35
N SER D 97 -9.85 -11.75 6.66
CA SER D 97 -9.41 -10.81 7.68
C SER D 97 -9.42 -11.43 9.07
N GLU D 98 -10.43 -12.26 9.37
CA GLU D 98 -10.47 -12.92 10.67
C GLU D 98 -9.43 -14.02 10.82
N ILE D 99 -8.83 -14.49 9.72
CA ILE D 99 -7.74 -15.46 9.81
C ILE D 99 -6.41 -14.79 10.15
N LEU D 100 -6.26 -13.51 9.85
CA LEU D 100 -5.00 -12.82 10.05
C LEU D 100 -4.88 -12.18 11.42
N ILE D 101 -5.90 -12.31 12.28
CA ILE D 101 -5.74 -11.97 13.69
C ILE D 101 -5.20 -13.14 14.49
N PHE D 102 -5.30 -14.36 13.97
CA PHE D 102 -4.69 -15.52 14.58
C PHE D 102 -3.21 -15.66 14.24
N ALA D 103 -2.80 -15.17 13.07
CA ALA D 103 -1.38 -15.18 12.72
C ALA D 103 -0.57 -14.33 13.68
N ALA D 104 -1.12 -13.18 14.08
CA ALA D 104 -0.43 -12.32 15.03
C ALA D 104 -0.24 -13.02 16.37
N LEU D 105 -1.28 -13.73 16.84
CA LEU D 105 -1.18 -14.42 18.11
C LEU D 105 -0.26 -15.64 18.03
N PHE D 106 -0.16 -16.26 16.85
CA PHE D 106 0.81 -17.34 16.68
C PHE D 106 2.23 -16.81 16.66
N TRP D 107 2.45 -15.64 16.04
CA TRP D 107 3.76 -15.01 16.03
C TRP D 107 4.14 -14.45 17.40
N SER D 108 3.15 -14.16 18.25
CA SER D 108 3.43 -13.82 19.63
C SER D 108 3.67 -15.04 20.51
N TYR D 109 3.42 -16.25 19.99
CA TYR D 109 3.74 -17.48 20.70
C TYR D 109 5.08 -18.06 20.29
N PHE D 110 5.46 -17.91 19.02
CA PHE D 110 6.77 -18.35 18.56
C PHE D 110 7.87 -17.36 18.85
N HIS D 111 7.53 -16.12 19.19
CA HIS D 111 8.54 -15.12 19.52
C HIS D 111 8.99 -15.19 20.97
N SER D 112 8.20 -15.78 21.85
CA SER D 112 8.61 -15.98 23.23
C SER D 112 9.10 -17.40 23.48
N ALA D 113 8.47 -18.39 22.85
CA ALA D 113 8.85 -19.78 23.07
C ALA D 113 10.26 -20.04 22.58
N MET D 114 10.58 -19.52 21.40
CA MET D 114 11.94 -19.63 20.86
C MET D 114 12.79 -18.45 21.34
N GLY D 115 13.48 -18.67 22.45
CA GLY D 115 14.27 -17.63 23.05
C GLY D 115 13.83 -17.18 24.44
N PRO D 116 13.41 -18.11 25.29
CA PRO D 116 12.80 -17.71 26.57
C PRO D 116 13.74 -16.86 27.42
N THR D 117 13.16 -15.88 28.11
CA THR D 117 13.94 -14.85 28.77
C THR D 117 14.67 -15.41 29.99
N ILE D 118 15.56 -14.57 30.55
CA ILE D 118 16.35 -14.96 31.70
C ILE D 118 15.48 -15.11 32.94
N GLU D 119 14.48 -14.23 33.09
CA GLU D 119 13.63 -14.19 34.27
C GLU D 119 12.98 -15.53 34.54
N ILE D 120 12.18 -16.03 33.61
CA ILE D 120 11.75 -17.41 33.65
C ILE D 120 12.97 -18.29 33.46
N GLY D 121 13.13 -19.32 34.30
CA GLY D 121 14.14 -20.33 34.08
C GLY D 121 13.96 -20.93 32.70
N CYS D 122 15.03 -21.04 31.91
CA CYS D 122 14.85 -21.29 30.48
C CYS D 122 14.23 -22.66 30.26
N GLN D 123 12.92 -22.66 30.02
CA GLN D 123 12.09 -23.85 29.90
C GLN D 123 10.69 -23.44 29.45
N TRP D 124 10.11 -24.18 28.52
CA TRP D 124 8.68 -24.10 28.29
C TRP D 124 7.98 -25.14 29.14
N PRO D 125 6.66 -25.21 29.06
CA PRO D 125 5.85 -24.65 30.13
C PRO D 125 6.63 -24.60 31.43
N PRO D 126 6.87 -23.39 31.95
CA PRO D 126 7.95 -23.19 32.92
C PRO D 126 7.67 -23.87 34.26
N VAL D 127 8.66 -23.78 35.15
CA VAL D 127 8.56 -24.41 36.45
C VAL D 127 7.37 -23.86 37.20
N GLY D 128 6.59 -24.74 37.81
CA GLY D 128 5.39 -24.34 38.51
C GLY D 128 4.15 -24.24 37.65
N ILE D 129 4.24 -24.55 36.36
CA ILE D 129 3.10 -24.52 35.45
C ILE D 129 2.92 -25.92 34.88
N THR D 130 1.95 -26.66 35.40
CA THR D 130 1.60 -27.96 34.85
C THR D 130 0.64 -27.76 33.68
N SER D 131 1.07 -28.16 32.49
CA SER D 131 0.30 -27.91 31.28
C SER D 131 -0.90 -28.83 31.25
N ILE D 132 -1.69 -28.75 30.18
CA ILE D 132 -2.91 -29.53 30.02
C ILE D 132 -2.56 -30.77 29.20
N LYS D 133 -2.87 -31.94 29.74
CA LYS D 133 -2.51 -33.18 29.08
C LYS D 133 -3.26 -33.32 27.77
N PRO D 134 -2.59 -33.61 26.66
CA PRO D 134 -3.27 -33.69 25.36
C PRO D 134 -3.86 -35.05 25.02
N THR D 135 -3.99 -35.94 26.00
CA THR D 135 -4.64 -37.23 25.77
C THR D 135 -5.93 -37.30 26.60
N GLU D 136 -6.54 -36.14 26.84
CA GLU D 136 -7.76 -36.00 27.63
C GLU D 136 -8.73 -35.18 26.78
N LEU D 137 -9.70 -34.49 27.39
CA LEU D 137 -10.75 -33.69 26.78
C LEU D 137 -10.35 -32.97 25.49
N PRO D 138 -9.13 -32.42 25.35
CA PRO D 138 -8.74 -31.85 24.04
C PRO D 138 -8.54 -32.85 22.91
N LEU D 139 -8.87 -34.12 23.12
CA LEU D 139 -9.09 -35.06 22.02
C LEU D 139 -10.55 -35.20 21.65
N LEU D 140 -11.44 -35.22 22.65
CA LEU D 140 -12.87 -35.23 22.36
C LEU D 140 -13.27 -34.00 21.56
N ASN D 141 -12.63 -32.86 21.83
CA ASN D 141 -12.95 -31.66 21.06
C ASN D 141 -12.55 -31.80 19.60
N THR D 142 -11.37 -32.36 19.34
CA THR D 142 -10.96 -32.57 17.96
C THR D 142 -11.89 -33.56 17.26
N ILE D 143 -12.26 -34.63 17.94
CA ILE D 143 -13.14 -35.62 17.31
C ILE D 143 -14.53 -35.06 17.07
N ILE D 144 -15.06 -34.27 18.01
CA ILE D 144 -16.37 -33.68 17.79
C ILE D 144 -16.33 -32.65 16.67
N LEU D 145 -15.27 -31.85 16.56
CA LEU D 145 -15.17 -30.94 15.43
C LEU D 145 -15.07 -31.67 14.11
N LEU D 146 -14.31 -32.76 14.04
CA LEU D 146 -14.24 -33.52 12.80
C LEU D 146 -15.58 -34.15 12.45
N ALA D 147 -16.31 -34.64 13.44
CA ALA D 147 -17.65 -35.19 13.18
C ALA D 147 -18.60 -34.11 12.71
N SER D 148 -18.52 -32.91 13.30
CA SER D 148 -19.38 -31.81 12.88
C SER D 148 -19.09 -31.40 11.45
N GLY D 149 -17.81 -31.44 11.05
CA GLY D 149 -17.47 -31.13 9.67
C GLY D 149 -18.08 -32.09 8.68
N ALA D 150 -18.37 -33.32 9.10
CA ALA D 150 -18.96 -34.32 8.22
C ALA D 150 -20.47 -34.34 8.28
N THR D 151 -21.06 -33.95 9.42
CA THR D 151 -22.51 -33.99 9.55
C THR D 151 -23.22 -32.86 8.82
N VAL D 152 -22.55 -31.73 8.58
CA VAL D 152 -23.18 -30.65 7.82
C VAL D 152 -23.13 -30.88 6.32
N THR D 153 -22.31 -31.82 5.85
CA THR D 153 -22.33 -32.21 4.45
C THR D 153 -23.51 -33.11 4.11
N TRP D 154 -24.01 -33.87 5.07
CA TRP D 154 -25.23 -34.63 4.91
C TRP D 154 -26.47 -33.75 4.97
N ALA D 155 -26.31 -32.49 5.41
CA ALA D 155 -27.37 -31.50 5.38
C ALA D 155 -27.41 -30.72 4.08
N HIS D 156 -26.27 -30.57 3.42
CA HIS D 156 -26.21 -29.88 2.13
C HIS D 156 -26.41 -30.82 0.95
N HIS D 157 -26.31 -32.13 1.16
CA HIS D 157 -26.60 -33.10 0.12
C HIS D 157 -28.00 -33.67 0.24
N SER D 158 -28.76 -33.23 1.24
CA SER D 158 -30.16 -33.58 1.37
C SER D 158 -31.10 -32.46 0.99
N ILE D 159 -30.59 -31.25 0.75
CA ILE D 159 -31.40 -30.14 0.27
C ILE D 159 -31.32 -30.00 -1.24
N LEU D 160 -30.36 -30.67 -1.88
CA LEU D 160 -30.28 -30.71 -3.33
C LEU D 160 -30.98 -31.91 -3.94
N TYR D 161 -31.27 -32.94 -3.15
CA TYR D 161 -32.02 -34.09 -3.59
C TYR D 161 -33.48 -34.02 -3.14
N LYS D 162 -33.86 -32.92 -2.50
CA LYS D 162 -35.24 -32.67 -2.08
C LYS D 162 -35.70 -33.66 -1.01
N ASP D 163 -34.96 -33.68 0.11
CA ASP D 163 -35.37 -34.37 1.32
C ASP D 163 -35.40 -33.36 2.46
N ARG D 164 -36.54 -33.26 3.15
CA ARG D 164 -36.66 -32.30 4.24
C ARG D 164 -36.21 -32.90 5.56
N GLN D 165 -36.84 -34.00 5.98
CA GLN D 165 -36.39 -34.74 7.16
C GLN D 165 -35.11 -35.48 6.79
N GLY D 166 -33.99 -34.85 7.11
CA GLY D 166 -32.69 -35.30 6.68
C GLY D 166 -31.82 -34.09 6.39
N THR D 167 -32.48 -32.93 6.26
CA THR D 167 -31.81 -31.64 6.32
C THR D 167 -32.06 -30.92 7.63
N LEU D 168 -33.17 -31.21 8.32
CA LEU D 168 -33.40 -30.71 9.67
C LEU D 168 -32.61 -31.50 10.70
N VAL D 169 -32.51 -32.82 10.53
CA VAL D 169 -31.83 -33.64 11.51
C VAL D 169 -30.33 -33.39 11.49
N GLY D 170 -29.74 -33.19 10.31
CA GLY D 170 -28.33 -32.93 10.20
C GLY D 170 -27.93 -31.64 10.90
N LEU D 171 -28.70 -30.58 10.65
CA LEU D 171 -28.47 -29.31 11.31
C LEU D 171 -28.69 -29.38 12.82
N PHE D 172 -29.68 -30.16 13.26
CA PHE D 172 -29.88 -30.36 14.69
C PHE D 172 -28.67 -31.04 15.33
N ILE D 173 -28.16 -32.09 14.69
CA ILE D 173 -27.01 -32.80 15.25
C ILE D 173 -25.79 -31.90 15.27
N THR D 174 -25.60 -31.11 14.22
CA THR D 174 -24.47 -30.19 14.18
C THR D 174 -24.56 -29.15 15.30
N THR D 175 -25.76 -28.61 15.51
CA THR D 175 -25.92 -27.60 16.57
C THR D 175 -25.74 -28.22 17.94
N LEU D 176 -26.19 -29.45 18.12
CA LEU D 176 -26.06 -30.16 19.39
C LEU D 176 -24.71 -30.77 19.56
N LEU D 177 -23.85 -30.60 18.57
CA LEU D 177 -22.52 -31.18 18.60
C LEU D 177 -21.42 -30.12 18.59
N ILE D 178 -21.77 -28.85 18.41
CA ILE D 178 -20.88 -27.74 18.69
C ILE D 178 -21.12 -27.14 20.06
N ILE D 179 -22.27 -27.41 20.67
CA ILE D 179 -22.51 -27.07 22.06
C ILE D 179 -21.66 -27.91 23.00
N LEU D 180 -21.41 -29.17 22.68
CA LEU D 180 -20.56 -30.02 23.51
C LEU D 180 -19.11 -29.57 23.52
N PHE D 181 -18.62 -28.99 22.42
CA PHE D 181 -17.30 -28.38 22.42
C PHE D 181 -17.21 -27.27 23.45
N VAL D 182 -18.18 -26.35 23.44
CA VAL D 182 -18.20 -25.26 24.40
C VAL D 182 -18.34 -25.79 25.82
N GLY D 183 -19.17 -26.81 26.02
CA GLY D 183 -19.33 -27.37 27.36
C GLY D 183 -18.06 -28.01 27.87
N CYS D 184 -17.35 -28.74 27.01
CA CYS D 184 -16.10 -29.36 27.41
C CYS D 184 -15.04 -28.31 27.70
N GLN D 185 -14.98 -27.25 26.91
CA GLN D 185 -13.94 -26.25 27.09
C GLN D 185 -14.29 -25.22 28.16
N VAL D 186 -15.52 -25.22 28.66
CA VAL D 186 -15.89 -24.46 29.86
C VAL D 186 -15.76 -25.29 31.11
N LEU D 187 -15.52 -26.59 30.99
CA LEU D 187 -15.23 -27.44 32.13
C LEU D 187 -13.74 -27.69 32.28
N GLU D 188 -12.96 -27.44 31.23
CA GLU D 188 -11.50 -27.48 31.28
C GLU D 188 -10.90 -26.15 31.72
N TYR D 189 -11.71 -25.09 31.76
CA TYR D 189 -11.28 -23.82 32.34
C TYR D 189 -11.60 -23.73 33.83
N THR D 190 -12.24 -24.73 34.41
CA THR D 190 -12.49 -24.79 35.85
C THR D 190 -11.73 -25.93 36.52
N TRP D 191 -10.89 -26.65 35.77
CA TRP D 191 -10.06 -27.73 36.29
C TRP D 191 -8.60 -27.43 36.03
N ALA D 192 -8.26 -26.15 35.95
CA ALA D 192 -6.92 -25.72 35.59
C ALA D 192 -6.28 -25.00 36.77
N THR D 193 -4.96 -25.07 36.83
CA THR D 193 -4.20 -24.55 37.96
C THR D 193 -3.27 -23.40 37.54
N PHE D 194 -3.65 -22.67 36.51
CA PHE D 194 -2.89 -21.48 36.11
C PHE D 194 -3.82 -20.48 35.47
N THR D 195 -3.77 -19.23 35.94
CA THR D 195 -4.64 -18.16 35.50
C THR D 195 -3.93 -17.30 34.45
N ILE D 196 -4.56 -16.17 34.12
CA ILE D 196 -4.08 -15.35 33.02
C ILE D 196 -2.89 -14.48 33.42
N ALA D 197 -2.56 -14.41 34.71
CA ALA D 197 -1.54 -13.49 35.20
C ALA D 197 -0.35 -14.18 35.86
N ASP D 198 -0.11 -15.46 35.61
CA ASP D 198 0.93 -16.20 36.33
C ASP D 198 2.17 -16.37 35.46
N SER D 199 2.09 -15.94 34.21
CA SER D 199 3.21 -16.13 33.29
C SER D 199 2.92 -15.49 31.94
N VAL D 200 3.87 -15.60 31.01
CA VAL D 200 3.61 -15.25 29.62
C VAL D 200 3.04 -16.47 28.92
N PHE D 201 3.16 -17.62 29.55
CA PHE D 201 2.55 -18.85 29.06
C PHE D 201 1.06 -18.92 29.34
N GLY D 202 0.61 -18.44 30.51
CA GLY D 202 -0.79 -18.47 30.84
C GLY D 202 -1.56 -17.30 30.27
N SER D 203 -0.85 -16.39 29.62
CA SER D 203 -1.47 -15.21 29.02
C SER D 203 -1.60 -15.30 27.51
N ILE D 204 -0.79 -16.12 26.84
CA ILE D 204 -0.96 -16.37 25.41
C ILE D 204 -1.79 -17.63 25.16
N PHE D 205 -1.85 -18.55 26.12
CA PHE D 205 -2.70 -19.72 26.02
C PHE D 205 -4.16 -19.37 26.21
N TYR D 206 -4.44 -18.38 27.06
CA TYR D 206 -5.80 -17.91 27.30
C TYR D 206 -6.19 -16.77 26.38
N ALA D 207 -5.37 -16.50 25.38
CA ALA D 207 -5.67 -15.43 24.43
C ALA D 207 -5.67 -15.88 22.99
N GLY D 208 -5.44 -17.16 22.71
CA GLY D 208 -5.61 -17.71 21.38
C GLY D 208 -6.63 -18.82 21.42
N THR D 209 -6.82 -19.40 22.60
CA THR D 209 -7.85 -20.41 22.85
C THR D 209 -9.08 -19.81 23.53
N GLY D 210 -9.19 -18.49 23.55
CA GLY D 210 -10.35 -17.83 24.12
C GLY D 210 -11.12 -17.05 23.07
N LEU D 211 -10.40 -16.60 22.03
CA LEU D 211 -11.05 -15.98 20.88
C LEU D 211 -11.78 -17.01 20.03
N HIS D 212 -11.25 -18.23 19.95
CA HIS D 212 -11.94 -19.35 19.32
C HIS D 212 -13.28 -19.61 19.97
N PHE D 213 -13.35 -19.44 21.29
CA PHE D 213 -14.59 -19.63 22.03
C PHE D 213 -15.66 -18.64 21.58
N ILE D 214 -15.27 -17.37 21.47
CA ILE D 214 -16.19 -16.34 20.98
C ILE D 214 -16.62 -16.63 19.56
N HIS D 215 -15.70 -17.12 18.73
CA HIS D 215 -16.06 -17.42 17.35
C HIS D 215 -16.97 -18.64 17.22
N MET D 216 -16.92 -19.58 18.16
CA MET D 216 -17.81 -20.72 18.10
C MET D 216 -19.15 -20.51 18.78
N VAL D 217 -19.31 -19.47 19.60
CA VAL D 217 -20.67 -19.09 19.98
C VAL D 217 -21.42 -18.56 18.75
N MET D 218 -20.71 -17.88 17.86
CA MET D 218 -21.31 -17.36 16.64
C MET D 218 -21.86 -18.48 15.77
N LEU D 219 -21.14 -19.61 15.66
CA LEU D 219 -21.67 -20.72 14.87
C LEU D 219 -22.93 -21.30 15.48
N ILE D 220 -23.03 -21.35 16.81
CA ILE D 220 -24.28 -21.81 17.41
C ILE D 220 -25.44 -20.90 17.03
N VAL D 221 -25.22 -19.59 17.11
CA VAL D 221 -26.28 -18.67 16.68
C VAL D 221 -26.61 -18.82 15.20
N MET D 222 -25.60 -18.93 14.35
CA MET D 222 -25.82 -19.04 12.90
C MET D 222 -26.55 -20.33 12.53
N LEU D 223 -26.24 -21.43 13.21
CA LEU D 223 -26.93 -22.69 12.93
C LEU D 223 -28.34 -22.71 13.47
N ALA D 224 -28.59 -22.04 14.59
CA ALA D 224 -29.97 -21.90 15.03
C ALA D 224 -30.79 -21.09 14.03
N ILE D 225 -30.22 -20.02 13.48
CA ILE D 225 -30.94 -19.17 12.53
C ILE D 225 -31.12 -19.89 11.20
N CYS D 226 -30.35 -20.94 10.96
CA CYS D 226 -30.50 -21.73 9.74
C CYS D 226 -31.43 -22.91 9.90
N TYR D 227 -31.56 -23.48 11.10
CA TYR D 227 -32.61 -24.42 11.39
C TYR D 227 -33.98 -23.77 11.42
N ALA D 228 -34.12 -22.62 12.08
CA ALA D 228 -35.40 -21.95 12.18
C ALA D 228 -35.86 -21.37 10.86
N ARG D 229 -34.95 -21.10 9.93
CA ARG D 229 -35.33 -20.60 8.61
C ARG D 229 -35.57 -21.74 7.62
N MET D 230 -35.28 -22.98 7.98
CA MET D 230 -35.64 -24.13 7.17
C MET D 230 -36.92 -24.79 7.65
N TYR D 231 -37.21 -24.71 8.95
CA TYR D 231 -38.50 -25.19 9.44
C TYR D 231 -39.66 -24.39 8.84
N PHE D 232 -39.43 -23.13 8.48
CA PHE D 232 -40.49 -22.25 8.01
C PHE D 232 -40.51 -22.12 6.49
N TYR D 233 -39.82 -23.02 5.79
CA TYR D 233 -39.85 -23.05 4.33
C TYR D 233 -39.30 -21.75 3.73
N HIS D 234 -38.04 -21.45 4.00
CA HIS D 234 -37.41 -20.28 3.41
C HIS D 234 -36.34 -20.63 2.40
N PHE D 235 -35.99 -21.91 2.22
CA PHE D 235 -34.86 -22.32 1.40
C PHE D 235 -35.37 -23.13 0.23
N THR D 236 -35.02 -22.71 -0.98
CA THR D 236 -35.24 -23.52 -2.16
C THR D 236 -34.08 -24.50 -2.33
N SER D 237 -34.23 -25.39 -3.31
CA SER D 237 -33.19 -26.40 -3.54
C SER D 237 -31.98 -25.83 -4.26
N ASN D 238 -32.05 -24.60 -4.75
CA ASN D 238 -30.91 -23.99 -5.43
C ASN D 238 -30.61 -22.56 -5.01
N HIS D 239 -31.34 -22.00 -4.04
CA HIS D 239 -31.09 -20.65 -3.54
C HIS D 239 -31.05 -20.74 -2.02
N HIS D 240 -29.87 -21.04 -1.48
CA HIS D 240 -29.66 -21.11 -0.04
C HIS D 240 -28.24 -20.61 0.24
N LEU D 241 -28.13 -19.31 0.56
CA LEU D 241 -26.84 -18.70 0.79
C LEU D 241 -26.54 -18.57 2.29
N GLY D 242 -27.44 -19.05 3.14
CA GLY D 242 -27.17 -19.07 4.56
C GLY D 242 -26.44 -20.34 4.94
N LEU D 243 -26.73 -21.44 4.24
CA LEU D 243 -26.02 -22.68 4.48
C LEU D 243 -24.61 -22.61 3.93
N GLU D 244 -24.43 -22.09 2.71
CA GLU D 244 -23.10 -22.00 2.12
C GLU D 244 -22.22 -21.06 2.92
N THR D 245 -22.77 -19.95 3.39
CA THR D 245 -22.01 -19.02 4.21
C THR D 245 -21.63 -19.61 5.56
N THR D 246 -22.50 -20.45 6.14
CA THR D 246 -22.20 -21.05 7.42
C THR D 246 -21.22 -22.21 7.34
N ILE D 247 -21.22 -22.97 6.23
CA ILE D 247 -20.31 -24.10 6.10
C ILE D 247 -18.87 -23.68 5.87
N LEU D 248 -18.63 -22.50 5.29
CA LEU D 248 -17.28 -21.98 5.09
C LEU D 248 -16.71 -21.38 6.38
N TYR D 249 -17.54 -21.22 7.41
CA TYR D 249 -17.11 -20.75 8.72
C TYR D 249 -16.78 -21.89 9.66
N LEU D 250 -17.47 -23.02 9.53
CA LEU D 250 -17.19 -24.18 10.37
C LEU D 250 -15.85 -24.83 10.00
N HIS D 251 -15.60 -24.99 8.71
CA HIS D 251 -14.38 -25.66 8.25
C HIS D 251 -13.14 -24.84 8.56
N VAL D 252 -13.23 -23.52 8.44
CA VAL D 252 -12.13 -22.65 8.82
C VAL D 252 -11.80 -22.78 10.30
N LEU D 253 -12.82 -22.81 11.17
CA LEU D 253 -12.56 -22.98 12.59
C LEU D 253 -12.00 -24.36 12.92
N ASP D 254 -12.42 -25.40 12.19
CA ASP D 254 -11.79 -26.70 12.39
C ASP D 254 -10.32 -26.68 12.01
N ILE D 255 -9.98 -26.06 10.88
CA ILE D 255 -8.59 -25.97 10.46
C ILE D 255 -7.78 -25.17 11.47
N ILE D 256 -8.37 -24.12 12.04
CA ILE D 256 -7.67 -23.34 13.06
C ILE D 256 -7.47 -24.15 14.33
N TRP D 257 -8.46 -24.95 14.74
CA TRP D 257 -8.28 -25.76 15.94
C TRP D 257 -7.21 -26.81 15.75
N LEU D 258 -7.06 -27.34 14.54
CA LEU D 258 -5.99 -28.29 14.31
C LEU D 258 -4.61 -27.66 14.38
N PHE D 259 -4.53 -26.33 14.44
CA PHE D 259 -3.28 -25.61 14.65
C PHE D 259 -3.12 -25.12 16.07
N LEU D 260 -4.19 -25.10 16.86
CA LEU D 260 -4.14 -24.73 18.27
C LEU D 260 -3.96 -25.95 19.15
N TYR D 261 -3.90 -27.14 18.56
CA TYR D 261 -3.74 -28.39 19.30
C TYR D 261 -2.36 -29.01 19.14
N ILE D 262 -1.66 -28.72 18.06
CA ILE D 262 -0.30 -29.23 17.87
C ILE D 262 0.76 -28.17 18.18
N VAL D 263 0.35 -26.91 18.38
CA VAL D 263 1.27 -25.82 18.69
C VAL D 263 1.09 -25.31 20.11
N PHE D 264 -0.01 -25.65 20.76
CA PHE D 264 -0.29 -25.16 22.10
C PHE D 264 -0.37 -26.28 23.13
N TYR D 265 -0.81 -27.47 22.73
CA TYR D 265 -1.04 -28.56 23.66
C TYR D 265 0.02 -29.65 23.62
N TRP D 266 0.52 -30.00 22.43
CA TRP D 266 1.62 -30.96 22.30
C TRP D 266 2.97 -30.29 22.49
N TRP D 267 3.25 -29.30 21.66
CA TRP D 267 4.55 -28.63 21.66
C TRP D 267 4.78 -27.91 22.98
N GLY D 268 5.91 -28.19 23.62
CA GLY D 268 6.23 -27.57 24.88
C GLY D 268 7.67 -27.77 25.31
N GLN E 1 -49.49 -10.88 -6.83
CA GLN E 1 -50.61 -10.05 -6.44
C GLN E 1 -51.72 -10.15 -7.49
N PHE E 2 -51.37 -10.70 -8.65
CA PHE E 2 -52.30 -10.86 -9.75
C PHE E 2 -51.94 -12.09 -10.56
N LYS E 3 -52.43 -12.17 -11.79
CA LYS E 3 -52.22 -13.36 -12.63
C LYS E 3 -50.73 -13.65 -12.81
N THR E 4 -50.39 -14.93 -12.75
CA THR E 4 -49.00 -15.38 -12.84
C THR E 4 -48.63 -15.64 -14.29
N ALA E 5 -47.40 -15.28 -14.63
CA ALA E 5 -46.89 -15.46 -15.98
C ALA E 5 -46.29 -16.85 -16.17
N THR E 6 -46.28 -17.32 -17.42
CA THR E 6 -45.68 -18.59 -17.76
C THR E 6 -44.62 -18.48 -18.85
N SER E 7 -44.44 -17.30 -19.43
CA SER E 7 -43.37 -17.02 -20.38
C SER E 7 -43.18 -15.51 -20.41
N ILE E 8 -42.05 -15.06 -20.93
CA ILE E 8 -41.86 -13.62 -20.95
C ILE E 8 -42.52 -13.07 -22.22
N ALA E 9 -43.84 -13.06 -22.21
CA ALA E 9 -44.68 -12.30 -23.12
C ALA E 9 -45.85 -11.77 -22.33
N GLU E 10 -46.03 -12.32 -21.13
CA GLU E 10 -47.14 -12.04 -20.23
C GLU E 10 -46.64 -11.32 -18.98
N VAL E 11 -45.43 -10.79 -19.03
CA VAL E 11 -44.86 -10.09 -17.90
C VAL E 11 -44.98 -8.59 -18.15
N GLU E 12 -46.05 -7.99 -17.63
CA GLU E 12 -46.32 -6.57 -17.82
C GLU E 12 -45.91 -5.72 -16.62
N GLY E 13 -45.18 -6.30 -15.67
CA GLY E 13 -44.76 -5.55 -14.51
C GLY E 13 -44.32 -6.49 -13.40
N LEU E 14 -44.23 -5.92 -12.19
CA LEU E 14 -43.87 -6.68 -11.00
C LEU E 14 -45.08 -7.31 -10.33
N GLU E 15 -46.26 -7.17 -10.93
CA GLU E 15 -47.49 -7.73 -10.39
C GLU E 15 -47.76 -9.14 -10.90
N ASN E 16 -47.00 -9.62 -11.87
CA ASN E 16 -47.23 -10.89 -12.53
C ASN E 16 -46.15 -11.92 -12.22
N LEU E 17 -45.41 -11.74 -11.13
CA LEU E 17 -44.24 -12.56 -10.85
C LEU E 17 -44.27 -13.03 -9.39
N VAL E 18 -45.41 -13.53 -8.94
CA VAL E 18 -45.53 -14.11 -7.60
C VAL E 18 -45.45 -15.63 -7.65
N GLY E 19 -46.38 -16.29 -8.34
CA GLY E 19 -46.30 -17.71 -8.53
C GLY E 19 -47.02 -18.50 -7.45
N PRO E 20 -47.26 -19.77 -7.71
CA PRO E 20 -47.91 -20.64 -6.73
C PRO E 20 -46.93 -21.00 -5.61
N GLY E 21 -47.40 -21.84 -4.69
CA GLY E 21 -46.62 -22.24 -3.54
C GLY E 21 -46.37 -23.75 -3.52
N ALA E 22 -45.39 -24.13 -2.71
CA ALA E 22 -45.07 -25.54 -2.53
C ALA E 22 -46.13 -26.21 -1.64
N LYS E 23 -46.01 -27.53 -1.53
CA LYS E 23 -46.91 -28.33 -0.70
C LYS E 23 -46.19 -28.73 0.59
N THR E 24 -46.99 -28.96 1.63
CA THR E 24 -46.46 -29.23 2.96
C THR E 24 -45.73 -30.57 2.96
N GLY E 25 -44.45 -30.55 3.29
CA GLY E 25 -43.65 -31.77 3.36
C GLY E 25 -42.69 -31.91 2.20
N THR E 26 -42.26 -30.79 1.63
CA THR E 26 -41.42 -30.82 0.44
C THR E 26 -40.51 -29.61 0.42
N VAL E 27 -39.33 -29.76 -0.17
CA VAL E 27 -38.40 -28.66 -0.36
C VAL E 27 -38.85 -27.87 -1.59
N PRO E 28 -39.25 -26.62 -1.44
CA PRO E 28 -39.81 -25.87 -2.57
C PRO E 28 -38.78 -25.63 -3.66
N THR E 29 -39.26 -25.60 -4.90
CA THR E 29 -38.43 -25.40 -6.08
C THR E 29 -38.44 -23.91 -6.43
N ASP E 30 -37.61 -23.49 -7.38
CA ASP E 30 -37.51 -22.08 -7.75
C ASP E 30 -38.65 -21.62 -8.65
N LEU E 31 -39.46 -22.54 -9.16
CA LEU E 31 -40.67 -22.17 -9.89
C LEU E 31 -41.88 -22.06 -8.97
N GLU E 32 -41.70 -22.30 -7.68
CA GLU E 32 -42.77 -22.19 -6.70
C GLU E 32 -42.49 -21.11 -5.67
N GLN E 33 -41.34 -20.45 -5.75
CA GLN E 33 -41.02 -19.32 -4.89
C GLN E 33 -40.00 -18.41 -5.57
N ALA E 34 -40.48 -17.35 -6.23
CA ALA E 34 -39.62 -16.36 -6.84
C ALA E 34 -40.48 -15.17 -7.25
N THR E 35 -40.06 -13.96 -6.85
CA THR E 35 -40.94 -12.82 -6.89
C THR E 35 -40.43 -11.76 -7.85
N GLY E 36 -39.24 -11.22 -7.63
CA GLY E 36 -38.95 -9.93 -8.23
C GLY E 36 -38.13 -9.98 -9.50
N LEU E 37 -36.93 -9.43 -9.44
CA LEU E 37 -36.07 -9.38 -10.60
C LEU E 37 -35.27 -10.69 -10.67
N GLU E 38 -35.53 -11.59 -9.72
CA GLU E 38 -35.00 -12.94 -9.72
C GLU E 38 -35.76 -13.88 -10.63
N ARG E 39 -37.09 -13.93 -10.51
CA ARG E 39 -37.89 -14.82 -11.32
C ARG E 39 -37.93 -14.41 -12.79
N TYR E 40 -37.71 -13.13 -13.07
CA TYR E 40 -37.60 -12.69 -14.47
C TYR E 40 -36.43 -13.38 -15.15
N GLU E 41 -35.29 -13.48 -14.45
CA GLU E 41 -34.16 -14.22 -14.98
C GLU E 41 -34.49 -15.69 -15.22
N LEU E 42 -35.18 -16.32 -14.25
CA LEU E 42 -35.53 -17.73 -14.40
C LEU E 42 -36.43 -17.93 -15.61
N LEU E 43 -37.41 -17.05 -15.79
CA LEU E 43 -38.34 -17.17 -16.91
C LEU E 43 -37.69 -16.82 -18.23
N GLY E 44 -36.58 -16.09 -18.20
CA GLY E 44 -35.88 -15.79 -19.44
C GLY E 44 -34.89 -16.86 -19.84
N LYS E 45 -34.26 -17.51 -18.87
CA LYS E 45 -33.24 -18.50 -19.18
C LYS E 45 -33.81 -19.88 -19.47
N LEU E 46 -35.11 -20.08 -19.27
CA LEU E 46 -35.75 -21.34 -19.64
C LEU E 46 -36.23 -21.34 -21.08
N GLU E 47 -35.95 -20.30 -21.82
CA GLU E 47 -36.36 -20.18 -23.22
C GLU E 47 -35.20 -19.84 -24.14
N GLY E 48 -34.15 -19.21 -23.63
CA GLY E 48 -33.01 -18.83 -24.43
C GLY E 48 -32.85 -17.33 -24.53
N ILE E 49 -33.68 -16.60 -23.79
CA ILE E 49 -33.69 -15.14 -23.80
C ILE E 49 -32.87 -14.64 -22.63
N GLU E 50 -31.89 -13.81 -22.92
CA GLU E 50 -31.08 -13.17 -21.88
C GLU E 50 -31.64 -11.78 -21.62
N VAL E 51 -32.20 -11.59 -20.43
CA VAL E 51 -32.82 -10.32 -20.08
C VAL E 51 -31.80 -9.21 -19.90
N PHE E 52 -30.60 -9.52 -19.44
CA PHE E 52 -29.57 -8.53 -19.17
C PHE E 52 -28.43 -8.76 -20.16
N ASP E 53 -28.36 -7.93 -21.19
CA ASP E 53 -27.40 -8.12 -22.27
C ASP E 53 -25.98 -7.75 -21.82
N GLU E 54 -25.01 -8.42 -22.42
CA GLU E 54 -23.61 -8.13 -22.16
C GLU E 54 -22.83 -8.16 -23.46
N THR E 55 -23.42 -7.62 -24.53
CA THR E 55 -22.81 -7.64 -25.85
C THR E 55 -22.20 -6.28 -26.16
N PRO E 56 -20.89 -6.20 -26.37
CA PRO E 56 -20.24 -4.89 -26.56
C PRO E 56 -20.63 -4.19 -27.86
N LEU E 57 -20.02 -3.04 -28.11
CA LEU E 57 -20.39 -2.14 -29.19
C LEU E 57 -19.91 -2.67 -30.53
N GLU E 58 -20.51 -2.14 -31.60
CA GLU E 58 -20.16 -2.56 -32.95
C GLU E 58 -18.83 -1.99 -33.38
N ALA E 59 -17.92 -2.85 -33.83
CA ALA E 59 -16.61 -2.44 -34.30
C ALA E 59 -16.35 -3.07 -35.67
N VAL E 60 -17.34 -2.96 -36.55
CA VAL E 60 -17.27 -3.54 -37.89
C VAL E 60 -17.13 -2.43 -38.92
N ARG E 61 -18.02 -1.45 -38.85
CA ARG E 61 -18.10 -0.38 -39.84
C ARG E 61 -17.94 0.98 -39.17
N LYS E 62 -17.44 1.95 -39.94
CA LYS E 62 -17.37 3.33 -39.48
C LYS E 62 -18.75 3.97 -39.60
N GLY E 63 -18.84 5.28 -39.36
CA GLY E 63 -20.13 5.95 -39.37
C GLY E 63 -20.14 7.26 -40.12
N THR E 64 -21.00 7.34 -41.13
CA THR E 64 -21.17 8.57 -41.90
C THR E 64 -22.43 9.29 -41.43
N MET E 65 -22.49 10.60 -41.67
CA MET E 65 -23.68 11.36 -41.31
C MET E 65 -24.93 10.80 -42.00
N LYS E 66 -24.81 10.40 -43.26
CA LYS E 66 -25.95 9.84 -43.98
C LYS E 66 -26.33 8.46 -43.42
N ASP E 67 -25.32 7.67 -43.05
CA ASP E 67 -25.54 6.31 -42.53
C ASP E 67 -24.86 6.18 -41.18
N PRO E 68 -25.50 6.59 -40.08
CA PRO E 68 -24.86 6.55 -38.78
C PRO E 68 -25.12 5.26 -38.02
N ILE E 69 -24.18 4.93 -37.12
CA ILE E 69 -24.37 3.78 -36.25
C ILE E 69 -25.47 4.06 -35.24
N LEU E 70 -26.45 3.16 -35.15
CA LEU E 70 -27.66 3.37 -34.38
C LEU E 70 -27.51 2.70 -33.01
N ILE E 71 -27.52 3.50 -31.95
CA ILE E 71 -27.46 3.02 -30.57
C ILE E 71 -28.84 3.09 -29.97
N ASP E 72 -29.30 1.99 -29.38
CA ASP E 72 -30.65 1.89 -28.83
C ASP E 72 -30.65 2.33 -27.38
N SER E 73 -31.63 3.14 -27.00
CA SER E 73 -31.67 3.64 -25.64
C SER E 73 -33.11 3.83 -25.19
N TYR E 74 -33.35 3.62 -23.91
CA TYR E 74 -34.63 3.83 -23.28
C TYR E 74 -34.75 5.22 -22.66
N ASP E 75 -33.73 6.06 -22.83
CA ASP E 75 -33.74 7.45 -22.38
C ASP E 75 -33.40 8.33 -23.57
N ASP E 76 -33.13 9.60 -23.30
CA ASP E 76 -32.75 10.53 -24.36
C ASP E 76 -31.24 10.62 -24.54
N TYR E 77 -30.46 9.93 -23.73
CA TYR E 77 -29.00 9.93 -23.85
C TYR E 77 -28.45 8.55 -23.54
N ARG E 78 -27.25 8.27 -24.05
CA ARG E 78 -26.55 7.05 -23.70
C ARG E 78 -25.06 7.25 -23.96
N TYR E 79 -24.24 6.95 -22.96
CA TYR E 79 -22.80 7.11 -23.08
C TYR E 79 -22.21 5.97 -23.89
N VAL E 80 -21.48 6.32 -24.95
CA VAL E 80 -20.85 5.32 -25.81
C VAL E 80 -19.36 5.64 -25.93
N GLY E 81 -18.54 4.61 -25.75
CA GLY E 81 -17.11 4.80 -25.83
C GLY E 81 -16.52 4.14 -27.06
N CYS E 82 -15.81 4.93 -27.88
CA CYS E 82 -15.28 4.45 -29.14
C CYS E 82 -13.80 4.11 -28.99
N THR E 83 -13.40 2.99 -29.60
CA THR E 83 -12.04 2.49 -29.55
C THR E 83 -11.49 2.20 -30.96
N GLY E 84 -12.30 2.38 -32.01
CA GLY E 84 -11.82 2.33 -33.37
C GLY E 84 -12.63 1.38 -34.22
N VAL E 85 -12.29 1.34 -35.51
CA VAL E 85 -12.95 0.45 -36.47
C VAL E 85 -12.39 -0.95 -36.35
N PRO E 86 -11.06 -1.14 -36.28
CA PRO E 86 -10.52 -2.48 -35.96
C PRO E 86 -10.75 -2.91 -34.52
N ALA E 87 -11.47 -2.08 -33.76
CA ALA E 87 -11.99 -2.37 -32.43
C ALA E 87 -11.00 -2.22 -31.29
N ASP E 88 -9.72 -1.99 -31.59
CA ASP E 88 -8.83 -1.57 -30.51
C ASP E 88 -7.73 -0.64 -31.01
N SER E 89 -7.98 0.10 -32.09
CA SER E 89 -6.95 0.97 -32.64
C SER E 89 -7.00 2.34 -32.00
N HIS E 90 -8.13 3.01 -32.13
CA HIS E 90 -8.40 4.28 -31.48
C HIS E 90 -8.31 4.10 -29.98
N ASN E 91 -7.79 5.09 -29.24
CA ASN E 91 -7.92 5.05 -27.80
C ASN E 91 -9.37 5.24 -27.41
N ILE E 92 -9.67 5.22 -26.12
CA ILE E 92 -11.04 5.27 -25.64
C ILE E 92 -11.48 6.72 -25.61
N GLU E 93 -12.49 7.06 -26.42
CA GLU E 93 -13.05 8.40 -26.41
C GLU E 93 -14.54 8.29 -26.14
N TRP E 94 -15.01 8.99 -25.12
CA TRP E 94 -16.40 8.88 -24.69
C TRP E 94 -17.25 9.95 -25.36
N LEU E 95 -18.49 9.58 -25.67
CA LEU E 95 -19.42 10.44 -26.37
C LEU E 95 -20.81 10.27 -25.78
N LYS E 96 -21.65 11.30 -25.93
CA LYS E 96 -23.02 11.29 -25.43
C LYS E 96 -23.98 11.58 -26.56
N PRO E 97 -24.35 10.60 -27.37
CA PRO E 97 -25.40 10.83 -28.37
C PRO E 97 -26.73 11.15 -27.70
N THR E 98 -27.48 12.03 -28.34
CA THR E 98 -28.73 12.57 -27.80
C THR E 98 -29.76 12.65 -28.91
N THR E 99 -31.01 12.88 -28.51
CA THR E 99 -32.13 12.88 -29.44
C THR E 99 -32.13 14.09 -30.38
N GLU E 100 -31.29 15.09 -30.10
CA GLU E 100 -31.23 16.28 -30.94
C GLU E 100 -29.87 16.51 -31.56
N LYS E 101 -28.84 15.76 -31.16
CA LYS E 101 -27.50 15.94 -31.71
C LYS E 101 -26.80 14.59 -31.77
N ASN E 102 -25.81 14.50 -32.64
CA ASN E 102 -25.08 13.26 -32.89
C ASN E 102 -23.63 13.40 -32.40
N ALA E 103 -23.10 12.31 -31.86
CA ALA E 103 -21.68 12.28 -31.51
C ALA E 103 -20.84 12.03 -32.76
N ARG E 104 -19.60 12.54 -32.74
CA ARG E 104 -18.76 12.45 -33.92
C ARG E 104 -17.33 11.98 -33.68
N CYS E 105 -16.87 11.85 -32.44
CA CYS E 105 -15.60 11.16 -32.18
C CYS E 105 -14.39 11.81 -32.83
N TRP E 106 -13.90 12.90 -32.25
CA TRP E 106 -12.92 13.83 -32.81
C TRP E 106 -11.70 13.18 -33.46
N GLU E 107 -11.36 11.93 -33.16
CA GLU E 107 -10.15 11.36 -33.75
C GLU E 107 -10.39 10.51 -34.99
N CYS E 108 -11.25 9.50 -34.94
CA CYS E 108 -11.47 8.67 -36.12
C CYS E 108 -12.62 9.19 -36.98
N GLY E 109 -13.76 9.51 -36.37
CA GLY E 109 -14.81 10.19 -37.09
C GLY E 109 -16.16 9.51 -37.15
N SER E 110 -16.34 8.45 -36.36
CA SER E 110 -17.58 7.70 -36.39
C SER E 110 -18.72 8.55 -35.83
N VAL E 111 -19.87 8.51 -36.51
CA VAL E 111 -21.05 9.25 -36.09
C VAL E 111 -22.06 8.29 -35.49
N TYR E 112 -22.64 8.66 -34.36
CA TYR E 112 -23.57 7.82 -33.63
C TYR E 112 -24.91 8.53 -33.49
N LYS E 113 -25.98 7.82 -33.80
CA LYS E 113 -27.35 8.30 -33.70
C LYS E 113 -28.08 7.49 -32.64
N LEU E 114 -29.11 8.06 -32.06
CA LEU E 114 -29.82 7.46 -30.94
C LEU E 114 -31.22 7.04 -31.37
N ASN E 115 -31.54 5.77 -31.15
CA ASN E 115 -32.87 5.23 -31.42
C ASN E 115 -33.61 5.08 -30.09
N PHE E 116 -34.74 5.77 -29.97
CA PHE E 116 -35.51 5.82 -28.73
C PHE E 116 -36.54 4.70 -28.74
N LEU E 117 -36.49 3.83 -27.74
CA LEU E 117 -37.39 2.67 -27.67
C LEU E 117 -38.41 2.82 -26.55
N ASN F 1 -20.36 47.48 -45.68
CA ASN F 1 -18.98 47.59 -45.23
C ASN F 1 -18.91 47.81 -43.71
N ALA F 2 -19.82 48.65 -43.20
CA ALA F 2 -19.82 48.96 -41.78
C ALA F 2 -20.10 47.72 -40.95
N THR F 3 -20.89 46.78 -41.48
CA THR F 3 -21.26 45.60 -40.72
C THR F 3 -20.06 44.72 -40.43
N VAL F 4 -19.07 44.70 -41.32
CA VAL F 4 -17.94 43.79 -41.22
C VAL F 4 -16.66 44.51 -40.85
N THR F 5 -16.54 45.78 -41.21
CA THR F 5 -15.30 46.52 -40.95
C THR F 5 -15.09 46.69 -39.45
N ASN F 6 -13.87 46.37 -39.00
CA ASN F 6 -13.46 46.54 -37.61
C ASN F 6 -14.35 45.73 -36.67
N LEU F 7 -14.32 44.41 -36.89
CA LEU F 7 -14.98 43.48 -35.99
C LEU F 7 -14.12 43.12 -34.78
N GLU F 8 -12.88 43.60 -34.74
CA GLU F 8 -12.01 43.35 -33.60
C GLU F 8 -12.38 44.16 -32.38
N LYS F 9 -13.28 45.14 -32.53
CA LYS F 9 -13.67 46.01 -31.43
C LYS F 9 -15.16 45.94 -31.13
N ARG F 10 -15.88 45.01 -31.74
CA ARG F 10 -17.33 44.92 -31.51
C ARG F 10 -17.87 43.52 -31.31
N TRP F 11 -17.08 42.47 -31.50
CA TRP F 11 -17.66 41.12 -31.56
C TRP F 11 -18.21 40.68 -30.21
N GLU F 12 -17.50 40.97 -29.12
CA GLU F 12 -17.93 40.46 -27.82
C GLU F 12 -19.09 41.25 -27.23
N ASP F 13 -19.51 42.34 -27.87
CA ASP F 13 -20.62 43.16 -27.39
C ASP F 13 -21.94 42.82 -28.05
N LEU F 14 -21.92 42.34 -29.28
CA LEU F 14 -23.15 42.02 -30.00
C LEU F 14 -23.87 40.84 -29.36
N PRO F 15 -25.19 40.78 -29.46
CA PRO F 15 -25.92 39.62 -28.92
C PRO F 15 -25.70 38.38 -29.78
N GLU F 16 -26.24 37.27 -29.30
CA GLU F 16 -26.12 35.99 -29.99
C GLU F 16 -27.15 35.81 -31.10
N THR F 17 -27.91 36.86 -31.42
CA THR F 17 -28.79 36.85 -32.58
C THR F 17 -28.30 37.80 -33.67
N ASP F 18 -27.32 38.64 -33.37
CA ASP F 18 -26.62 39.43 -34.37
C ASP F 18 -25.27 38.84 -34.74
N GLN F 19 -24.82 37.83 -34.01
CA GLN F 19 -23.62 37.08 -34.35
C GLN F 19 -23.88 35.94 -35.32
N LYS F 20 -25.08 35.34 -35.26
CA LYS F 20 -25.46 34.28 -36.18
C LYS F 20 -25.99 34.80 -37.50
N ASP F 21 -26.01 36.11 -37.70
CA ASP F 21 -26.35 36.71 -38.98
C ASP F 21 -25.14 37.04 -39.82
N ILE F 22 -24.04 37.47 -39.21
CA ILE F 22 -22.82 37.71 -39.96
C ILE F 22 -22.20 36.41 -40.43
N ILE F 23 -22.23 35.37 -39.60
CA ILE F 23 -21.69 34.07 -40.01
C ILE F 23 -22.50 33.50 -41.16
N SER F 24 -23.81 33.74 -41.17
CA SER F 24 -24.69 33.24 -42.21
C SER F 24 -24.72 34.17 -43.43
N GLN F 25 -23.89 35.20 -43.46
CA GLN F 25 -23.72 36.03 -44.63
C GLN F 25 -22.31 35.94 -45.22
N LEU F 26 -21.32 35.51 -44.45
CA LEU F 26 -20.00 35.20 -44.97
C LEU F 26 -19.89 33.76 -45.45
N SER F 27 -20.89 32.93 -45.18
CA SER F 27 -20.92 31.55 -45.67
C SER F 27 -21.60 31.44 -47.02
N GLU F 28 -22.35 32.45 -47.43
CA GLU F 28 -22.86 32.56 -48.78
C GLU F 28 -22.06 33.58 -49.59
N ARG F 29 -21.03 34.16 -48.98
CA ARG F 29 -20.08 35.01 -49.67
C ARG F 29 -18.77 34.32 -49.95
N GLN F 30 -18.51 33.18 -49.30
CA GLN F 30 -17.33 32.38 -49.56
C GLN F 30 -17.55 31.35 -50.65
N LYS F 31 -18.81 31.04 -50.99
CA LYS F 31 -19.06 30.11 -52.08
C LYS F 31 -18.62 30.68 -53.42
N LEU F 32 -18.64 32.00 -53.57
CA LEU F 32 -18.11 32.61 -54.77
C LEU F 32 -16.59 32.36 -54.82
N PRO F 33 -16.01 32.39 -56.01
CA PRO F 33 -14.56 32.20 -56.11
C PRO F 33 -13.81 33.28 -55.34
N TRP F 34 -12.79 32.87 -54.60
CA TRP F 34 -11.95 33.84 -53.93
C TRP F 34 -11.19 34.65 -54.97
N LYS F 35 -10.60 35.76 -54.52
CA LYS F 35 -10.09 36.88 -55.30
C LYS F 35 -11.25 37.79 -55.69
N ASP F 36 -12.49 37.45 -55.32
CA ASP F 36 -13.63 38.35 -55.46
C ASP F 36 -14.13 38.80 -54.10
N LEU F 37 -13.39 38.49 -53.03
CA LEU F 37 -13.72 38.92 -51.69
C LEU F 37 -12.87 40.12 -51.32
N THR F 38 -13.48 41.11 -50.66
CA THR F 38 -12.74 42.27 -50.21
C THR F 38 -11.82 41.90 -49.06
N LEU F 39 -10.87 42.78 -48.78
CA LEU F 39 -9.88 42.51 -47.74
C LEU F 39 -10.52 42.51 -46.36
N SER F 40 -11.54 43.35 -46.15
CA SER F 40 -12.24 43.37 -44.87
C SER F 40 -12.93 42.05 -44.60
N GLU F 41 -13.54 41.44 -45.62
CA GLU F 41 -14.15 40.13 -45.44
C GLU F 41 -13.11 39.06 -45.15
N LYS F 42 -11.94 39.16 -45.78
CA LYS F 42 -10.88 38.20 -45.50
C LYS F 42 -10.41 38.31 -44.05
N LYS F 43 -10.29 39.53 -43.53
CA LYS F 43 -9.94 39.70 -42.12
C LYS F 43 -11.05 39.17 -41.21
N ALA F 44 -12.31 39.45 -41.54
CA ALA F 44 -13.41 39.02 -40.69
C ALA F 44 -13.52 37.51 -40.63
N ALA F 45 -13.33 36.83 -41.77
CA ALA F 45 -13.39 35.38 -41.78
C ALA F 45 -12.30 34.77 -40.90
N TRP F 46 -11.09 35.32 -40.96
CA TRP F 46 -10.02 34.83 -40.09
C TRP F 46 -10.31 35.11 -38.62
N TYR F 47 -10.87 36.28 -38.32
CA TYR F 47 -11.09 36.62 -36.91
C TYR F 47 -12.21 35.81 -36.29
N ILE F 48 -13.29 35.55 -37.04
CA ILE F 48 -14.45 34.87 -36.46
C ILE F 48 -14.12 33.46 -36.05
N SER F 49 -13.14 32.81 -36.71
CA SER F 49 -12.87 31.41 -36.46
C SER F 49 -11.58 31.22 -35.66
N PHE F 50 -10.48 31.83 -36.10
CA PHE F 50 -9.21 31.74 -35.39
C PHE F 50 -8.85 33.13 -34.87
N GLY F 51 -9.33 33.45 -33.67
CA GLY F 51 -9.10 34.75 -33.08
C GLY F 51 -9.08 34.64 -31.58
N GLU F 52 -8.63 35.72 -30.94
CA GLU F 52 -8.50 35.75 -29.48
C GLU F 52 -9.77 36.27 -28.82
N TRP F 53 -10.87 35.57 -29.09
CA TRP F 53 -12.14 35.81 -28.41
C TRP F 53 -12.70 34.48 -27.93
N GLY F 54 -13.46 34.54 -26.84
CA GLY F 54 -14.09 33.36 -26.31
C GLY F 54 -13.12 32.34 -25.79
N PRO F 55 -13.17 31.12 -26.31
CA PRO F 55 -12.38 30.03 -25.75
C PRO F 55 -10.90 30.05 -26.13
N ARG F 56 -10.43 31.16 -26.71
CA ARG F 56 -9.05 31.25 -27.14
C ARG F 56 -8.32 32.38 -26.40
N ARG F 57 -8.87 32.82 -25.29
CA ARG F 57 -8.25 33.84 -24.45
C ARG F 57 -7.26 33.19 -23.50
N PRO F 58 -6.18 33.89 -23.16
CA PRO F 58 -5.19 33.31 -22.25
C PRO F 58 -5.71 33.22 -20.83
N VAL F 59 -5.16 32.26 -20.09
CA VAL F 59 -5.59 32.04 -18.72
C VAL F 59 -5.22 33.25 -17.85
N HIS F 60 -4.03 33.80 -18.07
CA HIS F 60 -3.53 34.93 -17.29
C HIS F 60 -3.33 36.14 -18.19
N THR F 61 -4.05 37.21 -17.91
CA THR F 61 -3.80 38.48 -18.58
C THR F 61 -2.68 39.23 -17.87
N LYS F 62 -2.26 40.36 -18.45
CA LYS F 62 -1.19 41.15 -17.87
C LYS F 62 -1.61 41.77 -16.54
N GLU F 63 -2.90 42.01 -16.36
CA GLU F 63 -3.40 42.64 -15.15
C GLU F 63 -3.75 41.64 -14.06
N ASP F 64 -3.45 40.35 -14.24
CA ASP F 64 -3.66 39.35 -13.22
C ASP F 64 -2.38 38.92 -12.52
N LYS F 65 -1.25 38.91 -13.22
CA LYS F 65 0.01 38.57 -12.59
C LYS F 65 0.45 39.60 -11.56
N LEU F 66 0.24 40.88 -11.83
CA LEU F 66 0.49 41.91 -10.82
C LEU F 66 -0.39 41.69 -9.60
N TYR F 67 -1.65 41.32 -9.82
CA TYR F 67 -2.57 41.06 -8.72
C TYR F 67 -2.07 39.90 -7.86
N ILE F 68 -1.64 38.81 -8.49
CA ILE F 68 -1.13 37.66 -7.73
C ILE F 68 0.13 38.04 -6.97
N PHE F 69 1.04 38.77 -7.61
CA PHE F 69 2.30 39.14 -6.97
C PHE F 69 2.05 40.01 -5.74
N TRP F 70 1.22 41.03 -5.88
CA TRP F 70 0.95 41.92 -4.76
C TRP F 70 -0.03 41.33 -3.77
N GLY F 71 -0.66 40.20 -4.08
CA GLY F 71 -1.41 39.50 -3.06
C GLY F 71 -0.51 38.62 -2.22
N THR F 72 0.51 38.03 -2.85
CA THR F 72 1.47 37.24 -2.10
C THR F 72 2.36 38.11 -1.22
N VAL F 73 2.75 39.29 -1.71
CA VAL F 73 3.58 40.18 -0.91
C VAL F 73 2.85 40.63 0.34
N ILE F 74 1.56 40.95 0.23
CA ILE F 74 0.79 41.47 1.35
C ILE F 74 0.37 40.31 2.26
N GLY F 75 0.63 39.09 1.82
CA GLY F 75 0.35 37.94 2.66
C GLY F 75 1.59 37.48 3.37
N ILE F 76 2.75 37.90 2.86
CA ILE F 76 4.01 37.67 3.54
C ILE F 76 4.36 38.81 4.51
N VAL F 77 3.84 40.01 4.29
CA VAL F 77 4.09 41.13 5.19
C VAL F 77 3.25 41.06 6.46
N ILE F 78 2.15 40.31 6.45
CA ILE F 78 1.31 40.15 7.63
C ILE F 78 1.87 39.11 8.59
N SER F 79 2.40 38.01 8.04
CA SER F 79 3.05 37.01 8.89
C SER F 79 4.27 37.60 9.57
N ALA F 80 5.01 38.46 8.87
CA ALA F 80 6.16 39.13 9.47
C ALA F 80 5.73 40.02 10.63
N THR F 81 4.61 40.74 10.46
CA THR F 81 4.14 41.62 11.51
C THR F 81 3.58 40.85 12.71
N ILE F 82 2.95 39.71 12.49
CA ILE F 82 2.44 38.88 13.58
C ILE F 82 3.58 38.18 14.32
N PHE F 83 4.58 37.70 13.59
CA PHE F 83 5.70 37.00 14.21
C PHE F 83 6.61 37.91 15.01
N GLY F 84 6.79 39.16 14.56
CA GLY F 84 7.59 40.09 15.33
C GLY F 84 6.95 40.46 16.66
N ALA F 85 5.62 40.54 16.68
CA ALA F 85 4.91 40.86 17.93
C ALA F 85 5.05 39.75 18.95
N PHE F 86 5.23 38.51 18.49
CA PHE F 86 5.46 37.37 19.37
C PHE F 86 6.94 37.21 19.72
N ARG F 87 7.78 38.11 19.22
CA ARG F 87 9.22 38.06 19.44
C ARG F 87 9.71 39.03 20.49
N TYR F 88 9.02 40.16 20.65
CA TYR F 88 9.41 41.11 21.70
C TYR F 88 9.07 40.54 23.08
N ASN F 89 7.93 39.88 23.20
CA ASN F 89 7.50 39.30 24.47
C ASN F 89 7.94 37.84 24.57
N ARG F 90 9.18 37.66 25.00
CA ARG F 90 9.78 36.35 25.15
C ARG F 90 10.33 36.17 26.56
N ASN F 91 10.50 34.91 26.95
CA ASN F 91 11.26 34.57 28.14
C ASN F 91 12.70 34.33 27.73
N VAL F 92 13.59 35.24 28.12
CA VAL F 92 15.01 35.17 27.77
C VAL F 92 15.75 34.60 28.99
N PRO F 93 16.30 33.40 28.90
CA PRO F 93 17.07 32.87 30.03
C PRO F 93 18.38 33.61 30.20
N LYS F 94 18.98 33.42 31.37
CA LYS F 94 20.20 34.16 31.72
C LYS F 94 21.36 33.79 30.82
N THR F 95 21.32 32.62 30.18
CA THR F 95 22.45 32.16 29.40
C THR F 95 22.61 32.92 28.08
N MET F 96 21.52 33.38 27.48
CA MET F 96 21.60 34.05 26.18
C MET F 96 21.98 35.52 26.38
N ASN F 97 23.25 35.71 26.71
CA ASN F 97 23.86 37.02 26.86
C ASN F 97 25.30 36.92 26.36
N ARG F 98 25.80 38.00 25.75
CA ARG F 98 27.11 37.92 25.11
C ARG F 98 28.22 37.69 26.12
N GLU F 99 28.13 38.29 27.32
CA GLU F 99 29.14 38.09 28.34
C GLU F 99 29.08 36.70 28.97
N TRP F 100 28.05 35.92 28.67
CA TRP F 100 27.97 34.53 29.10
C TRP F 100 28.42 33.55 28.02
N GLN F 101 28.24 33.89 26.76
CA GLN F 101 28.67 33.05 25.66
C GLN F 101 30.14 33.24 25.33
N ALA F 102 30.78 34.25 25.89
CA ALA F 102 32.23 34.41 25.78
C ALA F 102 32.98 33.72 26.90
N ALA F 103 32.31 33.43 28.02
CA ALA F 103 32.94 32.63 29.06
C ALA F 103 32.99 31.15 28.68
N SER F 104 31.97 30.65 27.98
CA SER F 104 32.00 29.27 27.53
C SER F 104 33.08 29.07 26.47
N ASP F 105 33.41 30.14 25.74
CA ASP F 105 34.49 30.06 24.76
C ASP F 105 35.83 29.74 25.40
N GLU F 106 36.15 30.34 26.55
CA GLU F 106 37.40 30.02 27.22
C GLU F 106 37.44 28.57 27.66
N TYR F 107 36.33 28.06 28.21
CA TYR F 107 36.28 26.66 28.63
C TYR F 107 36.46 25.73 27.44
N LEU F 108 35.82 26.05 26.31
CA LEU F 108 35.94 25.18 25.14
C LEU F 108 37.30 25.34 24.46
N LYS F 109 37.99 26.44 24.73
CA LYS F 109 39.36 26.60 24.23
C LYS F 109 40.33 25.78 25.06
N SER F 110 40.17 25.79 26.39
CA SER F 110 41.09 25.04 27.25
C SER F 110 41.00 23.54 26.98
N LYS F 111 39.79 22.99 27.01
CA LYS F 111 39.53 21.63 26.54
C LYS F 111 39.26 21.73 25.04
N ASN F 112 40.32 21.53 24.25
CA ASN F 112 40.29 21.75 22.81
C ASN F 112 39.11 21.06 22.15
N ALA F 113 38.17 21.84 21.64
CA ALA F 113 36.93 21.33 21.09
C ALA F 113 36.72 21.93 19.71
N GLU F 114 36.31 21.08 18.78
CA GLU F 114 36.22 21.46 17.38
C GLU F 114 37.58 21.95 16.88
N PRO F 115 38.60 21.10 16.86
CA PRO F 115 39.89 21.52 16.29
C PRO F 115 39.76 21.86 14.82
N PHE F 116 38.82 21.17 14.16
CA PHE F 116 38.36 21.50 12.83
C PHE F 116 37.39 22.67 12.93
N THR F 117 36.50 22.79 11.94
CA THR F 117 35.91 24.04 11.45
C THR F 117 35.78 25.20 12.45
N GLY F 118 35.19 24.97 13.61
CA GLY F 118 35.22 26.04 14.60
C GLY F 118 34.33 25.82 15.79
N TYR F 119 34.66 26.53 16.87
CA TYR F 119 33.83 26.65 18.06
C TYR F 119 33.54 28.14 18.28
N SER F 120 32.26 28.46 18.49
CA SER F 120 31.89 29.80 18.90
C SER F 120 30.45 29.80 19.39
N GLN F 121 30.21 30.22 20.63
CA GLN F 121 28.86 30.26 21.17
C GLN F 121 28.27 31.67 21.17
N ILE F 122 28.89 32.60 20.46
CA ILE F 122 28.45 33.99 20.47
C ILE F 122 27.41 34.18 19.37
N GLN F 123 26.16 34.42 19.75
CA GLN F 123 25.11 34.73 18.79
C GLN F 123 24.21 35.84 19.35
N SER F 124 24.76 36.62 20.27
CA SER F 124 24.04 37.72 20.93
C SER F 124 22.71 37.28 21.53
N GLU G 1 6.12 2.58 -37.60
CA GLU G 1 6.61 1.57 -38.53
C GLU G 1 6.36 1.98 -39.97
N GLU G 2 5.78 3.16 -40.15
CA GLU G 2 5.41 3.64 -41.48
C GLU G 2 6.53 4.47 -42.07
N THR G 3 6.73 4.34 -43.37
CA THR G 3 7.73 5.07 -44.11
C THR G 3 7.13 6.38 -44.63
N TYR G 4 8.00 7.24 -45.14
CA TYR G 4 7.57 8.54 -45.65
C TYR G 4 6.59 8.38 -46.82
N GLU G 5 6.89 7.45 -47.73
CA GLU G 5 6.10 7.28 -48.94
C GLU G 5 4.80 6.54 -48.71
N GLU G 6 4.58 5.96 -47.53
CA GLU G 6 3.30 5.41 -47.15
C GLU G 6 2.43 6.41 -46.40
N PHE G 7 3.05 7.20 -45.52
CA PHE G 7 2.40 8.34 -44.89
C PHE G 7 1.84 9.31 -45.94
N SER G 8 2.66 9.66 -46.93
CA SER G 8 2.30 10.64 -47.95
C SER G 8 1.36 10.07 -49.01
N GLN G 9 0.88 8.84 -48.82
CA GLN G 9 -0.15 8.29 -49.70
C GLN G 9 -1.42 8.10 -48.90
N ARG G 10 -1.28 7.60 -47.66
CA ARG G 10 -2.44 7.41 -46.80
C ARG G 10 -3.12 8.73 -46.51
N TYR G 11 -2.35 9.79 -46.23
CA TYR G 11 -3.04 11.04 -45.94
C TYR G 11 -3.56 11.74 -47.19
N GLU G 12 -2.96 11.53 -48.36
CA GLU G 12 -3.61 12.00 -49.58
C GLU G 12 -4.96 11.33 -49.79
N LYS G 13 -5.02 10.00 -49.60
CA LYS G 13 -6.27 9.29 -49.76
C LYS G 13 -7.32 9.78 -48.76
N GLU G 14 -6.91 9.99 -47.50
CA GLU G 14 -7.87 10.46 -46.51
C GLU G 14 -8.34 11.88 -46.81
N PHE G 15 -7.46 12.72 -47.36
CA PHE G 15 -7.88 14.08 -47.69
C PHE G 15 -8.78 14.14 -48.92
N ASP G 16 -8.67 13.19 -49.84
CA ASP G 16 -9.51 13.20 -51.04
C ASP G 16 -10.85 12.50 -50.83
N GLU G 17 -11.28 12.36 -49.57
CA GLU G 17 -12.59 11.79 -49.31
C GLU G 17 -13.35 12.50 -48.20
N ALA G 18 -12.89 13.64 -47.70
CA ALA G 18 -13.61 14.38 -46.68
C ALA G 18 -14.83 15.06 -47.28
N TYR G 19 -15.93 15.04 -46.53
CA TYR G 19 -17.20 15.55 -47.03
C TYR G 19 -17.73 16.78 -46.30
N ASP G 20 -17.14 17.18 -45.18
CA ASP G 20 -17.62 18.31 -44.41
C ASP G 20 -16.41 19.12 -43.95
N LEU G 21 -16.65 20.13 -43.12
CA LEU G 21 -15.59 20.94 -42.53
C LEU G 21 -15.02 20.33 -41.27
N PHE G 22 -15.87 19.67 -40.47
CA PHE G 22 -15.40 18.96 -39.29
C PHE G 22 -14.39 17.90 -39.69
N GLU G 23 -14.66 17.14 -40.75
CA GLU G 23 -13.73 16.10 -41.18
C GLU G 23 -12.44 16.69 -41.71
N VAL G 24 -12.52 17.80 -42.45
CA VAL G 24 -11.30 18.43 -42.96
C VAL G 24 -10.42 18.89 -41.82
N GLN G 25 -11.00 19.58 -40.83
CA GLN G 25 -10.21 20.01 -39.70
C GLN G 25 -9.70 18.87 -38.85
N ARG G 26 -10.46 17.77 -38.75
CA ARG G 26 -9.98 16.59 -38.04
C ARG G 26 -8.78 15.98 -38.72
N VAL G 27 -8.86 15.77 -40.04
CA VAL G 27 -7.74 15.17 -40.75
C VAL G 27 -6.53 16.09 -40.80
N LEU G 28 -6.74 17.40 -40.80
CA LEU G 28 -5.62 18.33 -40.73
C LEU G 28 -5.00 18.38 -39.34
N ASN G 29 -5.80 18.16 -38.30
CA ASN G 29 -5.27 18.19 -36.94
C ASN G 29 -4.37 17.00 -36.62
N ASN G 30 -4.66 15.82 -37.17
CA ASN G 30 -3.84 14.65 -36.91
C ASN G 30 -2.84 14.37 -38.02
N CYS G 31 -2.75 15.24 -39.03
CA CYS G 31 -1.65 15.19 -39.98
C CYS G 31 -0.41 15.88 -39.41
N PHE G 32 -0.60 17.04 -38.79
CA PHE G 32 0.46 17.73 -38.07
C PHE G 32 0.63 17.23 -36.65
N SER G 33 0.76 15.93 -36.44
CA SER G 33 0.92 15.40 -35.09
C SER G 33 1.85 14.19 -35.09
N TYR G 34 2.72 14.09 -36.08
CA TYR G 34 3.69 13.01 -36.21
C TYR G 34 5.09 13.63 -36.18
N ASP G 35 6.09 12.79 -36.37
CA ASP G 35 7.47 13.25 -36.49
C ASP G 35 7.83 13.63 -37.92
N ILE G 36 6.99 13.29 -38.89
CA ILE G 36 7.24 13.58 -40.29
C ILE G 36 6.49 14.87 -40.64
N VAL G 37 7.20 15.82 -41.22
CA VAL G 37 6.47 16.99 -41.76
C VAL G 37 5.71 16.55 -43.01
N PRO G 38 4.46 16.97 -43.19
CA PRO G 38 3.74 16.60 -44.41
C PRO G 38 4.45 17.09 -45.66
N SER G 39 4.41 16.27 -46.70
CA SER G 39 5.11 16.55 -47.94
C SER G 39 4.40 17.68 -48.69
N PRO G 40 5.09 18.30 -49.64
CA PRO G 40 4.46 19.38 -50.41
C PRO G 40 3.24 18.95 -51.20
N ALA G 41 3.14 17.67 -51.57
CA ALA G 41 2.00 17.20 -52.33
C ALA G 41 0.76 17.03 -51.46
N VAL G 42 0.94 16.61 -50.21
CA VAL G 42 -0.20 16.39 -49.32
C VAL G 42 -0.91 17.71 -49.03
N ILE G 43 -0.13 18.77 -48.77
CA ILE G 43 -0.72 20.08 -48.54
C ILE G 43 -1.45 20.61 -49.77
N GLY G 44 -1.05 20.20 -50.96
CA GLY G 44 -1.78 20.56 -52.16
C GLY G 44 -3.15 19.94 -52.19
N LYS G 45 -3.27 18.72 -51.64
CA LYS G 45 -4.57 18.08 -51.53
C LYS G 45 -5.41 18.71 -50.42
N ALA G 46 -4.77 19.12 -49.33
CA ALA G 46 -5.49 19.74 -48.22
C ALA G 46 -6.16 21.04 -48.66
N LEU G 47 -5.49 21.84 -49.47
CA LEU G 47 -6.08 23.08 -49.95
C LEU G 47 -7.26 22.85 -50.88
N ASN G 48 -7.19 21.84 -51.76
CA ASN G 48 -8.34 21.51 -52.58
C ASN G 48 -9.50 21.00 -51.74
N ALA G 49 -9.22 20.23 -50.69
CA ALA G 49 -10.28 19.80 -49.79
C ALA G 49 -10.92 21.01 -49.09
N CYS G 50 -10.11 21.97 -48.67
CA CYS G 50 -10.64 23.20 -48.07
C CYS G 50 -11.44 24.04 -49.07
N ARG G 51 -11.10 23.96 -50.35
CA ARG G 51 -11.87 24.64 -51.39
C ARG G 51 -13.20 23.97 -51.69
N ARG G 52 -13.27 22.63 -51.65
CA ARG G 52 -14.56 21.96 -51.83
C ARG G 52 -15.50 22.28 -50.68
N VAL G 53 -14.97 22.34 -49.46
CA VAL G 53 -15.79 22.61 -48.28
C VAL G 53 -16.14 24.09 -48.16
N ASN G 54 -15.54 24.95 -48.99
CA ASN G 54 -15.80 26.38 -48.96
C ASN G 54 -15.40 27.02 -47.63
N ASP G 55 -14.11 26.97 -47.30
CA ASP G 55 -13.61 27.61 -46.10
C ASP G 55 -12.34 28.39 -46.44
N TYR G 56 -12.24 29.61 -45.91
CA TYR G 56 -11.10 30.48 -46.16
C TYR G 56 -10.12 30.53 -45.00
N ALA G 57 -10.63 30.54 -43.76
CA ALA G 57 -9.75 30.62 -42.60
C ALA G 57 -8.85 29.39 -42.48
N THR G 58 -9.40 28.21 -42.77
CA THR G 58 -8.60 26.99 -42.69
C THR G 58 -7.49 26.95 -43.72
N ALA G 59 -7.71 27.51 -44.91
CA ALA G 59 -6.68 27.55 -45.92
C ALA G 59 -5.57 28.53 -45.58
N VAL G 60 -5.82 29.47 -44.68
CA VAL G 60 -4.77 30.39 -44.25
C VAL G 60 -4.07 29.89 -42.99
N ARG G 61 -4.78 29.17 -42.12
CA ARG G 61 -4.15 28.63 -40.92
C ARG G 61 -3.25 27.44 -41.25
N VAL G 62 -3.46 26.79 -42.40
CA VAL G 62 -2.61 25.67 -42.79
C VAL G 62 -1.18 26.14 -43.01
N PHE G 63 -1.01 27.27 -43.69
CA PHE G 63 0.33 27.80 -43.92
C PHE G 63 1.01 28.26 -42.64
N GLU G 64 0.24 28.67 -41.65
CA GLU G 64 0.80 29.13 -40.38
C GLU G 64 1.25 27.97 -39.49
N GLY G 65 0.83 26.75 -39.79
CA GLY G 65 1.28 25.60 -39.05
C GLY G 65 2.60 25.09 -39.58
N LEU G 66 2.84 25.31 -40.87
CA LEU G 66 4.15 24.97 -41.44
C LEU G 66 5.25 25.83 -40.85
N LYS G 67 4.92 27.07 -40.50
CA LYS G 67 5.91 27.96 -39.90
C LYS G 67 6.36 27.49 -38.52
N HIS G 68 5.54 26.69 -37.84
CA HIS G 68 5.89 26.15 -36.53
C HIS G 68 6.42 24.73 -36.59
N LYS G 69 5.95 23.94 -37.56
CA LYS G 69 6.44 22.56 -37.69
C LYS G 69 7.87 22.52 -38.21
N VAL G 70 8.19 23.36 -39.17
CA VAL G 70 9.53 23.38 -39.75
C VAL G 70 10.55 23.84 -38.72
N GLU G 71 11.76 23.28 -38.81
CA GLU G 71 12.85 23.59 -37.89
C GLU G 71 13.42 24.99 -38.09
N THR G 72 13.67 25.39 -39.34
CA THR G 72 14.31 26.67 -39.61
C THR G 72 13.45 27.53 -40.53
N LYS G 73 13.99 28.67 -40.96
CA LYS G 73 13.28 29.55 -41.87
C LYS G 73 13.54 29.28 -43.34
N GLU G 74 14.68 28.69 -43.69
CA GLU G 74 14.95 28.41 -45.10
C GLU G 74 14.01 27.34 -45.64
N GLN G 75 13.66 26.35 -44.81
CA GLN G 75 12.71 25.33 -45.24
C GLN G 75 11.32 25.94 -45.47
N TYR G 76 10.90 26.87 -44.62
CA TYR G 76 9.63 27.56 -44.81
C TYR G 76 9.63 28.34 -46.12
N ASP G 77 10.73 29.03 -46.42
CA ASP G 77 10.83 29.77 -47.67
C ASP G 77 11.00 28.86 -48.88
N ALA G 78 11.38 27.61 -48.67
CA ALA G 78 11.42 26.64 -49.76
C ALA G 78 10.07 25.98 -49.99
N TYR G 79 9.22 25.91 -48.98
CA TYR G 79 7.86 25.43 -49.15
C TYR G 79 7.02 26.42 -49.94
N LEU G 80 7.29 27.71 -49.79
CA LEU G 80 6.46 28.76 -50.37
C LEU G 80 6.81 29.07 -51.82
N GLU G 81 7.92 28.54 -52.33
CA GLU G 81 8.27 28.71 -53.74
C GLU G 81 7.83 27.55 -54.60
N GLU G 82 7.35 26.47 -54.00
CA GLU G 82 6.74 25.36 -54.72
C GLU G 82 5.24 25.27 -54.51
N LEU G 83 4.74 25.75 -53.37
CA LEU G 83 3.31 25.94 -53.17
C LEU G 83 2.92 27.39 -53.48
N LYS G 84 3.22 27.82 -54.69
CA LYS G 84 2.94 29.19 -55.10
C LYS G 84 1.88 29.29 -56.18
N ASP G 85 1.90 28.41 -57.19
CA ASP G 85 0.83 28.41 -58.18
C ASP G 85 -0.49 27.97 -57.58
N VAL G 86 -0.46 27.11 -56.57
CA VAL G 86 -1.68 26.70 -55.89
C VAL G 86 -2.32 27.87 -55.17
N ARG G 87 -1.51 28.79 -54.65
CA ARG G 87 -2.06 29.94 -53.93
C ARG G 87 -2.62 30.98 -54.88
N GLU G 88 -1.86 31.33 -55.92
CA GLU G 88 -2.27 32.38 -56.84
C GLU G 88 -3.38 31.95 -57.78
N GLU G 89 -3.81 30.69 -57.76
CA GLU G 89 -4.97 30.23 -58.50
C GLU G 89 -6.20 30.09 -57.60
N LEU G 90 -6.03 29.43 -56.44
CA LEU G 90 -7.10 29.39 -55.47
C LEU G 90 -7.39 30.78 -54.90
N GLY G 91 -6.35 31.55 -54.60
CA GLY G 91 -6.49 32.89 -54.07
C GLY G 91 -6.10 33.07 -52.62
N ILE G 92 -5.46 32.09 -52.00
CA ILE G 92 -5.15 32.15 -50.57
C ILE G 92 -4.11 33.23 -50.32
N ASP G 93 -4.29 33.98 -49.24
CA ASP G 93 -3.35 35.01 -48.80
C ASP G 93 -2.76 34.61 -47.46
N LEU G 94 -1.45 34.72 -47.33
CA LEU G 94 -0.79 34.39 -46.07
C LEU G 94 -1.13 35.44 -45.01
N LYS G 95 -0.97 35.05 -43.75
CA LYS G 95 -1.34 35.93 -42.66
C LYS G 95 -0.45 37.18 -42.60
N GLU G 96 0.80 37.07 -43.03
CA GLU G 96 1.71 38.21 -42.98
C GLU G 96 1.48 39.21 -44.11
N GLU G 97 0.58 38.91 -45.04
CA GLU G 97 0.14 39.88 -46.03
C GLU G 97 -1.21 40.51 -45.70
N LEU G 98 -2.00 39.89 -44.82
CA LEU G 98 -3.25 40.46 -44.35
C LEU G 98 -3.08 41.33 -43.11
N PHE G 99 -2.22 40.92 -42.19
CA PHE G 99 -2.05 41.60 -40.92
C PHE G 99 -3.37 41.60 -40.13
N PRO G 100 -3.92 40.42 -39.83
CA PRO G 100 -5.25 40.35 -39.22
C PRO G 100 -5.28 40.89 -37.79
N THR H 1 -52.93 -19.52 6.59
CA THR H 1 -53.40 -20.86 6.24
C THR H 1 -52.36 -21.90 6.60
N ALA H 2 -51.91 -22.65 5.60
CA ALA H 2 -50.88 -23.66 5.80
C ALA H 2 -49.54 -23.01 6.07
N THR H 3 -48.49 -23.82 6.21
CA THR H 3 -47.15 -23.30 6.48
C THR H 3 -46.60 -22.47 5.32
N GLU H 4 -47.20 -22.56 4.14
CA GLU H 4 -46.84 -21.72 3.00
C GLU H 4 -47.64 -20.42 3.02
N LYS H 5 -47.30 -19.56 3.98
CA LYS H 5 -47.69 -18.16 3.95
C LYS H 5 -46.78 -17.33 3.08
N ILE H 6 -45.78 -17.95 2.46
CA ILE H 6 -44.77 -17.24 1.69
C ILE H 6 -45.40 -16.61 0.47
N ILE H 7 -46.54 -17.15 0.03
CA ILE H 7 -47.20 -16.65 -1.17
C ILE H 7 -48.29 -15.69 -0.71
N GLU H 8 -48.24 -15.33 0.58
CA GLU H 8 -49.15 -14.34 1.15
C GLU H 8 -48.44 -13.15 1.76
N LEU H 9 -47.19 -13.31 2.22
CA LEU H 9 -46.39 -12.19 2.67
C LEU H 9 -45.56 -11.56 1.57
N GLN H 10 -45.52 -12.19 0.39
CA GLN H 10 -44.92 -11.59 -0.79
C GLN H 10 -45.87 -10.67 -1.54
N LYS H 11 -47.17 -10.79 -1.30
CA LYS H 11 -48.15 -9.83 -1.78
C LYS H 11 -48.36 -8.69 -0.81
N PHE H 12 -47.73 -8.76 0.36
CA PHE H 12 -47.84 -7.74 1.39
C PHE H 12 -46.65 -6.81 1.43
N TYR H 13 -45.43 -7.35 1.38
CA TYR H 13 -44.24 -6.50 1.43
C TYR H 13 -44.10 -5.67 0.16
N GLN H 14 -44.60 -6.18 -0.96
CA GLN H 14 -44.88 -5.36 -2.13
C GLN H 14 -46.27 -4.78 -1.95
N SER H 15 -46.47 -3.55 -2.40
CA SER H 15 -47.70 -2.81 -2.11
C SER H 15 -47.86 -2.61 -0.62
N THR H 16 -46.92 -1.91 0.02
CA THR H 16 -46.94 -1.72 1.45
C THR H 16 -47.18 -0.26 1.83
N ASN H 17 -46.43 0.65 1.21
CA ASN H 17 -46.46 2.10 1.43
C ASN H 17 -45.74 2.50 2.72
N LYS H 18 -45.12 1.58 3.43
CA LYS H 18 -44.36 1.86 4.64
C LYS H 18 -42.95 1.27 4.51
N PRO H 19 -42.01 1.75 5.31
CA PRO H 19 -40.67 1.16 5.31
C PRO H 19 -40.72 -0.30 5.75
N ILE H 20 -39.78 -1.08 5.23
CA ILE H 20 -39.76 -2.53 5.45
C ILE H 20 -39.63 -2.91 6.91
N TYR H 21 -39.02 -2.07 7.74
CA TYR H 21 -38.80 -2.37 9.15
C TYR H 21 -39.98 -1.98 10.02
N ALA H 22 -41.01 -1.39 9.43
CA ALA H 22 -42.18 -0.98 10.21
C ALA H 22 -43.47 -1.29 9.46
N ALA H 23 -43.47 -2.36 8.68
CA ALA H 23 -44.63 -2.75 7.88
C ALA H 23 -45.49 -3.81 8.54
N HIS H 24 -44.88 -4.84 9.11
CA HIS H 24 -45.63 -5.91 9.74
C HIS H 24 -46.33 -5.39 11.00
N PRO H 25 -47.44 -6.02 11.40
CA PRO H 25 -48.06 -5.65 12.68
C PRO H 25 -47.41 -6.36 13.85
N ARG H 26 -46.07 -6.38 13.85
CA ARG H 26 -45.28 -6.92 14.95
C ARG H 26 -44.04 -6.10 15.24
N SER H 27 -43.65 -5.17 14.37
CA SER H 27 -42.40 -4.45 14.53
C SER H 27 -42.42 -3.49 15.70
N LYS H 28 -43.60 -3.19 16.25
CA LYS H 28 -43.67 -2.32 17.42
C LYS H 28 -42.91 -2.91 18.60
N TYR H 29 -43.10 -4.20 18.84
CA TYR H 29 -42.52 -4.83 20.02
C TYR H 29 -41.00 -4.88 19.93
N TYR H 30 -40.44 -4.87 18.72
CA TYR H 30 -39.00 -4.80 18.55
C TYR H 30 -38.48 -3.37 18.55
N LEU H 31 -39.25 -2.43 18.00
CA LEU H 31 -38.75 -1.09 17.73
C LEU H 31 -38.98 -0.10 18.86
N ILE H 32 -39.94 -0.33 19.75
CA ILE H 32 -40.17 0.62 20.83
C ILE H 32 -39.11 0.43 21.91
N PRO H 33 -38.90 -0.80 22.44
CA PRO H 33 -37.85 -0.98 23.45
C PRO H 33 -36.45 -0.60 22.97
N TYR H 34 -36.13 -0.88 21.70
CA TYR H 34 -34.79 -0.60 21.20
C TYR H 34 -34.52 0.90 21.16
N PHE H 35 -35.42 1.67 20.55
CA PHE H 35 -35.23 3.11 20.48
C PHE H 35 -35.46 3.78 21.82
N GLY H 36 -36.11 3.10 22.76
CA GLY H 36 -36.26 3.64 24.09
C GLY H 36 -35.00 3.49 24.93
N LEU H 37 -34.40 2.31 24.89
CA LEU H 37 -33.18 2.05 25.65
C LEU H 37 -31.95 2.67 25.02
N LEU H 38 -31.91 2.86 23.70
CA LEU H 38 -30.77 3.50 23.09
C LEU H 38 -30.62 4.95 23.54
N GLY H 39 -31.73 5.67 23.69
CA GLY H 39 -31.67 7.04 24.17
C GLY H 39 -31.38 7.18 25.64
N VAL H 40 -31.44 6.09 26.39
CA VAL H 40 -30.98 6.09 27.77
C VAL H 40 -29.49 5.76 27.84
N SER H 41 -29.06 4.77 27.05
CA SER H 41 -27.64 4.42 27.00
C SER H 41 -26.80 5.60 26.49
N VAL H 42 -27.26 6.27 25.44
CA VAL H 42 -26.51 7.41 24.90
C VAL H 42 -26.62 8.64 25.76
N ALA H 43 -27.61 8.71 26.66
CA ALA H 43 -27.72 9.81 27.60
C ALA H 43 -27.07 9.52 28.94
N ALA H 44 -26.59 8.30 29.16
CA ALA H 44 -25.82 7.98 30.35
C ALA H 44 -24.31 7.96 30.12
N THR H 45 -23.87 7.77 28.88
CA THR H 45 -22.46 7.86 28.55
C THR H 45 -22.02 9.27 28.22
N LEU H 46 -22.95 10.23 28.21
CA LEU H 46 -22.62 11.63 28.07
C LEU H 46 -22.80 12.39 29.37
N PHE H 47 -23.29 11.72 30.42
CA PHE H 47 -23.34 12.29 31.77
C PHE H 47 -22.11 11.92 32.58
N TYR H 48 -21.50 10.77 32.31
CA TYR H 48 -20.30 10.32 32.99
C TYR H 48 -19.03 10.72 32.28
N THR H 49 -19.12 11.13 31.01
CA THR H 49 -17.97 11.63 30.27
C THR H 49 -17.85 13.15 30.31
N GLY H 50 -18.78 13.81 30.99
CA GLY H 50 -18.66 15.23 31.28
C GLY H 50 -18.44 15.42 32.76
N ARG H 51 -18.95 14.45 33.52
CA ARG H 51 -18.74 14.40 34.96
C ARG H 51 -17.34 13.91 35.33
N ALA H 52 -16.63 13.28 34.40
CA ALA H 52 -15.25 12.88 34.60
C ALA H 52 -14.28 13.99 34.26
N CYS H 53 -14.65 14.87 33.33
CA CYS H 53 -13.80 16.01 32.98
C CYS H 53 -13.66 16.99 34.14
N PHE H 54 -14.60 16.98 35.08
CA PHE H 54 -14.53 17.83 36.27
C PHE H 54 -13.87 17.14 37.45
N GLY H 55 -13.48 15.88 37.32
CA GLY H 55 -12.79 15.18 38.37
C GLY H 55 -13.67 14.45 39.36
N ILE H 56 -14.98 14.37 39.10
CA ILE H 56 -15.90 13.73 40.03
C ILE H 56 -15.83 12.21 39.84
N LYS H 57 -15.77 11.48 40.95
CA LYS H 57 -15.74 10.03 40.95
C LYS H 57 -16.91 9.50 41.78
N ASP H 58 -17.10 8.18 41.71
CA ASP H 58 -18.18 7.52 42.45
C ASP H 58 -17.61 6.60 43.52
N ASP I 1 -35.74 18.60 -8.28
CA ASP I 1 -35.06 19.79 -7.81
C ASP I 1 -33.56 19.70 -8.05
N VAL I 2 -33.18 18.87 -9.02
CA VAL I 2 -31.77 18.75 -9.38
C VAL I 2 -31.26 20.08 -9.90
N GLY I 3 -30.07 20.48 -9.46
CA GLY I 3 -29.51 21.75 -9.83
C GLY I 3 -28.21 22.06 -9.11
N PRO I 4 -27.77 23.31 -9.16
CA PRO I 4 -26.44 23.63 -8.62
C PRO I 4 -26.36 23.66 -7.10
N TYR I 5 -27.45 23.97 -6.39
CA TYR I 5 -27.43 24.02 -4.93
C TYR I 5 -28.36 22.94 -4.37
N SER I 6 -28.43 21.79 -5.04
CA SER I 6 -29.34 20.73 -4.67
C SER I 6 -28.70 19.56 -3.94
N ASN I 7 -27.38 19.39 -4.03
CA ASN I 7 -26.71 18.27 -3.40
C ASN I 7 -25.97 18.65 -2.12
N LEU I 8 -26.24 19.81 -1.56
CA LEU I 8 -25.50 20.28 -0.39
C LEU I 8 -26.37 20.21 0.86
N PRO I 9 -25.82 19.71 1.97
CA PRO I 9 -26.64 19.51 3.18
C PRO I 9 -27.09 20.81 3.84
N PHE I 10 -26.59 21.96 3.42
CA PHE I 10 -26.92 23.24 4.04
C PHE I 10 -27.45 24.21 2.99
N LYS I 11 -28.27 25.15 3.45
CA LYS I 11 -28.90 26.13 2.57
C LYS I 11 -28.01 27.35 2.42
N VAL I 12 -27.92 27.86 1.20
CA VAL I 12 -27.01 28.95 0.90
C VAL I 12 -27.72 30.23 0.46
N LYS I 13 -28.93 30.16 -0.06
CA LYS I 13 -29.63 31.34 -0.55
C LYS I 13 -31.08 31.31 -0.11
N ASN I 14 -31.72 32.47 -0.12
CA ASN I 14 -33.07 32.62 0.41
C ASN I 14 -33.10 32.20 1.86
N ARG I 15 -32.37 32.93 2.71
CA ARG I 15 -32.11 32.51 4.07
C ARG I 15 -32.22 33.72 4.99
N ARG I 16 -32.74 33.50 6.20
CA ARG I 16 -32.97 34.61 7.12
C ARG I 16 -31.65 35.23 7.58
N VAL I 17 -30.82 34.44 8.24
CA VAL I 17 -29.49 34.87 8.63
C VAL I 17 -28.55 34.68 7.45
N PRO I 18 -27.69 35.67 7.14
CA PRO I 18 -26.76 35.50 6.03
C PRO I 18 -25.80 34.33 6.26
N TYR I 19 -25.34 33.74 5.15
CA TYR I 19 -24.54 32.51 5.23
C TYR I 19 -23.16 32.76 5.84
N ALA I 20 -22.73 34.02 5.92
CA ALA I 20 -21.40 34.32 6.40
C ALA I 20 -21.22 33.88 7.86
N VAL I 21 -22.25 34.05 8.68
CA VAL I 21 -22.18 33.65 10.09
C VAL I 21 -21.97 32.14 10.20
N PRO I 22 -22.80 31.32 9.54
CA PRO I 22 -22.55 29.87 9.58
C PRO I 22 -21.22 29.45 9.00
N HIS I 23 -20.73 30.16 7.97
CA HIS I 23 -19.46 29.79 7.38
C HIS I 23 -18.30 30.11 8.34
N PHE I 24 -18.37 31.27 8.99
CA PHE I 24 -17.27 31.70 9.85
C PHE I 24 -17.25 30.94 11.17
N LEU I 25 -18.42 30.61 11.72
CA LEU I 25 -18.48 29.92 13.00
C LEU I 25 -17.83 28.55 12.93
N PHE I 26 -18.01 27.86 11.80
CA PHE I 26 -17.42 26.55 11.60
C PHE I 26 -15.90 26.61 11.77
N PHE I 27 -15.25 27.52 11.03
CA PHE I 27 -13.80 27.63 11.10
C PHE I 27 -13.34 28.17 12.45
N ALA I 28 -14.11 29.08 13.04
CA ALA I 28 -13.75 29.62 14.35
C ALA I 28 -13.73 28.52 15.40
N ILE I 29 -14.76 27.68 15.43
CA ILE I 29 -14.80 26.59 16.39
C ILE I 29 -13.69 25.59 16.11
N GLY I 30 -13.46 25.29 14.82
CA GLY I 30 -12.43 24.34 14.46
C GLY I 30 -11.04 24.79 14.89
N MET I 31 -10.78 26.10 14.80
CA MET I 31 -9.48 26.64 15.18
C MET I 31 -9.44 27.12 16.62
N GLY I 32 -10.54 27.00 17.36
CA GLY I 32 -10.51 27.39 18.76
C GLY I 32 -10.61 26.24 19.73
N ILE I 33 -11.10 25.09 19.27
CA ILE I 33 -11.15 23.91 20.15
C ILE I 33 -9.78 23.51 20.68
N PRO I 34 -8.71 23.47 19.87
CA PRO I 34 -7.40 23.04 20.40
C PRO I 34 -6.80 23.96 21.46
N PHE I 35 -7.37 25.14 21.70
CA PHE I 35 -6.91 26.02 22.78
C PHE I 35 -7.62 25.78 24.09
N PHE I 36 -8.89 25.36 24.05
CA PHE I 36 -9.64 25.11 25.28
C PHE I 36 -9.05 23.96 26.07
N ALA I 37 -8.59 22.90 25.37
CA ALA I 37 -7.96 21.78 26.07
C ALA I 37 -6.70 22.22 26.78
N CYS I 38 -5.87 23.03 26.12
CA CYS I 38 -4.66 23.54 26.76
C CYS I 38 -5.00 24.39 27.96
N TYR I 39 -6.03 25.23 27.86
CA TYR I 39 -6.46 26.05 28.99
C TYR I 39 -6.89 25.18 30.16
N VAL I 40 -7.71 24.15 29.89
CA VAL I 40 -8.20 23.28 30.96
C VAL I 40 -7.05 22.57 31.65
N GLN I 41 -6.14 22.00 30.88
CA GLN I 41 -5.06 21.24 31.51
C GLN I 41 -4.05 22.14 32.18
N LEU I 42 -3.87 23.38 31.70
CA LEU I 42 -2.98 24.29 32.40
C LEU I 42 -3.58 24.74 33.73
N LYS I 43 -4.88 25.02 33.75
CA LYS I 43 -5.54 25.43 34.98
C LYS I 43 -5.76 24.28 35.93
N ARG I 44 -5.65 23.04 35.48
CA ARG I 44 -5.79 21.88 36.35
C ARG I 44 -4.50 21.54 37.08
N SER I 45 -3.38 22.16 36.72
CA SER I 45 -2.09 21.80 37.27
C SER I 45 -1.31 23.02 37.77
N GLY I 46 -1.96 23.90 38.52
CA GLY I 46 -1.25 24.97 39.19
C GLY I 46 -0.97 26.19 38.33
N SER I 47 -0.31 25.98 37.20
CA SER I 47 0.06 27.07 36.30
C SER I 47 -1.17 27.83 35.83
N ILE I 48 -1.02 29.13 35.59
CA ILE I 48 -2.12 30.01 35.20
C ILE I 48 -2.86 29.47 33.98
N SER J 1 16.57 17.13 -49.89
CA SER J 1 16.44 18.56 -50.11
C SER J 1 15.89 19.26 -48.88
N LEU J 2 15.46 20.51 -49.06
CA LEU J 2 14.91 21.31 -47.97
C LEU J 2 13.42 21.07 -47.76
N THR J 3 12.82 20.14 -48.52
CA THR J 3 11.40 19.82 -48.38
C THR J 3 11.18 18.38 -47.97
N ARG J 4 12.11 17.79 -47.20
CA ARG J 4 12.00 16.41 -46.75
C ARG J 4 12.57 16.34 -45.34
N ILE J 5 11.69 16.48 -44.35
CA ILE J 5 12.07 16.44 -42.93
C ILE J 5 11.37 15.26 -42.29
N GLN J 6 12.15 14.37 -41.69
CA GLN J 6 11.62 13.10 -41.21
C GLN J 6 11.71 12.93 -39.71
N GLY J 7 12.88 13.14 -39.12
CA GLY J 7 13.03 12.97 -37.69
C GLY J 7 13.57 14.21 -37.00
N SER J 8 12.80 14.79 -36.08
CA SER J 8 13.25 15.98 -35.38
C SER J 8 13.17 15.81 -33.88
N VAL J 9 12.14 15.10 -33.40
CA VAL J 9 11.97 14.96 -31.96
C VAL J 9 13.02 14.02 -31.35
N LYS J 10 13.45 13.01 -32.11
CA LYS J 10 14.44 12.07 -31.59
C LYS J 10 15.77 12.76 -31.30
N ARG J 11 16.20 13.64 -32.21
CA ARG J 11 17.44 14.37 -31.97
C ARG J 11 17.29 15.30 -30.78
N ARG J 12 16.10 15.89 -30.60
CA ARG J 12 15.86 16.71 -29.41
C ARG J 12 16.01 15.89 -28.14
N ILE J 13 15.44 14.68 -28.14
CA ILE J 13 15.55 13.82 -26.94
C ILE J 13 17.00 13.46 -26.67
N LEU J 14 17.75 13.13 -27.73
CA LEU J 14 19.14 12.75 -27.52
C LEU J 14 20.00 13.93 -27.09
N THR J 15 19.71 15.15 -27.56
CA THR J 15 20.49 16.30 -27.13
C THR J 15 20.06 16.79 -25.74
N ASP J 16 18.86 16.44 -25.29
CA ASP J 16 18.42 16.83 -23.97
C ASP J 16 18.75 15.80 -22.90
N ILE J 17 18.98 14.54 -23.27
CA ILE J 17 19.46 13.55 -22.32
C ILE J 17 20.98 13.52 -22.23
N SER J 18 21.68 14.07 -23.22
CA SER J 18 23.13 14.15 -23.22
C SER J 18 23.64 15.47 -22.65
N VAL J 19 22.74 16.34 -22.20
CA VAL J 19 23.11 17.56 -21.52
C VAL J 19 22.60 17.61 -20.09
N GLY J 20 21.62 16.79 -19.74
CA GLY J 20 21.16 16.70 -18.37
C GLY J 20 22.05 15.81 -17.54
N LEU J 21 22.93 15.07 -18.21
CA LEU J 21 23.91 14.22 -17.55
C LEU J 21 25.28 14.88 -17.41
N THR J 22 25.69 15.66 -18.40
CA THR J 22 26.93 16.43 -18.26
C THR J 22 26.81 17.43 -17.12
N LEU J 23 25.66 18.11 -17.03
CA LEU J 23 25.44 19.05 -15.92
C LEU J 23 25.40 18.31 -14.58
N GLY J 24 24.76 17.15 -14.55
CA GLY J 24 24.69 16.39 -13.31
C GLY J 24 26.06 15.93 -12.85
N PHE J 25 26.89 15.49 -13.79
CA PHE J 25 28.23 15.06 -13.44
C PHE J 25 29.14 16.23 -13.09
N GLY J 26 28.89 17.40 -13.66
CA GLY J 26 29.64 18.58 -13.27
C GLY J 26 29.33 19.02 -11.85
N PHE J 27 28.06 18.98 -11.46
CA PHE J 27 27.63 19.37 -10.13
C PHE J 27 27.84 18.28 -9.09
N ALA J 28 28.29 17.09 -9.52
CA ALA J 28 28.62 16.02 -8.60
C ALA J 28 30.12 15.78 -8.47
N SER J 29 30.92 16.24 -9.42
CA SER J 29 32.37 16.21 -9.30
C SER J 29 32.89 17.46 -8.61
N TYR J 30 32.01 18.34 -8.16
CA TYR J 30 32.37 19.45 -7.28
C TYR J 30 32.11 19.13 -5.82
N TRP J 31 31.22 18.18 -5.54
CA TRP J 31 30.97 17.69 -4.19
C TRP J 31 32.06 16.75 -3.69
N TRP J 32 32.81 16.11 -4.60
CA TRP J 32 33.78 15.10 -4.21
C TRP J 32 35.21 15.58 -4.42
N TRP J 33 35.39 16.66 -5.17
CA TRP J 33 36.74 17.23 -5.29
C TRP J 33 36.79 18.69 -4.85
N GLY J 34 35.73 19.24 -4.27
CA GLY J 34 35.78 20.60 -3.77
C GLY J 34 35.14 20.79 -2.42
N VAL J 35 34.48 19.75 -1.90
CA VAL J 35 33.81 19.85 -0.61
C VAL J 35 34.24 18.70 0.30
N HIS J 36 34.69 17.60 -0.29
CA HIS J 36 34.98 16.38 0.46
C HIS J 36 36.47 16.17 0.69
N LYS J 37 37.25 16.15 -0.39
CA LYS J 37 38.67 15.80 -0.26
C LYS J 37 39.46 16.79 0.58
N PRO J 38 39.35 18.11 0.38
CA PRO J 38 40.10 19.04 1.25
C PRO J 38 39.75 18.93 2.72
N THR J 39 38.51 18.59 3.06
CA THR J 39 38.17 18.35 4.47
C THR J 39 38.95 17.18 5.05
N VAL J 40 39.04 16.07 4.30
CA VAL J 40 39.81 14.93 4.77
C VAL J 40 41.29 15.29 4.87
N ALA J 41 41.79 16.09 3.93
CA ALA J 41 43.17 16.51 3.99
C ALA J 41 43.46 17.33 5.24
N HIS J 42 42.56 18.28 5.56
CA HIS J 42 42.73 19.09 6.76
C HIS J 42 42.67 18.21 8.02
N ARG J 43 41.74 17.26 8.04
CA ARG J 43 41.63 16.35 9.17
C ARG J 43 42.90 15.54 9.37
N GLU J 44 43.50 15.05 8.28
CA GLU J 44 44.71 14.25 8.41
C GLU J 44 45.90 15.10 8.81
N ASN J 45 46.05 16.29 8.22
CA ASN J 45 47.16 17.15 8.62
C ASN J 45 47.05 17.61 10.07
N TYR J 46 45.83 17.72 10.60
CA TYR J 46 45.73 18.01 12.03
C TYR J 46 46.23 16.86 12.88
N TYR J 47 45.98 15.62 12.47
CA TYR J 47 46.42 14.46 13.24
C TYR J 47 47.89 14.12 13.02
N ILE J 48 48.52 14.66 11.98
CA ILE J 48 49.93 14.38 11.71
C ILE J 48 50.75 15.46 12.40
N GLU J 49 50.08 16.37 13.08
CA GLU J 49 50.76 17.36 13.92
C GLU J 49 50.46 17.22 15.41
N LEU J 50 49.34 16.62 15.80
CA LEU J 50 49.08 16.32 17.20
C LEU J 50 49.98 15.22 17.74
N ALA J 51 50.59 14.41 16.87
CA ALA J 51 51.45 13.32 17.29
C ALA J 51 52.90 13.77 17.40
N LYS J 52 53.32 14.70 16.54
CA LYS J 52 54.70 15.18 16.60
C LYS J 52 54.99 15.92 17.89
N LYS J 53 54.02 16.69 18.40
CA LYS J 53 54.18 17.36 19.67
C LYS J 53 54.34 16.36 20.80
N LYS J 54 53.50 15.31 20.79
CA LYS J 54 53.61 14.28 21.83
C LYS J 54 54.95 13.56 21.74
N LYS J 55 55.45 13.34 20.52
CA LYS J 55 56.76 12.72 20.37
C LYS J 55 57.85 13.59 20.96
N ALA J 56 57.74 14.91 20.79
CA ALA J 56 58.71 15.85 21.37
C ALA J 56 58.33 16.21 22.79
#